data_1WJL
#
_entry.id   1WJL
#
_entity_poly.entity_id   1
_entity_poly.type   'polypeptide(L)'
_entity_poly.pdbx_seq_one_letter_code
;GSSGSSGMSYSVTLTGPGPWGFRLQGGKDFNMPLTISRITPGSKAAQSQLSQGDLVVAIDGVNTDTMTHLEAQNKIKSAS
YNLSLTLQKS
;
_entity_poly.pdbx_strand_id   A
#
# COMPACT_ATOMS: atom_id res chain seq x y z
N GLY A 1 -17.12 7.70 -19.39
CA GLY A 1 -16.17 7.15 -20.36
C GLY A 1 -15.23 6.15 -19.68
N SER A 2 -14.02 6.07 -20.22
CA SER A 2 -13.03 5.16 -19.68
C SER A 2 -11.63 5.71 -19.96
N SER A 3 -11.00 6.20 -18.90
CA SER A 3 -9.66 6.75 -19.02
C SER A 3 -9.20 7.28 -17.65
N GLY A 4 -8.07 6.76 -17.20
CA GLY A 4 -7.50 7.17 -15.93
C GLY A 4 -6.13 7.81 -16.11
N SER A 5 -5.92 8.89 -15.38
CA SER A 5 -4.65 9.60 -15.45
C SER A 5 -3.68 9.07 -14.39
N SER A 6 -2.41 9.10 -14.73
CA SER A 6 -1.37 8.62 -13.82
C SER A 6 -0.25 9.65 -13.73
N GLY A 7 0.55 9.51 -12.68
CA GLY A 7 1.67 10.42 -12.47
C GLY A 7 2.99 9.65 -12.36
N MET A 8 2.94 8.55 -11.60
CA MET A 8 4.11 7.72 -11.42
C MET A 8 3.80 6.53 -10.50
N SER A 9 3.68 5.36 -11.13
CA SER A 9 3.38 4.15 -10.40
C SER A 9 4.68 3.49 -9.93
N TYR A 10 4.75 3.26 -8.62
CA TYR A 10 5.93 2.64 -8.04
C TYR A 10 5.54 1.52 -7.07
N SER A 11 6.55 0.87 -6.53
CA SER A 11 6.32 -0.23 -5.60
C SER A 11 7.33 -0.14 -4.44
N VAL A 12 6.98 -0.82 -3.36
CA VAL A 12 7.84 -0.84 -2.19
C VAL A 12 8.08 -2.28 -1.75
N THR A 13 9.32 -2.55 -1.37
CA THR A 13 9.69 -3.89 -0.93
C THR A 13 10.02 -3.89 0.57
N LEU A 14 9.02 -4.25 1.36
CA LEU A 14 9.19 -4.28 2.80
C LEU A 14 9.50 -5.72 3.23
N THR A 15 10.79 -6.04 3.25
CA THR A 15 11.23 -7.36 3.64
C THR A 15 10.72 -7.70 5.03
N GLY A 16 10.45 -8.98 5.23
CA GLY A 16 9.95 -9.46 6.52
C GLY A 16 11.02 -10.30 7.24
N PRO A 17 10.88 -10.35 8.59
CA PRO A 17 9.81 -9.66 9.27
C PRO A 17 10.08 -8.15 9.32
N GLY A 18 9.00 -7.39 9.41
CA GLY A 18 9.11 -5.94 9.48
C GLY A 18 9.54 -5.48 10.87
N PRO A 19 8.53 -5.20 11.72
CA PRO A 19 7.14 -5.34 11.31
C PRO A 19 6.73 -4.18 10.39
N TRP A 20 5.52 -4.29 9.87
CA TRP A 20 4.99 -3.28 8.98
C TRP A 20 4.28 -2.21 9.83
N GLY A 21 5.02 -1.15 10.10
CA GLY A 21 4.48 -0.06 10.90
C GLY A 21 3.74 0.95 10.03
N PHE A 22 2.80 0.42 9.24
CA PHE A 22 2.01 1.26 8.37
C PHE A 22 0.57 0.74 8.25
N ARG A 23 -0.37 1.67 8.33
CA ARG A 23 -1.77 1.31 8.23
C ARG A 23 -2.33 1.67 6.85
N LEU A 24 -3.48 1.11 6.55
CA LEU A 24 -4.11 1.36 5.26
C LEU A 24 -5.30 2.30 5.47
N GLN A 25 -5.65 3.01 4.40
CA GLN A 25 -6.75 3.95 4.45
C GLN A 25 -7.84 3.53 3.45
N GLY A 26 -9.01 4.11 3.62
CA GLY A 26 -10.14 3.82 2.74
C GLY A 26 -10.15 2.33 2.34
N GLY A 27 -10.49 2.10 1.09
CA GLY A 27 -10.54 0.75 0.57
C GLY A 27 -11.73 0.57 -0.38
N LYS A 28 -11.92 -0.67 -0.82
CA LYS A 28 -12.99 -0.99 -1.73
C LYS A 28 -14.31 -1.00 -0.96
N ASP A 29 -14.27 -1.57 0.23
CA ASP A 29 -15.44 -1.66 1.07
C ASP A 29 -15.83 -0.27 1.54
N PHE A 30 -14.94 0.68 1.30
CA PHE A 30 -15.18 2.06 1.69
C PHE A 30 -15.37 2.96 0.46
N ASN A 31 -15.24 2.34 -0.71
CA ASN A 31 -15.39 3.07 -1.95
C ASN A 31 -14.29 4.13 -2.06
N MET A 32 -13.13 3.79 -1.51
CA MET A 32 -12.00 4.69 -1.55
C MET A 32 -10.72 3.95 -1.95
N PRO A 33 -9.74 4.74 -2.47
CA PRO A 33 -8.48 4.18 -2.90
C PRO A 33 -7.60 3.83 -1.69
N LEU A 34 -7.11 2.59 -1.70
CA LEU A 34 -6.26 2.12 -0.62
C LEU A 34 -5.00 2.99 -0.54
N THR A 35 -5.00 3.89 0.44
CA THR A 35 -3.88 4.79 0.63
C THR A 35 -3.17 4.48 1.95
N ILE A 36 -1.94 4.96 2.04
CA ILE A 36 -1.15 4.75 3.24
C ILE A 36 -1.69 5.62 4.38
N SER A 37 -2.54 5.02 5.19
CA SER A 37 -3.15 5.72 6.31
C SER A 37 -2.07 6.45 7.12
N ARG A 38 -1.27 5.66 7.82
CA ARG A 38 -0.20 6.21 8.64
C ARG A 38 1.06 5.34 8.52
N ILE A 39 2.15 5.86 9.05
CA ILE A 39 3.41 5.15 9.01
C ILE A 39 4.19 5.42 10.30
N THR A 40 4.89 4.39 10.77
CA THR A 40 5.67 4.50 11.98
C THR A 40 7.03 5.13 11.68
N PRO A 41 7.41 6.12 12.53
CA PRO A 41 8.68 6.81 12.37
C PRO A 41 9.85 5.92 12.84
N GLY A 42 10.71 5.60 11.88
CA GLY A 42 11.87 4.77 12.16
C GLY A 42 11.66 3.35 11.63
N SER A 43 10.46 3.11 11.12
CA SER A 43 10.14 1.81 10.57
C SER A 43 10.67 1.68 9.15
N LYS A 44 10.63 0.46 8.65
CA LYS A 44 11.12 0.18 7.30
C LYS A 44 10.24 0.94 6.29
N ALA A 45 8.97 1.08 6.65
CA ALA A 45 8.03 1.76 5.79
C ALA A 45 8.42 3.24 5.67
N ALA A 46 9.11 3.72 6.70
CA ALA A 46 9.54 5.10 6.72
C ALA A 46 11.00 5.17 6.25
N GLN A 47 11.43 4.10 5.60
CA GLN A 47 12.80 4.03 5.10
C GLN A 47 12.80 3.49 3.66
N SER A 48 11.63 3.53 3.04
CA SER A 48 11.48 3.05 1.68
C SER A 48 10.87 4.15 0.80
N GLN A 49 9.73 3.83 0.22
CA GLN A 49 9.04 4.78 -0.65
C GLN A 49 7.59 4.97 -0.16
N LEU A 50 7.27 4.28 0.92
CA LEU A 50 5.93 4.37 1.48
C LEU A 50 5.76 5.73 2.17
N SER A 51 4.72 6.44 1.80
CA SER A 51 4.44 7.74 2.37
C SER A 51 2.94 7.89 2.62
N GLN A 52 2.61 8.68 3.64
CA GLN A 52 1.22 8.91 3.99
C GLN A 52 0.50 9.62 2.85
N GLY A 53 -0.57 8.99 2.39
CA GLY A 53 -1.36 9.55 1.30
C GLY A 53 -1.19 8.73 0.01
N ASP A 54 -0.04 8.06 -0.07
CA ASP A 54 0.25 7.24 -1.23
C ASP A 54 -1.01 6.50 -1.66
N LEU A 55 -1.03 6.13 -2.93
CA LEU A 55 -2.17 5.41 -3.49
C LEU A 55 -1.76 3.98 -3.82
N VAL A 56 -2.20 3.06 -2.98
CA VAL A 56 -1.89 1.65 -3.17
C VAL A 56 -2.78 1.09 -4.28
N VAL A 57 -2.13 0.37 -5.19
CA VAL A 57 -2.84 -0.23 -6.30
C VAL A 57 -2.88 -1.75 -6.12
N ALA A 58 -1.71 -2.31 -5.90
CA ALA A 58 -1.59 -3.75 -5.71
C ALA A 58 -0.70 -4.02 -4.49
N ILE A 59 -1.02 -5.11 -3.80
CA ILE A 59 -0.27 -5.49 -2.62
C ILE A 59 0.39 -6.85 -2.86
N ASP A 60 1.70 -6.83 -2.97
CA ASP A 60 2.46 -8.04 -3.21
C ASP A 60 2.13 -8.59 -4.59
N GLY A 61 1.61 -7.71 -5.43
CA GLY A 61 1.24 -8.08 -6.78
C GLY A 61 -0.25 -8.42 -6.88
N VAL A 62 -1.00 -7.89 -5.94
CA VAL A 62 -2.43 -8.14 -5.91
C VAL A 62 -3.18 -6.80 -5.79
N ASN A 63 -3.87 -6.44 -6.87
CA ASN A 63 -4.62 -5.20 -6.89
C ASN A 63 -5.41 -5.05 -5.59
N THR A 64 -5.77 -3.82 -5.29
CA THR A 64 -6.53 -3.53 -4.09
C THR A 64 -7.93 -3.01 -4.45
N ASP A 65 -8.00 -2.36 -5.60
CA ASP A 65 -9.26 -1.82 -6.08
C ASP A 65 -10.36 -2.87 -5.92
N THR A 66 -9.93 -4.12 -5.94
CA THR A 66 -10.87 -5.23 -5.81
C THR A 66 -10.90 -5.73 -4.37
N MET A 67 -9.79 -5.54 -3.67
CA MET A 67 -9.69 -5.95 -2.28
C MET A 67 -10.16 -4.85 -1.35
N THR A 68 -10.94 -5.25 -0.36
CA THR A 68 -11.47 -4.31 0.62
C THR A 68 -10.37 -3.86 1.57
N HIS A 69 -10.72 -2.90 2.43
CA HIS A 69 -9.77 -2.37 3.39
C HIS A 69 -9.15 -3.53 4.19
N LEU A 70 -10.03 -4.40 4.66
CA LEU A 70 -9.60 -5.54 5.45
C LEU A 70 -8.72 -6.44 4.58
N GLU A 71 -9.33 -6.95 3.52
CA GLU A 71 -8.61 -7.83 2.60
C GLU A 71 -7.17 -7.34 2.40
N ALA A 72 -7.07 -6.11 1.94
CA ALA A 72 -5.76 -5.52 1.69
C ALA A 72 -4.89 -5.69 2.95
N GLN A 73 -5.47 -5.33 4.08
CA GLN A 73 -4.76 -5.44 5.35
C GLN A 73 -4.36 -6.89 5.60
N ASN A 74 -5.31 -7.79 5.39
CA ASN A 74 -5.06 -9.21 5.60
C ASN A 74 -3.87 -9.64 4.75
N LYS A 75 -3.70 -8.96 3.63
CA LYS A 75 -2.61 -9.26 2.71
C LYS A 75 -1.28 -8.97 3.41
N ILE A 76 -1.27 -7.89 4.17
CA ILE A 76 -0.08 -7.49 4.90
C ILE A 76 0.41 -8.65 5.76
N LYS A 77 -0.55 -9.27 6.45
CA LYS A 77 -0.24 -10.40 7.31
C LYS A 77 0.20 -11.59 6.45
N SER A 78 -0.57 -11.83 5.40
CA SER A 78 -0.27 -12.93 4.50
C SER A 78 1.21 -12.92 4.13
N ALA A 79 1.68 -11.75 3.72
CA ALA A 79 3.07 -11.59 3.34
C ALA A 79 3.95 -12.32 4.36
N SER A 80 5.12 -12.73 3.89
CA SER A 80 6.07 -13.44 4.74
C SER A 80 7.50 -12.97 4.44
N TYR A 81 8.12 -13.66 3.49
CA TYR A 81 9.48 -13.33 3.10
C TYR A 81 9.63 -11.82 2.87
N ASN A 82 8.77 -11.30 2.02
CA ASN A 82 8.80 -9.88 1.71
C ASN A 82 7.36 -9.36 1.59
N LEU A 83 7.22 -8.05 1.80
CA LEU A 83 5.91 -7.42 1.72
C LEU A 83 5.94 -6.34 0.64
N SER A 84 5.58 -6.75 -0.57
CA SER A 84 5.56 -5.83 -1.70
C SER A 84 4.24 -5.06 -1.72
N LEU A 85 4.33 -3.80 -2.13
CA LEU A 85 3.15 -2.95 -2.20
C LEU A 85 3.33 -1.95 -3.35
N THR A 86 2.42 -2.04 -4.31
CA THR A 86 2.47 -1.16 -5.46
C THR A 86 1.63 0.09 -5.20
N LEU A 87 2.31 1.23 -5.21
CA LEU A 87 1.65 2.50 -4.97
C LEU A 87 1.59 3.29 -6.28
N GLN A 88 0.87 4.40 -6.23
CA GLN A 88 0.72 5.26 -7.40
C GLN A 88 0.82 6.72 -7.00
N LYS A 89 1.45 7.50 -7.87
CA LYS A 89 1.61 8.93 -7.62
C LYS A 89 0.32 9.65 -8.00
N SER A 90 -0.37 10.15 -6.98
CA SER A 90 -1.62 10.87 -7.20
C SER A 90 -1.36 12.10 -8.07
N GLY A 1 -5.40 19.47 -23.49
CA GLY A 1 -5.69 18.05 -23.44
C GLY A 1 -5.14 17.43 -22.16
N SER A 2 -4.19 16.50 -22.34
CA SER A 2 -3.58 15.83 -21.21
C SER A 2 -4.65 15.08 -20.40
N SER A 3 -4.67 13.78 -20.59
CA SER A 3 -5.63 12.94 -19.89
C SER A 3 -4.91 11.88 -19.05
N GLY A 4 -5.66 11.26 -18.16
CA GLY A 4 -5.09 10.23 -17.30
C GLY A 4 -4.69 10.81 -15.94
N SER A 5 -5.25 10.22 -14.90
CA SER A 5 -4.96 10.66 -13.54
C SER A 5 -3.81 9.84 -12.96
N SER A 6 -2.62 10.07 -13.49
CA SER A 6 -1.44 9.36 -13.03
C SER A 6 -0.22 10.28 -13.09
N GLY A 7 0.89 9.78 -12.56
CA GLY A 7 2.12 10.54 -12.54
C GLY A 7 3.34 9.61 -12.53
N MET A 8 3.27 8.62 -11.66
CA MET A 8 4.35 7.66 -11.53
C MET A 8 3.98 6.52 -10.57
N SER A 9 3.77 5.35 -11.14
CA SER A 9 3.42 4.19 -10.35
C SER A 9 4.68 3.46 -9.89
N TYR A 10 4.80 3.31 -8.57
CA TYR A 10 5.94 2.63 -8.00
C TYR A 10 5.50 1.54 -7.02
N SER A 11 6.49 0.84 -6.48
CA SER A 11 6.21 -0.23 -5.53
C SER A 11 7.26 -0.23 -4.42
N VAL A 12 6.88 -0.81 -3.30
CA VAL A 12 7.77 -0.87 -2.15
C VAL A 12 8.00 -2.34 -1.77
N THR A 13 9.26 -2.66 -1.50
CA THR A 13 9.62 -4.02 -1.12
C THR A 13 10.20 -4.04 0.29
N LEU A 14 9.35 -4.41 1.24
CA LEU A 14 9.76 -4.48 2.63
C LEU A 14 9.92 -5.94 3.04
N THR A 15 11.15 -6.29 3.40
CA THR A 15 11.44 -7.66 3.82
C THR A 15 10.88 -7.93 5.21
N GLY A 16 10.21 -9.06 5.32
CA GLY A 16 9.60 -9.45 6.59
C GLY A 16 10.48 -10.46 7.34
N PRO A 17 10.28 -10.53 8.67
CA PRO A 17 9.30 -9.68 9.33
C PRO A 17 9.80 -8.24 9.43
N GLY A 18 8.85 -7.31 9.34
CA GLY A 18 9.18 -5.90 9.43
C GLY A 18 9.55 -5.51 10.86
N PRO A 19 8.51 -5.26 11.68
CA PRO A 19 7.13 -5.35 11.20
C PRO A 19 6.78 -4.15 10.31
N TRP A 20 5.59 -4.22 9.73
CA TRP A 20 5.12 -3.16 8.87
C TRP A 20 4.32 -2.16 9.72
N GLY A 21 4.99 -1.09 10.12
CA GLY A 21 4.36 -0.07 10.93
C GLY A 21 3.60 0.94 10.06
N PHE A 22 2.82 0.40 9.12
CA PHE A 22 2.05 1.23 8.23
C PHE A 22 0.61 0.72 8.11
N ARG A 23 -0.33 1.65 8.16
CA ARG A 23 -1.74 1.31 8.06
C ARG A 23 -2.26 1.64 6.66
N LEU A 24 -3.48 1.18 6.40
CA LEU A 24 -4.10 1.42 5.11
C LEU A 24 -5.30 2.35 5.29
N GLN A 25 -5.70 2.97 4.19
CA GLN A 25 -6.83 3.89 4.22
C GLN A 25 -7.88 3.47 3.19
N GLY A 26 -9.07 4.03 3.35
CA GLY A 26 -10.17 3.73 2.45
C GLY A 26 -10.15 2.25 2.05
N GLY A 27 -10.43 2.02 0.77
CA GLY A 27 -10.45 0.67 0.25
C GLY A 27 -11.75 0.40 -0.52
N LYS A 28 -11.78 -0.77 -1.16
CA LYS A 28 -12.95 -1.15 -1.94
C LYS A 28 -14.19 -1.13 -1.03
N ASP A 29 -13.96 -1.46 0.23
CA ASP A 29 -15.04 -1.48 1.20
C ASP A 29 -15.58 -0.07 1.40
N PHE A 30 -14.64 0.85 1.60
CA PHE A 30 -15.00 2.24 1.82
C PHE A 30 -15.27 2.95 0.48
N ASN A 31 -15.05 2.20 -0.59
CA ASN A 31 -15.28 2.74 -1.93
C ASN A 31 -14.21 3.79 -2.23
N MET A 32 -13.15 3.77 -1.43
CA MET A 32 -12.05 4.70 -1.60
C MET A 32 -10.77 3.98 -2.01
N PRO A 33 -9.80 4.79 -2.52
CA PRO A 33 -8.53 4.23 -2.95
C PRO A 33 -7.65 3.87 -1.76
N LEU A 34 -7.17 2.63 -1.76
CA LEU A 34 -6.33 2.15 -0.70
C LEU A 34 -5.05 3.00 -0.62
N THR A 35 -5.03 3.89 0.34
CA THR A 35 -3.89 4.77 0.53
C THR A 35 -3.22 4.49 1.88
N ILE A 36 -1.95 4.87 1.95
CA ILE A 36 -1.18 4.68 3.18
C ILE A 36 -1.78 5.54 4.29
N SER A 37 -2.61 4.91 5.11
CA SER A 37 -3.26 5.60 6.20
C SER A 37 -2.21 6.39 7.00
N ARG A 38 -1.38 5.66 7.72
CA ARG A 38 -0.33 6.27 8.52
C ARG A 38 0.92 5.40 8.51
N ILE A 39 2.04 6.03 8.87
CA ILE A 39 3.31 5.34 8.90
C ILE A 39 4.07 5.74 10.16
N THR A 40 4.73 4.76 10.76
CA THR A 40 5.51 5.00 11.96
C THR A 40 6.96 5.37 11.61
N PRO A 41 7.53 6.29 12.44
CA PRO A 41 8.90 6.73 12.23
C PRO A 41 9.89 5.66 12.65
N GLY A 42 10.94 5.51 11.85
CA GLY A 42 11.96 4.52 12.14
C GLY A 42 11.69 3.21 11.40
N SER A 43 10.44 2.80 11.45
CA SER A 43 10.03 1.57 10.80
C SER A 43 10.56 1.54 9.36
N LYS A 44 10.37 0.39 8.72
CA LYS A 44 10.82 0.21 7.35
C LYS A 44 9.99 1.11 6.42
N ALA A 45 8.76 1.35 6.85
CA ALA A 45 7.86 2.18 6.06
C ALA A 45 8.38 3.62 6.03
N ALA A 46 9.16 3.95 7.05
CA ALA A 46 9.74 5.27 7.15
C ALA A 46 11.18 5.24 6.66
N GLN A 47 11.50 4.18 5.94
CA GLN A 47 12.85 4.01 5.41
C GLN A 47 12.78 3.45 3.98
N SER A 48 11.58 3.47 3.43
CA SER A 48 11.37 2.98 2.08
C SER A 48 10.79 4.09 1.20
N GLN A 49 9.77 3.72 0.44
CA GLN A 49 9.11 4.67 -0.44
C GLN A 49 7.67 4.91 0.01
N LEU A 50 7.26 4.14 1.00
CA LEU A 50 5.91 4.25 1.53
C LEU A 50 5.75 5.60 2.25
N SER A 51 4.79 6.38 1.78
CA SER A 51 4.53 7.68 2.36
C SER A 51 3.03 7.84 2.63
N GLN A 52 2.73 8.57 3.70
CA GLN A 52 1.34 8.81 4.08
C GLN A 52 0.62 9.54 2.95
N GLY A 53 -0.48 8.94 2.52
CA GLY A 53 -1.29 9.51 1.45
C GLY A 53 -1.13 8.73 0.15
N ASP A 54 0.03 8.08 0.02
CA ASP A 54 0.30 7.28 -1.17
C ASP A 54 -0.96 6.54 -1.59
N LEU A 55 -0.99 6.17 -2.86
CA LEU A 55 -2.14 5.46 -3.40
C LEU A 55 -1.72 4.03 -3.77
N VAL A 56 -2.27 3.08 -3.04
CA VAL A 56 -1.95 1.68 -3.28
C VAL A 56 -2.81 1.17 -4.44
N VAL A 57 -2.14 0.51 -5.38
CA VAL A 57 -2.82 -0.05 -6.54
C VAL A 57 -2.87 -1.56 -6.42
N ALA A 58 -1.73 -2.14 -6.11
CA ALA A 58 -1.63 -3.59 -5.96
C ALA A 58 -0.80 -3.91 -4.72
N ILE A 59 -1.06 -5.09 -4.16
CA ILE A 59 -0.35 -5.53 -2.98
C ILE A 59 0.37 -6.84 -3.28
N ASP A 60 1.70 -6.75 -3.33
CA ASP A 60 2.52 -7.91 -3.62
C ASP A 60 2.30 -8.35 -5.07
N GLY A 61 1.64 -7.48 -5.81
CA GLY A 61 1.35 -7.76 -7.22
C GLY A 61 -0.12 -8.09 -7.41
N VAL A 62 -0.92 -7.71 -6.44
CA VAL A 62 -2.35 -7.97 -6.50
C VAL A 62 -3.11 -6.65 -6.31
N ASN A 63 -3.76 -6.23 -7.38
CA ASN A 63 -4.53 -4.99 -7.35
C ASN A 63 -5.31 -4.90 -6.04
N THR A 64 -5.64 -3.68 -5.66
CA THR A 64 -6.38 -3.44 -4.43
C THR A 64 -7.77 -2.89 -4.75
N ASP A 65 -7.87 -2.21 -5.88
CA ASP A 65 -9.12 -1.62 -6.31
C ASP A 65 -10.24 -2.65 -6.12
N THR A 66 -9.87 -3.92 -6.19
CA THR A 66 -10.83 -4.99 -6.03
C THR A 66 -10.91 -5.41 -4.56
N MET A 67 -9.78 -5.33 -3.89
CA MET A 67 -9.71 -5.70 -2.48
C MET A 67 -10.20 -4.56 -1.59
N THR A 68 -10.74 -4.94 -0.44
CA THR A 68 -11.24 -3.96 0.50
C THR A 68 -10.12 -3.51 1.45
N HIS A 69 -10.53 -2.84 2.52
CA HIS A 69 -9.59 -2.34 3.50
C HIS A 69 -8.97 -3.52 4.26
N LEU A 70 -9.84 -4.29 4.89
CA LEU A 70 -9.40 -5.45 5.65
C LEU A 70 -8.62 -6.39 4.74
N GLU A 71 -9.31 -6.89 3.73
CA GLU A 71 -8.69 -7.81 2.78
C GLU A 71 -7.24 -7.40 2.52
N ALA A 72 -7.09 -6.16 2.06
CA ALA A 72 -5.76 -5.64 1.77
C ALA A 72 -4.87 -5.80 3.00
N GLN A 73 -5.41 -5.41 4.13
CA GLN A 73 -4.68 -5.51 5.39
C GLN A 73 -4.26 -6.95 5.65
N ASN A 74 -5.23 -7.85 5.56
CA ASN A 74 -4.96 -9.26 5.78
C ASN A 74 -3.83 -9.71 4.87
N LYS A 75 -3.70 -9.03 3.74
CA LYS A 75 -2.66 -9.34 2.78
C LYS A 75 -1.29 -9.08 3.41
N ILE A 76 -1.23 -8.01 4.18
CA ILE A 76 0.01 -7.64 4.85
C ILE A 76 0.49 -8.81 5.70
N LYS A 77 -0.41 -9.33 6.52
CA LYS A 77 -0.09 -10.45 7.38
C LYS A 77 0.28 -11.67 6.53
N SER A 78 -0.53 -11.88 5.49
CA SER A 78 -0.30 -13.00 4.59
C SER A 78 1.19 -13.11 4.24
N ALA A 79 1.73 -11.99 3.76
CA ALA A 79 3.14 -11.95 3.40
C ALA A 79 3.97 -12.56 4.52
N SER A 80 5.05 -13.23 4.11
CA SER A 80 5.93 -13.87 5.06
C SER A 80 7.39 -13.49 4.76
N TYR A 81 7.78 -13.76 3.53
CA TYR A 81 9.15 -13.46 3.09
C TYR A 81 9.32 -11.96 2.85
N ASN A 82 8.47 -11.44 1.96
CA ASN A 82 8.52 -10.03 1.63
C ASN A 82 7.10 -9.49 1.49
N LEU A 83 6.97 -8.19 1.68
CA LEU A 83 5.66 -7.54 1.58
C LEU A 83 5.74 -6.42 0.54
N SER A 84 5.41 -6.78 -0.69
CA SER A 84 5.44 -5.82 -1.78
C SER A 84 4.13 -5.04 -1.81
N LEU A 85 4.24 -3.76 -2.19
CA LEU A 85 3.08 -2.90 -2.26
C LEU A 85 3.27 -1.90 -3.40
N THR A 86 2.37 -1.98 -4.37
CA THR A 86 2.42 -1.08 -5.52
C THR A 86 1.61 0.18 -5.25
N LEU A 87 2.32 1.30 -5.18
CA LEU A 87 1.67 2.58 -4.93
C LEU A 87 1.68 3.40 -6.22
N GLN A 88 0.93 4.51 -6.19
CA GLN A 88 0.85 5.38 -7.33
C GLN A 88 1.00 6.85 -6.90
N LYS A 89 1.77 7.58 -7.68
CA LYS A 89 2.01 8.99 -7.38
C LYS A 89 0.70 9.76 -7.56
N SER A 90 0.16 10.22 -6.44
CA SER A 90 -1.08 10.98 -6.47
C SER A 90 -0.78 12.48 -6.57
N GLY A 1 -1.69 9.94 -22.13
CA GLY A 1 -2.86 9.33 -21.52
C GLY A 1 -4.15 9.96 -22.05
N SER A 2 -5.14 9.11 -22.30
CA SER A 2 -6.43 9.58 -22.80
C SER A 2 -7.40 9.79 -21.63
N SER A 3 -7.64 8.70 -20.91
CA SER A 3 -8.54 8.76 -19.77
C SER A 3 -7.93 8.04 -18.57
N GLY A 4 -7.55 8.82 -17.57
CA GLY A 4 -6.95 8.28 -16.37
C GLY A 4 -5.97 9.28 -15.75
N SER A 5 -5.97 9.31 -14.42
CA SER A 5 -5.09 10.21 -13.70
C SER A 5 -3.96 9.41 -13.04
N SER A 6 -2.74 9.78 -13.40
CA SER A 6 -1.57 9.12 -12.87
C SER A 6 -0.34 10.03 -13.01
N GLY A 7 0.73 9.62 -12.34
CA GLY A 7 1.97 10.38 -12.39
C GLY A 7 3.18 9.45 -12.45
N MET A 8 3.17 8.45 -11.57
CA MET A 8 4.27 7.50 -11.52
C MET A 8 3.92 6.33 -10.58
N SER A 9 3.75 5.17 -11.18
CA SER A 9 3.42 3.97 -10.42
C SER A 9 4.70 3.26 -9.98
N TYR A 10 4.81 3.05 -8.68
CA TYR A 10 5.97 2.38 -8.11
C TYR A 10 5.56 1.33 -7.09
N SER A 11 6.56 0.64 -6.55
CA SER A 11 6.32 -0.40 -5.57
C SER A 11 7.35 -0.30 -4.45
N VAL A 12 7.03 -0.94 -3.33
CA VAL A 12 7.92 -0.92 -2.18
C VAL A 12 8.17 -2.37 -1.73
N THR A 13 9.45 -2.65 -1.48
CA THR A 13 9.84 -3.98 -1.04
C THR A 13 10.19 -3.98 0.45
N LEU A 14 9.24 -4.44 1.26
CA LEU A 14 9.45 -4.49 2.69
C LEU A 14 9.65 -5.95 3.13
N THR A 15 10.90 -6.28 3.40
CA THR A 15 11.23 -7.63 3.82
C THR A 15 10.65 -7.92 5.21
N GLY A 16 10.25 -9.16 5.39
CA GLY A 16 9.66 -9.59 6.65
C GLY A 16 10.59 -10.56 7.39
N PRO A 17 10.38 -10.66 8.73
CA PRO A 17 9.36 -9.85 9.38
C PRO A 17 9.79 -8.40 9.51
N GLY A 18 8.82 -7.51 9.39
CA GLY A 18 9.08 -6.09 9.49
C GLY A 18 9.45 -5.69 10.93
N PRO A 19 8.41 -5.41 11.73
CA PRO A 19 7.03 -5.48 11.24
C PRO A 19 6.72 -4.28 10.35
N TRP A 20 5.52 -4.32 9.77
CA TRP A 20 5.08 -3.25 8.89
C TRP A 20 4.33 -2.23 9.73
N GLY A 21 5.05 -1.17 10.11
CA GLY A 21 4.46 -0.12 10.92
C GLY A 21 3.72 0.89 10.04
N PHE A 22 2.82 0.38 9.22
CA PHE A 22 2.04 1.21 8.33
C PHE A 22 0.60 0.71 8.21
N ARG A 23 -0.33 1.65 8.32
CA ARG A 23 -1.74 1.31 8.22
C ARG A 23 -2.27 1.64 6.84
N LEU A 24 -3.48 1.15 6.56
CA LEU A 24 -4.12 1.38 5.27
C LEU A 24 -5.33 2.28 5.47
N GLN A 25 -5.73 2.93 4.38
CA GLN A 25 -6.88 3.81 4.42
C GLN A 25 -7.89 3.41 3.35
N GLY A 26 -9.07 4.01 3.44
CA GLY A 26 -10.14 3.72 2.49
C GLY A 26 -10.15 2.24 2.11
N GLY A 27 -10.46 1.99 0.84
CA GLY A 27 -10.51 0.63 0.34
C GLY A 27 -11.83 0.36 -0.39
N LYS A 28 -11.85 -0.76 -1.09
CA LYS A 28 -13.04 -1.15 -1.84
C LYS A 28 -14.27 -1.07 -0.93
N ASP A 29 -14.02 -1.31 0.35
CA ASP A 29 -15.10 -1.26 1.34
C ASP A 29 -15.52 0.19 1.55
N PHE A 30 -14.53 1.05 1.70
CA PHE A 30 -14.79 2.47 1.90
C PHE A 30 -14.99 3.19 0.57
N ASN A 31 -15.04 2.40 -0.49
CA ASN A 31 -15.22 2.95 -1.83
C ASN A 31 -14.15 4.00 -2.08
N MET A 32 -13.07 3.91 -1.32
CA MET A 32 -11.97 4.84 -1.47
C MET A 32 -10.69 4.11 -1.87
N PRO A 33 -9.70 4.92 -2.36
CA PRO A 33 -8.43 4.36 -2.78
C PRO A 33 -7.56 3.99 -1.57
N LEU A 34 -7.10 2.75 -1.56
CA LEU A 34 -6.28 2.26 -0.48
C LEU A 34 -4.99 3.10 -0.42
N THR A 35 -4.96 4.01 0.55
CA THR A 35 -3.81 4.88 0.72
C THR A 35 -3.12 4.57 2.05
N ILE A 36 -1.85 4.97 2.13
CA ILE A 36 -1.07 4.75 3.33
C ILE A 36 -1.62 5.61 4.46
N SER A 37 -2.57 5.04 5.19
CA SER A 37 -3.20 5.75 6.30
C SER A 37 -2.13 6.50 7.09
N ARG A 38 -1.24 5.75 7.71
CA ARG A 38 -0.17 6.34 8.49
C ARG A 38 1.07 5.43 8.49
N ILE A 39 2.16 5.97 8.98
CA ILE A 39 3.41 5.22 9.04
C ILE A 39 4.14 5.55 10.35
N THR A 40 4.84 4.55 10.86
CA THR A 40 5.58 4.71 12.11
C THR A 40 6.93 5.37 11.83
N PRO A 41 7.34 6.26 12.77
CA PRO A 41 8.61 6.96 12.64
C PRO A 41 9.78 6.03 12.97
N GLY A 42 10.66 5.88 11.99
CA GLY A 42 11.82 5.02 12.16
C GLY A 42 11.58 3.64 11.56
N SER A 43 10.35 3.42 11.15
CA SER A 43 9.96 2.14 10.55
C SER A 43 10.47 2.07 9.11
N LYS A 44 10.49 0.86 8.58
CA LYS A 44 10.95 0.63 7.22
C LYS A 44 10.07 1.43 6.26
N ALA A 45 8.80 1.56 6.64
CA ALA A 45 7.85 2.30 5.81
C ALA A 45 8.26 3.79 5.78
N ALA A 46 9.05 4.17 6.78
CA ALA A 46 9.50 5.54 6.88
C ALA A 46 10.94 5.63 6.34
N GLN A 47 11.55 4.47 6.18
CA GLN A 47 12.91 4.40 5.67
C GLN A 47 12.97 3.54 4.42
N SER A 48 11.83 3.45 3.74
CA SER A 48 11.74 2.65 2.53
C SER A 48 11.43 3.56 1.34
N GLN A 49 10.13 3.76 1.13
CA GLN A 49 9.68 4.60 0.03
C GLN A 49 8.20 4.97 0.21
N LEU A 50 7.44 3.98 0.70
CA LEU A 50 6.03 4.18 0.91
C LEU A 50 5.82 5.20 2.03
N SER A 51 5.12 6.27 1.69
CA SER A 51 4.85 7.33 2.65
C SER A 51 3.33 7.48 2.85
N GLN A 52 2.98 8.33 3.81
CA GLN A 52 1.58 8.58 4.10
C GLN A 52 0.91 9.33 2.95
N GLY A 53 -0.32 8.94 2.65
CA GLY A 53 -1.06 9.57 1.58
C GLY A 53 -0.94 8.78 0.28
N ASP A 54 0.20 8.13 0.13
CA ASP A 54 0.46 7.33 -1.06
C ASP A 54 -0.82 6.58 -1.46
N LEU A 55 -0.89 6.21 -2.72
CA LEU A 55 -2.04 5.49 -3.23
C LEU A 55 -1.63 4.06 -3.57
N VAL A 56 -2.21 3.13 -2.82
CA VAL A 56 -1.91 1.71 -3.03
C VAL A 56 -2.80 1.17 -4.16
N VAL A 57 -2.16 0.49 -5.10
CA VAL A 57 -2.87 -0.08 -6.22
C VAL A 57 -2.91 -1.60 -6.07
N ALA A 58 -1.74 -2.17 -5.81
CA ALA A 58 -1.64 -3.61 -5.66
C ALA A 58 -0.72 -3.91 -4.46
N ILE A 59 -1.00 -5.03 -3.81
CA ILE A 59 -0.21 -5.45 -2.66
C ILE A 59 0.47 -6.78 -2.97
N ASP A 60 1.79 -6.72 -3.12
CA ASP A 60 2.57 -7.91 -3.41
C ASP A 60 2.23 -8.40 -4.83
N GLY A 61 1.64 -7.49 -5.60
CA GLY A 61 1.27 -7.81 -6.96
C GLY A 61 -0.22 -8.18 -7.05
N VAL A 62 -0.96 -7.73 -6.06
CA VAL A 62 -2.40 -8.00 -6.01
C VAL A 62 -3.15 -6.68 -5.86
N ASN A 63 -3.85 -6.31 -6.92
CA ASN A 63 -4.62 -5.08 -6.91
C ASN A 63 -5.33 -4.92 -5.56
N THR A 64 -5.73 -3.70 -5.27
CA THR A 64 -6.41 -3.41 -4.01
C THR A 64 -7.79 -2.82 -4.29
N ASP A 65 -7.86 -2.01 -5.33
CA ASP A 65 -9.11 -1.38 -5.71
C ASP A 65 -10.24 -2.40 -5.64
N THR A 66 -9.88 -3.64 -5.94
CA THR A 66 -10.85 -4.73 -5.93
C THR A 66 -11.05 -5.24 -4.50
N MET A 67 -9.94 -5.27 -3.75
CA MET A 67 -9.99 -5.74 -2.37
C MET A 67 -10.44 -4.62 -1.43
N THR A 68 -11.03 -5.04 -0.32
CA THR A 68 -11.51 -4.08 0.67
C THR A 68 -10.37 -3.68 1.62
N HIS A 69 -10.75 -2.96 2.67
CA HIS A 69 -9.79 -2.51 3.65
C HIS A 69 -9.16 -3.72 4.34
N LEU A 70 -10.01 -4.53 4.94
CA LEU A 70 -9.54 -5.73 5.63
C LEU A 70 -8.71 -6.58 4.68
N GLU A 71 -9.39 -7.10 3.67
CA GLU A 71 -8.73 -7.93 2.67
C GLU A 71 -7.31 -7.42 2.41
N ALA A 72 -7.23 -6.16 2.02
CA ALA A 72 -5.95 -5.54 1.74
C ALA A 72 -5.03 -5.71 2.94
N GLN A 73 -5.53 -5.30 4.10
CA GLN A 73 -4.76 -5.40 5.32
C GLN A 73 -4.32 -6.85 5.55
N ASN A 74 -5.24 -7.77 5.27
CA ASN A 74 -4.96 -9.18 5.44
C ASN A 74 -3.78 -9.58 4.55
N LYS A 75 -3.73 -8.95 3.38
CA LYS A 75 -2.66 -9.22 2.44
C LYS A 75 -1.31 -8.94 3.09
N ILE A 76 -1.30 -7.92 3.94
CA ILE A 76 -0.09 -7.54 4.64
C ILE A 76 0.39 -8.70 5.50
N LYS A 77 -0.55 -9.25 6.27
CA LYS A 77 -0.24 -10.37 7.14
C LYS A 77 0.15 -11.58 6.30
N SER A 78 -0.66 -11.83 5.28
CA SER A 78 -0.42 -12.96 4.38
C SER A 78 1.06 -13.02 4.02
N ALA A 79 1.57 -11.89 3.56
CA ALA A 79 2.97 -11.81 3.16
C ALA A 79 3.83 -12.52 4.21
N SER A 80 4.99 -12.99 3.76
CA SER A 80 5.91 -13.69 4.64
C SER A 80 7.33 -13.18 4.41
N TYR A 81 8.03 -13.86 3.50
CA TYR A 81 9.40 -13.50 3.19
C TYR A 81 9.52 -11.99 2.94
N ASN A 82 8.72 -11.50 2.02
CA ASN A 82 8.73 -10.09 1.68
C ASN A 82 7.29 -9.58 1.56
N LEU A 83 7.14 -8.27 1.70
CA LEU A 83 5.83 -7.66 1.60
C LEU A 83 5.88 -6.51 0.58
N SER A 84 5.61 -6.85 -0.66
CA SER A 84 5.63 -5.86 -1.73
C SER A 84 4.30 -5.10 -1.75
N LEU A 85 4.38 -3.84 -2.16
CA LEU A 85 3.21 -3.01 -2.24
C LEU A 85 3.37 -2.00 -3.37
N THR A 86 2.42 -2.04 -4.30
CA THR A 86 2.45 -1.14 -5.44
C THR A 86 1.64 0.13 -5.14
N LEU A 87 2.34 1.26 -5.15
CA LEU A 87 1.71 2.53 -4.89
C LEU A 87 1.64 3.34 -6.19
N GLN A 88 0.92 4.45 -6.12
CA GLN A 88 0.77 5.31 -7.28
C GLN A 88 0.91 6.78 -6.87
N LYS A 89 1.71 7.50 -7.64
CA LYS A 89 1.96 8.90 -7.37
C LYS A 89 0.66 9.69 -7.62
N SER A 90 0.04 10.08 -6.52
CA SER A 90 -1.21 10.83 -6.60
C SER A 90 -0.93 12.32 -6.38
N GLY A 1 -4.21 18.24 -25.37
CA GLY A 1 -4.33 17.01 -24.61
C GLY A 1 -4.96 17.26 -23.24
N SER A 2 -4.99 16.21 -22.43
CA SER A 2 -5.56 16.30 -21.10
C SER A 2 -4.81 15.38 -20.13
N SER A 3 -4.41 15.96 -19.01
CA SER A 3 -3.68 15.20 -18.01
C SER A 3 -4.31 15.43 -16.63
N GLY A 4 -4.32 14.35 -15.84
CA GLY A 4 -4.89 14.42 -14.50
C GLY A 4 -5.46 13.06 -14.09
N SER A 5 -4.61 12.29 -13.40
CA SER A 5 -5.02 10.97 -12.95
C SER A 5 -3.91 10.34 -12.11
N SER A 6 -2.78 10.10 -12.77
CA SER A 6 -1.64 9.50 -12.10
C SER A 6 -0.46 10.48 -12.11
N GLY A 7 0.71 9.95 -11.79
CA GLY A 7 1.91 10.76 -11.76
C GLY A 7 3.17 9.89 -11.85
N MET A 8 3.16 8.80 -11.09
CA MET A 8 4.28 7.88 -11.08
C MET A 8 3.92 6.61 -10.30
N SER A 9 3.95 5.49 -11.03
CA SER A 9 3.64 4.20 -10.43
C SER A 9 4.92 3.55 -9.92
N TYR A 10 4.91 3.25 -8.62
CA TYR A 10 6.07 2.63 -7.99
C TYR A 10 5.63 1.52 -7.04
N SER A 11 6.62 0.85 -6.46
CA SER A 11 6.35 -0.23 -5.52
C SER A 11 7.36 -0.19 -4.37
N VAL A 12 6.98 -0.81 -3.27
CA VAL A 12 7.84 -0.85 -2.09
C VAL A 12 8.11 -2.31 -1.72
N THR A 13 9.36 -2.56 -1.36
CA THR A 13 9.77 -3.90 -0.98
C THR A 13 10.19 -3.94 0.49
N LEU A 14 9.24 -4.32 1.33
CA LEU A 14 9.49 -4.41 2.76
C LEU A 14 9.73 -5.86 3.15
N THR A 15 11.00 -6.18 3.35
CA THR A 15 11.38 -7.54 3.73
C THR A 15 10.81 -7.89 5.10
N GLY A 16 10.40 -9.14 5.24
CA GLY A 16 9.82 -9.61 6.48
C GLY A 16 10.81 -10.53 7.22
N PRO A 17 10.64 -10.59 8.57
CA PRO A 17 9.59 -9.83 9.23
C PRO A 17 9.97 -8.35 9.31
N GLY A 18 8.95 -7.51 9.24
CA GLY A 18 9.15 -6.08 9.30
C GLY A 18 9.59 -5.65 10.71
N PRO A 19 8.58 -5.34 11.56
CA PRO A 19 7.19 -5.44 11.14
C PRO A 19 6.81 -4.27 10.23
N TRP A 20 5.60 -4.34 9.71
CA TRP A 20 5.10 -3.30 8.83
C TRP A 20 4.37 -2.26 9.69
N GLY A 21 5.09 -1.19 10.00
CA GLY A 21 4.53 -0.12 10.81
C GLY A 21 3.78 0.88 9.94
N PHE A 22 2.81 0.37 9.19
CA PHE A 22 2.01 1.22 8.32
C PHE A 22 0.57 0.72 8.23
N ARG A 23 -0.35 1.65 8.35
CA ARG A 23 -1.76 1.32 8.28
C ARG A 23 -2.31 1.58 6.88
N LEU A 24 -3.53 1.12 6.66
CA LEU A 24 -4.17 1.29 5.37
C LEU A 24 -5.36 2.25 5.51
N GLN A 25 -5.70 2.88 4.41
CA GLN A 25 -6.81 3.83 4.40
C GLN A 25 -7.84 3.42 3.34
N GLY A 26 -8.96 4.13 3.35
CA GLY A 26 -10.03 3.85 2.41
C GLY A 26 -10.13 2.35 2.11
N GLY A 27 -10.42 2.06 0.86
CA GLY A 27 -10.55 0.67 0.43
C GLY A 27 -11.84 0.45 -0.37
N LYS A 28 -11.91 -0.69 -1.02
CA LYS A 28 -13.07 -1.03 -1.82
C LYS A 28 -14.31 -1.05 -0.93
N ASP A 29 -14.07 -1.32 0.35
CA ASP A 29 -15.16 -1.37 1.31
C ASP A 29 -15.81 0.01 1.42
N PHE A 30 -14.97 1.02 1.47
CA PHE A 30 -15.45 2.39 1.56
C PHE A 30 -15.51 3.05 0.18
N ASN A 31 -15.20 2.26 -0.83
CA ASN A 31 -15.22 2.75 -2.19
C ASN A 31 -14.07 3.74 -2.39
N MET A 32 -13.13 3.70 -1.45
CA MET A 32 -11.98 4.58 -1.51
C MET A 32 -10.73 3.82 -1.95
N PRO A 33 -9.74 4.58 -2.50
CA PRO A 33 -8.51 3.99 -2.95
C PRO A 33 -7.61 3.61 -1.76
N LEU A 34 -7.12 2.38 -1.79
CA LEU A 34 -6.26 1.88 -0.73
C LEU A 34 -5.01 2.77 -0.66
N THR A 35 -4.99 3.64 0.34
CA THR A 35 -3.87 4.53 0.53
C THR A 35 -3.20 4.26 1.89
N ILE A 36 -1.99 4.78 2.02
CA ILE A 36 -1.23 4.61 3.25
C ILE A 36 -1.84 5.48 4.35
N SER A 37 -2.56 4.84 5.26
CA SER A 37 -3.20 5.55 6.36
C SER A 37 -2.15 6.38 7.12
N ARG A 38 -1.37 5.69 7.93
CA ARG A 38 -0.34 6.34 8.71
C ARG A 38 0.91 5.46 8.78
N ILE A 39 2.06 6.13 8.86
CA ILE A 39 3.33 5.43 8.94
C ILE A 39 4.07 5.85 10.21
N THR A 40 4.68 4.87 10.86
CA THR A 40 5.43 5.14 12.08
C THR A 40 6.83 5.62 11.74
N PRO A 41 7.27 6.67 12.48
CA PRO A 41 8.59 7.24 12.28
C PRO A 41 9.68 6.34 12.87
N GLY A 42 10.46 5.75 11.98
CA GLY A 42 11.53 4.86 12.40
C GLY A 42 11.31 3.45 11.86
N SER A 43 10.19 3.27 11.18
CA SER A 43 9.84 1.98 10.62
C SER A 43 10.41 1.86 9.21
N LYS A 44 10.39 0.63 8.70
CA LYS A 44 10.91 0.36 7.37
C LYS A 44 10.06 1.11 6.34
N ALA A 45 8.76 1.09 6.56
CA ALA A 45 7.83 1.76 5.67
C ALA A 45 8.23 3.23 5.53
N ALA A 46 8.81 3.75 6.61
CA ALA A 46 9.23 5.15 6.63
C ALA A 46 10.70 5.22 6.21
N GLN A 47 11.19 4.12 5.67
CA GLN A 47 12.57 4.05 5.23
C GLN A 47 12.66 3.33 3.88
N SER A 48 11.59 3.45 3.10
CA SER A 48 11.53 2.83 1.80
C SER A 48 10.97 3.80 0.77
N GLN A 49 9.72 3.55 0.38
CA GLN A 49 9.06 4.40 -0.59
C GLN A 49 7.58 4.58 -0.22
N LEU A 50 7.27 4.19 1.01
CA LEU A 50 5.89 4.29 1.49
C LEU A 50 5.71 5.65 2.19
N SER A 51 4.74 6.40 1.68
CA SER A 51 4.44 7.71 2.24
C SER A 51 2.95 7.84 2.52
N GLN A 52 2.63 8.59 3.56
CA GLN A 52 1.24 8.80 3.95
C GLN A 52 0.48 9.48 2.81
N GLY A 53 -0.57 8.82 2.36
CA GLY A 53 -1.39 9.35 1.29
C GLY A 53 -1.20 8.56 0.00
N ASP A 54 -0.07 7.87 -0.07
CA ASP A 54 0.26 7.07 -1.23
C ASP A 54 -1.01 6.35 -1.71
N LEU A 55 -1.00 6.01 -2.99
CA LEU A 55 -2.14 5.33 -3.59
C LEU A 55 -1.73 3.89 -3.96
N VAL A 56 -2.17 2.96 -3.13
CA VAL A 56 -1.87 1.56 -3.35
C VAL A 56 -2.72 1.02 -4.50
N VAL A 57 -2.04 0.39 -5.45
CA VAL A 57 -2.72 -0.16 -6.61
C VAL A 57 -2.79 -1.68 -6.47
N ALA A 58 -1.63 -2.27 -6.25
CA ALA A 58 -1.53 -3.71 -6.11
C ALA A 58 -0.60 -4.05 -4.93
N ILE A 59 -0.97 -5.09 -4.21
CA ILE A 59 -0.19 -5.52 -3.07
C ILE A 59 0.52 -6.84 -3.40
N ASP A 60 1.83 -6.76 -3.54
CA ASP A 60 2.62 -7.94 -3.85
C ASP A 60 2.37 -8.35 -5.30
N GLY A 61 1.66 -7.48 -6.02
CA GLY A 61 1.34 -7.74 -7.40
C GLY A 61 -0.15 -8.08 -7.56
N VAL A 62 -0.91 -7.77 -6.52
CA VAL A 62 -2.34 -8.03 -6.53
C VAL A 62 -3.10 -6.71 -6.34
N ASN A 63 -3.76 -6.30 -7.40
CA ASN A 63 -4.53 -5.06 -7.36
C ASN A 63 -5.29 -4.98 -6.04
N THR A 64 -5.63 -3.76 -5.66
CA THR A 64 -6.35 -3.53 -4.43
C THR A 64 -7.74 -2.95 -4.73
N ASP A 65 -8.00 -2.75 -6.02
CA ASP A 65 -9.28 -2.19 -6.44
C ASP A 65 -10.35 -3.29 -6.33
N THR A 66 -9.91 -4.47 -5.95
CA THR A 66 -10.83 -5.59 -5.80
C THR A 66 -10.85 -6.07 -4.35
N MET A 67 -10.03 -5.43 -3.53
CA MET A 67 -9.94 -5.79 -2.13
C MET A 67 -10.38 -4.61 -1.24
N THR A 68 -11.05 -4.95 -0.16
CA THR A 68 -11.53 -3.94 0.77
C THR A 68 -10.38 -3.45 1.66
N HIS A 69 -10.75 -2.75 2.72
CA HIS A 69 -9.77 -2.23 3.65
C HIS A 69 -9.14 -3.37 4.45
N LEU A 70 -10.00 -4.11 5.13
CA LEU A 70 -9.55 -5.24 5.92
C LEU A 70 -8.82 -6.24 5.03
N GLU A 71 -9.53 -6.69 4.01
CA GLU A 71 -8.95 -7.65 3.06
C GLU A 71 -7.48 -7.32 2.80
N ALA A 72 -7.24 -6.08 2.41
CA ALA A 72 -5.90 -5.62 2.13
C ALA A 72 -5.02 -5.84 3.36
N GLN A 73 -5.55 -5.42 4.50
CA GLN A 73 -4.83 -5.55 5.75
C GLN A 73 -4.41 -7.02 5.97
N ASN A 74 -5.28 -7.91 5.52
CA ASN A 74 -5.02 -9.33 5.67
C ASN A 74 -3.93 -9.75 4.67
N LYS A 75 -3.82 -8.96 3.60
CA LYS A 75 -2.83 -9.24 2.58
C LYS A 75 -1.43 -8.97 3.14
N ILE A 76 -1.35 -7.96 3.99
CA ILE A 76 -0.08 -7.60 4.61
C ILE A 76 0.49 -8.81 5.36
N LYS A 77 -0.36 -9.37 6.21
CA LYS A 77 0.03 -10.53 7.00
C LYS A 77 0.33 -11.70 6.05
N SER A 78 -0.52 -11.85 5.05
CA SER A 78 -0.37 -12.91 4.08
C SER A 78 1.11 -13.06 3.69
N ALA A 79 1.68 -11.95 3.27
CA ALA A 79 3.08 -11.93 2.86
C ALA A 79 3.92 -12.64 3.93
N SER A 80 5.12 -13.04 3.53
CA SER A 80 6.02 -13.72 4.44
C SER A 80 7.45 -13.20 4.24
N TYR A 81 8.10 -13.72 3.22
CA TYR A 81 9.47 -13.32 2.90
C TYR A 81 9.59 -11.80 2.86
N ASN A 82 8.79 -11.19 2.00
CA ASN A 82 8.79 -9.75 1.85
C ASN A 82 7.36 -9.24 1.72
N LEU A 83 7.22 -7.92 1.79
CA LEU A 83 5.91 -7.30 1.67
C LEU A 83 5.93 -6.28 0.55
N SER A 84 5.63 -6.75 -0.66
CA SER A 84 5.62 -5.89 -1.82
C SER A 84 4.28 -5.14 -1.90
N LEU A 85 4.37 -3.85 -2.18
CA LEU A 85 3.18 -3.02 -2.29
C LEU A 85 3.39 -2.00 -3.41
N THR A 86 2.50 -2.08 -4.41
CA THR A 86 2.57 -1.17 -5.54
C THR A 86 1.73 0.08 -5.27
N LEU A 87 2.41 1.20 -5.20
CA LEU A 87 1.73 2.47 -4.95
C LEU A 87 1.73 3.30 -6.23
N GLN A 88 1.01 4.41 -6.18
CA GLN A 88 0.92 5.30 -7.32
C GLN A 88 0.88 6.76 -6.86
N LYS A 89 1.71 7.58 -7.51
CA LYS A 89 1.76 8.99 -7.18
C LYS A 89 0.51 9.69 -7.70
N SER A 90 -0.31 10.13 -6.77
CA SER A 90 -1.55 10.82 -7.13
C SER A 90 -1.23 12.05 -7.98
N GLY A 1 -8.54 19.71 -17.36
CA GLY A 1 -9.50 18.63 -17.24
C GLY A 1 -8.81 17.26 -17.33
N SER A 2 -9.38 16.40 -18.17
CA SER A 2 -8.82 15.08 -18.36
C SER A 2 -8.82 14.31 -17.03
N SER A 3 -9.63 13.27 -16.97
CA SER A 3 -9.73 12.46 -15.78
C SER A 3 -8.94 11.16 -15.96
N GLY A 4 -8.76 10.46 -14.85
CA GLY A 4 -8.02 9.21 -14.86
C GLY A 4 -6.67 9.38 -15.57
N SER A 5 -5.67 9.76 -14.79
CA SER A 5 -4.34 9.96 -15.33
C SER A 5 -3.30 9.63 -14.26
N SER A 6 -2.29 8.87 -14.68
CA SER A 6 -1.22 8.48 -13.77
C SER A 6 -0.03 9.42 -13.93
N GLY A 7 0.81 9.43 -12.90
CA GLY A 7 1.99 10.28 -12.91
C GLY A 7 3.27 9.44 -12.78
N MET A 8 3.21 8.48 -11.88
CA MET A 8 4.35 7.60 -11.64
C MET A 8 4.00 6.49 -10.65
N SER A 9 3.77 5.31 -11.18
CA SER A 9 3.42 4.17 -10.35
C SER A 9 4.69 3.42 -9.94
N TYR A 10 4.80 3.21 -8.63
CA TYR A 10 5.96 2.50 -8.10
C TYR A 10 5.54 1.45 -7.07
N SER A 11 6.53 0.72 -6.57
CA SER A 11 6.27 -0.32 -5.58
C SER A 11 7.26 -0.20 -4.43
N VAL A 12 6.93 -0.86 -3.33
CA VAL A 12 7.77 -0.84 -2.16
C VAL A 12 8.01 -2.28 -1.68
N THR A 13 9.21 -2.50 -1.15
CA THR A 13 9.58 -3.81 -0.66
C THR A 13 9.73 -3.79 0.87
N LEU A 14 8.67 -4.18 1.54
CA LEU A 14 8.66 -4.20 2.99
C LEU A 14 9.17 -5.57 3.47
N THR A 15 10.49 -5.70 3.48
CA THR A 15 11.10 -6.95 3.92
C THR A 15 10.55 -7.37 5.28
N GLY A 16 10.16 -8.64 5.35
CA GLY A 16 9.61 -9.18 6.58
C GLY A 16 10.68 -9.94 7.37
N PRO A 17 10.24 -10.52 8.52
CA PRO A 17 8.85 -10.43 8.93
C PRO A 17 8.54 -9.04 9.48
N GLY A 18 7.31 -8.89 9.97
CA GLY A 18 6.88 -7.63 10.53
C GLY A 18 7.84 -7.16 11.63
N PRO A 19 7.37 -6.14 12.40
CA PRO A 19 6.06 -5.58 12.18
C PRO A 19 6.05 -4.67 10.95
N TRP A 20 4.85 -4.20 10.60
CA TRP A 20 4.69 -3.33 9.45
C TRP A 20 4.30 -1.95 9.96
N GLY A 21 5.30 -1.07 10.04
CA GLY A 21 5.06 0.28 10.50
C GLY A 21 4.36 1.12 9.43
N PHE A 22 3.23 0.60 8.98
CA PHE A 22 2.46 1.28 7.95
C PHE A 22 1.00 0.82 7.97
N ARG A 23 0.11 1.79 7.96
CA ARG A 23 -1.32 1.50 7.97
C ARG A 23 -1.94 1.81 6.61
N LEU A 24 -3.18 1.36 6.44
CA LEU A 24 -3.89 1.59 5.19
C LEU A 24 -5.04 2.57 5.44
N GLN A 25 -5.51 3.17 4.36
CA GLN A 25 -6.60 4.12 4.44
C GLN A 25 -7.71 3.73 3.47
N GLY A 26 -8.86 4.38 3.64
CA GLY A 26 -10.00 4.12 2.78
C GLY A 26 -10.09 2.63 2.42
N GLY A 27 -10.29 2.38 1.14
CA GLY A 27 -10.40 1.02 0.65
C GLY A 27 -11.72 0.80 -0.11
N LYS A 28 -11.81 -0.35 -0.75
CA LYS A 28 -13.00 -0.69 -1.52
C LYS A 28 -14.21 -0.60 -0.60
N ASP A 29 -14.02 -1.06 0.63
CA ASP A 29 -15.11 -1.04 1.61
C ASP A 29 -15.47 0.41 1.92
N PHE A 30 -14.44 1.23 2.07
CA PHE A 30 -14.64 2.64 2.37
C PHE A 30 -14.94 3.44 1.10
N ASN A 31 -15.05 2.72 -0.01
CA ASN A 31 -15.33 3.34 -1.28
C ASN A 31 -14.26 4.39 -1.58
N MET A 32 -13.06 4.11 -1.11
CA MET A 32 -11.94 5.02 -1.31
C MET A 32 -10.68 4.27 -1.72
N PRO A 33 -9.70 5.04 -2.27
CA PRO A 33 -8.45 4.45 -2.71
C PRO A 33 -7.55 4.10 -1.52
N LEU A 34 -7.09 2.86 -1.51
CA LEU A 34 -6.24 2.38 -0.44
C LEU A 34 -4.94 3.20 -0.43
N THR A 35 -4.87 4.14 0.50
CA THR A 35 -3.70 4.99 0.63
C THR A 35 -2.99 4.73 1.96
N ILE A 36 -1.72 5.09 1.99
CA ILE A 36 -0.93 4.90 3.19
C ILE A 36 -1.49 5.78 4.32
N SER A 37 -2.28 5.15 5.17
CA SER A 37 -2.89 5.86 6.29
C SER A 37 -1.81 6.61 7.07
N ARG A 38 -1.04 5.87 7.83
CA ARG A 38 0.02 6.46 8.64
C ARG A 38 1.25 5.56 8.62
N ILE A 39 2.37 6.12 9.08
CA ILE A 39 3.61 5.38 9.13
C ILE A 39 4.39 5.78 10.38
N THR A 40 5.00 4.78 11.01
CA THR A 40 5.76 5.01 12.22
C THR A 40 7.19 5.46 11.87
N PRO A 41 7.70 6.43 12.67
CA PRO A 41 9.04 6.95 12.46
C PRO A 41 10.10 5.95 12.93
N GLY A 42 10.86 5.46 11.97
CA GLY A 42 11.91 4.49 12.28
C GLY A 42 11.63 3.15 11.61
N SER A 43 10.37 2.93 11.31
CA SER A 43 9.95 1.68 10.67
C SER A 43 10.51 1.63 9.24
N LYS A 44 10.39 0.45 8.65
CA LYS A 44 10.87 0.25 7.29
C LYS A 44 9.99 1.03 6.32
N ALA A 45 8.77 1.30 6.76
CA ALA A 45 7.82 2.04 5.95
C ALA A 45 8.19 3.52 5.96
N ALA A 46 9.03 3.88 6.92
CA ALA A 46 9.47 5.26 7.05
C ALA A 46 10.93 5.37 6.63
N GLN A 47 11.43 4.29 6.03
CA GLN A 47 12.81 4.26 5.57
C GLN A 47 12.89 3.67 4.16
N SER A 48 11.73 3.60 3.52
CA SER A 48 11.65 3.07 2.17
C SER A 48 11.12 4.14 1.22
N GLN A 49 10.04 3.79 0.53
CA GLN A 49 9.42 4.70 -0.42
C GLN A 49 7.98 4.99 -0.01
N LEU A 50 7.52 4.25 1.00
CA LEU A 50 6.16 4.41 1.48
C LEU A 50 6.03 5.77 2.17
N SER A 51 5.03 6.52 1.73
CA SER A 51 4.78 7.84 2.30
C SER A 51 3.28 8.03 2.53
N GLN A 52 2.98 8.74 3.61
CA GLN A 52 1.59 9.01 3.96
C GLN A 52 0.88 9.73 2.81
N GLY A 53 -0.23 9.15 2.37
CA GLY A 53 -0.99 9.72 1.28
C GLY A 53 -0.89 8.86 0.02
N ASP A 54 0.26 8.20 -0.10
CA ASP A 54 0.50 7.35 -1.25
C ASP A 54 -0.79 6.61 -1.62
N LEU A 55 -0.87 6.19 -2.88
CA LEU A 55 -2.03 5.48 -3.36
C LEU A 55 -1.64 4.03 -3.69
N VAL A 56 -2.23 3.12 -2.93
CA VAL A 56 -1.96 1.71 -3.12
C VAL A 56 -2.87 1.16 -4.22
N VAL A 57 -2.25 0.45 -5.16
CA VAL A 57 -2.99 -0.13 -6.27
C VAL A 57 -3.08 -1.64 -6.07
N ALA A 58 -1.92 -2.25 -5.84
CA ALA A 58 -1.87 -3.69 -5.64
C ALA A 58 -0.95 -3.99 -4.45
N ILE A 59 -1.29 -5.05 -3.74
CA ILE A 59 -0.50 -5.46 -2.58
C ILE A 59 0.19 -6.79 -2.88
N ASP A 60 1.50 -6.72 -3.02
CA ASP A 60 2.29 -7.90 -3.31
C ASP A 60 2.01 -8.37 -4.73
N GLY A 61 1.31 -7.51 -5.47
CA GLY A 61 0.96 -7.81 -6.85
C GLY A 61 -0.53 -8.13 -6.99
N VAL A 62 -1.27 -7.78 -5.96
CA VAL A 62 -2.71 -8.01 -5.95
C VAL A 62 -3.44 -6.68 -5.78
N ASN A 63 -4.13 -6.29 -6.85
CA ASN A 63 -4.89 -5.05 -6.84
C ASN A 63 -5.58 -4.89 -5.48
N THR A 64 -5.94 -3.65 -5.17
CA THR A 64 -6.61 -3.36 -3.92
C THR A 64 -7.99 -2.77 -4.18
N ASP A 65 -8.08 -2.00 -5.27
CA ASP A 65 -9.34 -1.38 -5.64
C ASP A 65 -10.48 -2.40 -5.50
N THR A 66 -10.11 -3.66 -5.68
CA THR A 66 -11.08 -4.74 -5.58
C THR A 66 -11.15 -5.27 -4.15
N MET A 67 -10.01 -5.24 -3.48
CA MET A 67 -9.93 -5.72 -2.10
C MET A 67 -10.34 -4.61 -1.13
N THR A 68 -11.08 -5.02 -0.11
CA THR A 68 -11.54 -4.08 0.90
C THR A 68 -10.39 -3.66 1.81
N HIS A 69 -10.72 -2.88 2.82
CA HIS A 69 -9.72 -2.41 3.77
C HIS A 69 -9.08 -3.60 4.48
N LEU A 70 -9.92 -4.58 4.78
CA LEU A 70 -9.45 -5.78 5.47
C LEU A 70 -8.68 -6.65 4.48
N GLU A 71 -9.37 -7.10 3.45
CA GLU A 71 -8.75 -7.94 2.43
C GLU A 71 -7.33 -7.46 2.15
N ALA A 72 -7.19 -6.15 2.00
CA ALA A 72 -5.88 -5.57 1.73
C ALA A 72 -4.97 -5.79 2.93
N GLN A 73 -5.53 -5.55 4.11
CA GLN A 73 -4.79 -5.70 5.35
C GLN A 73 -4.39 -7.17 5.54
N ASN A 74 -5.39 -8.04 5.43
CA ASN A 74 -5.15 -9.46 5.58
C ASN A 74 -4.02 -9.91 4.66
N LYS A 75 -3.92 -9.20 3.53
CA LYS A 75 -2.88 -9.51 2.56
C LYS A 75 -1.50 -9.26 3.19
N ILE A 76 -1.43 -8.19 3.99
CA ILE A 76 -0.19 -7.84 4.64
C ILE A 76 0.31 -9.04 5.45
N LYS A 77 -0.58 -9.56 6.29
CA LYS A 77 -0.23 -10.70 7.12
C LYS A 77 0.20 -11.86 6.22
N SER A 78 -0.44 -11.96 5.07
CA SER A 78 -0.13 -13.02 4.12
C SER A 78 1.38 -13.06 3.86
N ALA A 79 1.93 -11.89 3.55
CA ALA A 79 3.35 -11.78 3.27
C ALA A 79 4.14 -12.41 4.42
N SER A 80 5.33 -12.89 4.09
CA SER A 80 6.19 -13.51 5.08
C SER A 80 7.62 -13.01 4.92
N TYR A 81 8.27 -13.50 3.87
CA TYR A 81 9.64 -13.12 3.60
C TYR A 81 9.74 -11.62 3.28
N ASN A 82 8.97 -11.21 2.27
CA ASN A 82 8.96 -9.83 1.86
C ASN A 82 7.53 -9.40 1.55
N LEU A 83 7.24 -8.15 1.88
CA LEU A 83 5.91 -7.61 1.64
C LEU A 83 5.99 -6.49 0.60
N SER A 84 5.55 -6.82 -0.61
CA SER A 84 5.56 -5.85 -1.70
C SER A 84 4.23 -5.12 -1.77
N LEU A 85 4.31 -3.85 -2.14
CA LEU A 85 3.12 -3.03 -2.25
C LEU A 85 3.29 -2.03 -3.40
N THR A 86 2.38 -2.11 -4.35
CA THR A 86 2.42 -1.22 -5.50
C THR A 86 1.61 0.05 -5.24
N LEU A 87 2.30 1.18 -5.27
CA LEU A 87 1.66 2.46 -5.03
C LEU A 87 1.56 3.23 -6.34
N GLN A 88 0.85 4.35 -6.29
CA GLN A 88 0.68 5.18 -7.47
C GLN A 88 0.79 6.66 -7.09
N LYS A 89 1.51 7.40 -7.92
CA LYS A 89 1.69 8.82 -7.68
C LYS A 89 0.39 9.56 -7.98
N SER A 90 -0.14 10.20 -6.95
CA SER A 90 -1.38 10.94 -7.07
C SER A 90 -1.08 12.44 -7.22
N GLY A 1 -4.75 0.82 -19.47
CA GLY A 1 -4.96 2.02 -20.28
C GLY A 1 -6.45 2.29 -20.50
N SER A 2 -7.03 3.03 -19.57
CA SER A 2 -8.43 3.37 -19.65
C SER A 2 -8.72 4.62 -18.82
N SER A 3 -8.41 4.53 -17.54
CA SER A 3 -8.62 5.65 -16.63
C SER A 3 -7.30 6.39 -16.39
N GLY A 4 -7.33 7.69 -16.63
CA GLY A 4 -6.16 8.51 -16.45
C GLY A 4 -5.80 8.62 -14.96
N SER A 5 -5.42 9.83 -14.56
CA SER A 5 -5.05 10.08 -13.18
C SER A 5 -3.82 9.24 -12.81
N SER A 6 -2.66 9.70 -13.27
CA SER A 6 -1.42 9.01 -13.01
C SER A 6 -0.24 9.94 -13.28
N GLY A 7 0.95 9.44 -12.97
CA GLY A 7 2.16 10.21 -13.18
C GLY A 7 3.41 9.34 -13.01
N MET A 8 3.39 8.52 -11.96
CA MET A 8 4.50 7.63 -11.68
C MET A 8 4.11 6.57 -10.66
N SER A 9 3.89 5.36 -11.17
CA SER A 9 3.51 4.25 -10.31
C SER A 9 4.75 3.46 -9.90
N TYR A 10 4.89 3.28 -8.59
CA TYR A 10 6.03 2.55 -8.06
C TYR A 10 5.57 1.52 -7.02
N SER A 11 6.53 0.76 -6.53
CA SER A 11 6.24 -0.27 -5.53
C SER A 11 7.30 -0.23 -4.42
N VAL A 12 6.95 -0.85 -3.30
CA VAL A 12 7.86 -0.90 -2.16
C VAL A 12 8.11 -2.35 -1.78
N THR A 13 9.36 -2.63 -1.43
CA THR A 13 9.75 -3.97 -1.04
C THR A 13 10.20 -4.00 0.42
N LEU A 14 9.30 -4.46 1.27
CA LEU A 14 9.59 -4.54 2.70
C LEU A 14 9.92 -5.98 3.07
N THR A 15 11.21 -6.26 3.17
CA THR A 15 11.67 -7.60 3.52
C THR A 15 11.17 -7.99 4.91
N GLY A 16 10.58 -9.17 4.98
CA GLY A 16 10.06 -9.67 6.24
C GLY A 16 11.11 -10.51 6.97
N PRO A 17 10.98 -10.54 8.33
CA PRO A 17 9.92 -9.79 9.00
C PRO A 17 10.22 -8.30 9.01
N GLY A 18 9.17 -7.52 8.84
CA GLY A 18 9.30 -6.07 8.83
C GLY A 18 9.90 -5.57 10.14
N PRO A 19 8.99 -5.25 11.10
CA PRO A 19 7.57 -5.40 10.87
C PRO A 19 7.04 -4.28 9.96
N TRP A 20 5.77 -4.40 9.60
CA TRP A 20 5.15 -3.41 8.74
C TRP A 20 4.42 -2.42 9.64
N GLY A 21 5.06 -1.29 9.86
CA GLY A 21 4.49 -0.24 10.70
C GLY A 21 3.75 0.79 9.86
N PHE A 22 2.75 0.30 9.13
CA PHE A 22 1.96 1.18 8.28
C PHE A 22 0.52 0.67 8.17
N ARG A 23 -0.41 1.60 8.32
CA ARG A 23 -1.83 1.27 8.25
C ARG A 23 -2.36 1.54 6.83
N LEU A 24 -3.58 1.07 6.60
CA LEU A 24 -4.21 1.25 5.31
C LEU A 24 -5.35 2.26 5.44
N GLN A 25 -5.64 2.92 4.33
CA GLN A 25 -6.71 3.92 4.31
C GLN A 25 -7.76 3.54 3.26
N GLY A 26 -8.84 4.29 3.27
CA GLY A 26 -9.93 4.06 2.34
C GLY A 26 -10.13 2.56 2.09
N GLY A 27 -10.31 2.20 0.83
CA GLY A 27 -10.52 0.81 0.46
C GLY A 27 -11.91 0.61 -0.14
N LYS A 28 -12.04 -0.48 -0.89
CA LYS A 28 -13.31 -0.80 -1.51
C LYS A 28 -14.44 -0.66 -0.49
N ASP A 29 -14.13 -1.05 0.75
CA ASP A 29 -15.09 -0.97 1.83
C ASP A 29 -15.55 0.48 1.98
N PHE A 30 -14.57 1.37 2.03
CA PHE A 30 -14.86 2.79 2.19
C PHE A 30 -14.99 3.47 0.82
N ASN A 31 -15.23 2.66 -0.19
CA ASN A 31 -15.38 3.17 -1.55
C ASN A 31 -14.28 4.20 -1.82
N MET A 32 -13.11 3.93 -1.26
CA MET A 32 -11.98 4.83 -1.43
C MET A 32 -10.74 4.07 -1.90
N PRO A 33 -9.75 4.83 -2.42
CA PRO A 33 -8.52 4.25 -2.90
C PRO A 33 -7.62 3.83 -1.74
N LEU A 34 -7.16 2.59 -1.80
CA LEU A 34 -6.29 2.05 -0.77
C LEU A 34 -5.03 2.92 -0.67
N THR A 35 -5.01 3.76 0.36
CA THR A 35 -3.87 4.64 0.58
C THR A 35 -3.17 4.29 1.88
N ILE A 36 -1.98 4.85 2.05
CA ILE A 36 -1.20 4.61 3.26
C ILE A 36 -1.73 5.49 4.39
N SER A 37 -2.64 4.92 5.16
CA SER A 37 -3.23 5.64 6.29
C SER A 37 -2.15 6.43 7.02
N ARG A 38 -1.24 5.69 7.64
CA ARG A 38 -0.14 6.30 8.38
C ARG A 38 1.05 5.35 8.47
N ILE A 39 2.18 5.91 8.85
CA ILE A 39 3.40 5.11 8.97
C ILE A 39 4.11 5.49 10.28
N THR A 40 4.79 4.50 10.85
CA THR A 40 5.51 4.71 12.09
C THR A 40 6.88 5.33 11.81
N PRO A 41 7.32 6.21 12.74
CA PRO A 41 8.60 6.87 12.61
C PRO A 41 9.75 5.91 12.92
N GLY A 42 10.53 5.60 11.89
CA GLY A 42 11.66 4.70 12.05
C GLY A 42 11.40 3.37 11.35
N SER A 43 10.12 3.07 11.16
CA SER A 43 9.72 1.83 10.51
C SER A 43 10.22 1.82 9.07
N LYS A 44 10.35 0.62 8.53
CA LYS A 44 10.82 0.46 7.16
C LYS A 44 9.90 1.24 6.22
N ALA A 45 8.65 1.35 6.63
CA ALA A 45 7.65 2.05 5.83
C ALA A 45 8.07 3.52 5.71
N ALA A 46 8.71 4.02 6.76
CA ALA A 46 9.16 5.39 6.78
C ALA A 46 10.62 5.45 6.34
N GLN A 47 11.19 4.28 6.12
CA GLN A 47 12.57 4.18 5.69
C GLN A 47 12.70 3.28 4.47
N SER A 48 11.65 3.30 3.65
CA SER A 48 11.63 2.48 2.45
C SER A 48 11.30 3.36 1.24
N GLN A 49 10.02 3.58 1.03
CA GLN A 49 9.57 4.39 -0.09
C GLN A 49 8.09 4.75 0.08
N LEU A 50 7.34 3.80 0.61
CA LEU A 50 5.91 4.01 0.82
C LEU A 50 5.72 5.08 1.89
N SER A 51 5.01 6.13 1.51
CA SER A 51 4.74 7.23 2.42
C SER A 51 3.24 7.37 2.64
N GLN A 52 2.89 8.27 3.54
CA GLN A 52 1.49 8.51 3.86
C GLN A 52 0.79 9.24 2.69
N GLY A 53 -0.46 8.87 2.48
CA GLY A 53 -1.24 9.48 1.41
C GLY A 53 -1.08 8.68 0.11
N ASP A 54 0.07 8.02 -0.01
CA ASP A 54 0.36 7.23 -1.19
C ASP A 54 -0.91 6.50 -1.63
N LEU A 55 -0.96 6.17 -2.91
CA LEU A 55 -2.10 5.46 -3.47
C LEU A 55 -1.68 4.04 -3.84
N VAL A 56 -2.15 3.09 -3.04
CA VAL A 56 -1.85 1.69 -3.26
C VAL A 56 -2.68 1.17 -4.43
N VAL A 57 -2.01 0.51 -5.35
CA VAL A 57 -2.68 -0.04 -6.51
C VAL A 57 -2.74 -1.56 -6.39
N ALA A 58 -1.61 -2.13 -5.97
CA ALA A 58 -1.52 -3.57 -5.80
C ALA A 58 -0.71 -3.88 -4.53
N ILE A 59 -0.96 -5.07 -3.99
CA ILE A 59 -0.26 -5.50 -2.79
C ILE A 59 0.39 -6.87 -3.05
N ASP A 60 1.71 -6.85 -3.11
CA ASP A 60 2.46 -8.07 -3.34
C ASP A 60 2.29 -8.50 -4.80
N GLY A 61 1.71 -7.60 -5.58
CA GLY A 61 1.48 -7.88 -6.98
C GLY A 61 0.00 -8.17 -7.26
N VAL A 62 -0.82 -7.80 -6.29
CA VAL A 62 -2.26 -8.02 -6.40
C VAL A 62 -2.98 -6.67 -6.28
N ASN A 63 -3.59 -6.27 -7.39
CA ASN A 63 -4.32 -5.01 -7.42
C ASN A 63 -5.25 -4.93 -6.22
N THR A 64 -5.46 -3.71 -5.75
CA THR A 64 -6.32 -3.48 -4.60
C THR A 64 -7.66 -2.90 -5.05
N ASP A 65 -7.86 -2.90 -6.36
CA ASP A 65 -9.10 -2.38 -6.94
C ASP A 65 -10.19 -3.44 -6.84
N THR A 66 -10.45 -3.87 -5.61
CA THR A 66 -11.47 -4.87 -5.37
C THR A 66 -11.42 -5.36 -3.93
N MET A 67 -10.21 -5.35 -3.38
CA MET A 67 -10.00 -5.79 -2.01
C MET A 67 -10.44 -4.70 -1.02
N THR A 68 -11.15 -5.13 0.01
CA THR A 68 -11.63 -4.20 1.03
C THR A 68 -10.47 -3.78 1.94
N HIS A 69 -10.78 -2.84 2.83
CA HIS A 69 -9.78 -2.35 3.77
C HIS A 69 -9.10 -3.52 4.47
N LEU A 70 -9.93 -4.41 5.00
CA LEU A 70 -9.42 -5.58 5.70
C LEU A 70 -8.62 -6.45 4.72
N GLU A 71 -9.32 -6.90 3.69
CA GLU A 71 -8.69 -7.74 2.68
C GLU A 71 -7.27 -7.25 2.39
N ALA A 72 -7.14 -5.94 2.27
CA ALA A 72 -5.85 -5.33 1.99
C ALA A 72 -4.93 -5.52 3.21
N GLN A 73 -5.51 -5.31 4.38
CA GLN A 73 -4.76 -5.46 5.62
C GLN A 73 -4.31 -6.92 5.79
N ASN A 74 -5.27 -7.82 5.64
CA ASN A 74 -4.99 -9.24 5.77
C ASN A 74 -3.88 -9.63 4.80
N LYS A 75 -3.82 -8.92 3.69
CA LYS A 75 -2.82 -9.18 2.68
C LYS A 75 -1.43 -8.95 3.28
N ILE A 76 -1.35 -7.96 4.16
CA ILE A 76 -0.09 -7.62 4.80
C ILE A 76 0.42 -8.84 5.56
N LYS A 77 -0.45 -9.39 6.40
CA LYS A 77 -0.10 -10.55 7.19
C LYS A 77 0.23 -11.72 6.24
N SER A 78 -0.63 -11.90 5.25
CA SER A 78 -0.45 -12.96 4.28
C SER A 78 1.03 -13.09 3.91
N ALA A 79 1.60 -11.96 3.49
CA ALA A 79 3.00 -11.93 3.09
C ALA A 79 3.83 -12.70 4.13
N SER A 80 4.98 -13.19 3.68
CA SER A 80 5.86 -13.94 4.55
C SER A 80 7.29 -13.42 4.40
N TYR A 81 7.96 -13.88 3.35
CA TYR A 81 9.32 -13.47 3.09
C TYR A 81 9.44 -11.95 3.00
N ASN A 82 8.66 -11.37 2.10
CA ASN A 82 8.66 -9.93 1.91
C ASN A 82 7.22 -9.44 1.70
N LEU A 83 7.05 -8.15 1.87
CA LEU A 83 5.74 -7.55 1.71
C LEU A 83 5.81 -6.44 0.65
N SER A 84 5.62 -6.84 -0.59
CA SER A 84 5.66 -5.90 -1.70
C SER A 84 4.34 -5.14 -1.80
N LEU A 85 4.44 -3.88 -2.17
CA LEU A 85 3.27 -3.04 -2.31
C LEU A 85 3.46 -2.09 -3.50
N THR A 86 2.41 -1.97 -4.30
CA THR A 86 2.46 -1.11 -5.47
C THR A 86 1.64 0.16 -5.20
N LEU A 87 2.35 1.29 -5.18
CA LEU A 87 1.71 2.57 -4.95
C LEU A 87 1.69 3.37 -6.26
N GLN A 88 0.98 4.49 -6.22
CA GLN A 88 0.86 5.35 -7.38
C GLN A 88 1.02 6.81 -6.99
N LYS A 89 1.68 7.57 -7.85
CA LYS A 89 1.91 8.98 -7.60
C LYS A 89 0.58 9.73 -7.74
N SER A 90 0.15 10.32 -6.63
CA SER A 90 -1.09 11.07 -6.62
C SER A 90 -0.93 12.36 -7.41
N GLY A 1 -8.36 7.66 -23.04
CA GLY A 1 -8.47 8.96 -22.42
C GLY A 1 -9.87 9.18 -21.83
N SER A 2 -10.02 8.77 -20.59
CA SER A 2 -11.30 8.90 -19.90
C SER A 2 -11.08 9.22 -18.42
N SER A 3 -10.37 8.30 -17.76
CA SER A 3 -10.09 8.47 -16.35
C SER A 3 -8.86 7.63 -15.97
N GLY A 4 -7.71 8.29 -15.98
CA GLY A 4 -6.46 7.62 -15.64
C GLY A 4 -5.28 8.59 -15.73
N SER A 5 -5.31 9.60 -14.87
CA SER A 5 -4.26 10.59 -14.85
C SER A 5 -3.22 10.23 -13.78
N SER A 6 -2.26 9.43 -14.19
CA SER A 6 -1.20 8.99 -13.28
C SER A 6 -0.02 9.96 -13.37
N GLY A 7 0.85 9.86 -12.37
CA GLY A 7 2.02 10.72 -12.32
C GLY A 7 3.31 9.89 -12.23
N MET A 8 3.24 8.82 -11.45
CA MET A 8 4.38 7.93 -11.27
C MET A 8 4.01 6.73 -10.40
N SER A 9 3.83 5.60 -11.06
CA SER A 9 3.47 4.38 -10.36
C SER A 9 4.74 3.64 -9.92
N TYR A 10 4.83 3.40 -8.62
CA TYR A 10 5.99 2.72 -8.06
C TYR A 10 5.54 1.60 -7.11
N SER A 11 6.53 0.89 -6.60
CA SER A 11 6.27 -0.21 -5.68
C SER A 11 7.25 -0.16 -4.51
N VAL A 12 6.98 -0.97 -3.50
CA VAL A 12 7.82 -1.03 -2.33
C VAL A 12 8.13 -2.50 -2.00
N THR A 13 9.34 -2.71 -1.48
CA THR A 13 9.76 -4.06 -1.13
C THR A 13 10.29 -4.08 0.30
N LEU A 14 9.41 -4.45 1.23
CA LEU A 14 9.78 -4.52 2.63
C LEU A 14 10.04 -5.98 3.01
N THR A 15 11.30 -6.28 3.25
CA THR A 15 11.69 -7.63 3.62
C THR A 15 11.15 -7.97 5.02
N GLY A 16 10.46 -9.10 5.09
CA GLY A 16 9.88 -9.55 6.35
C GLY A 16 10.87 -10.45 7.11
N PRO A 17 10.72 -10.45 8.46
CA PRO A 17 9.71 -9.64 9.09
C PRO A 17 10.11 -8.16 9.10
N GLY A 18 9.11 -7.31 8.95
CA GLY A 18 9.34 -5.87 8.94
C GLY A 18 9.87 -5.39 10.29
N PRO A 19 8.92 -5.09 11.21
CA PRO A 19 7.51 -5.22 10.90
C PRO A 19 7.04 -4.09 9.99
N TRP A 20 5.79 -4.20 9.56
CA TRP A 20 5.21 -3.19 8.68
C TRP A 20 4.47 -2.18 9.55
N GLY A 21 5.15 -1.07 9.82
CA GLY A 21 4.57 -0.02 10.63
C GLY A 21 3.82 1.00 9.77
N PHE A 22 2.84 0.50 9.04
CA PHE A 22 2.05 1.35 8.17
C PHE A 22 0.59 0.86 8.11
N ARG A 23 -0.32 1.82 8.20
CA ARG A 23 -1.74 1.50 8.16
C ARG A 23 -2.28 1.70 6.74
N LEU A 24 -3.52 1.24 6.55
CA LEU A 24 -4.15 1.36 5.24
C LEU A 24 -5.35 2.30 5.35
N GLN A 25 -5.73 2.85 4.22
CA GLN A 25 -6.85 3.78 4.17
C GLN A 25 -7.88 3.32 3.13
N GLY A 26 -9.03 3.97 3.14
CA GLY A 26 -10.09 3.65 2.21
C GLY A 26 -10.15 2.14 1.96
N GLY A 27 -10.54 1.79 0.74
CA GLY A 27 -10.63 0.39 0.36
C GLY A 27 -11.96 0.11 -0.33
N LYS A 28 -12.04 -1.06 -0.96
CA LYS A 28 -13.23 -1.46 -1.66
C LYS A 28 -14.43 -1.38 -0.71
N ASP A 29 -14.15 -1.63 0.56
CA ASP A 29 -15.19 -1.59 1.58
C ASP A 29 -15.73 -0.16 1.69
N PHE A 30 -14.80 0.79 1.74
CA PHE A 30 -15.17 2.20 1.85
C PHE A 30 -15.38 2.82 0.47
N ASN A 31 -15.19 1.99 -0.55
CA ASN A 31 -15.35 2.45 -1.92
C ASN A 31 -14.29 3.51 -2.23
N MET A 32 -13.22 3.47 -1.45
CA MET A 32 -12.14 4.42 -1.63
C MET A 32 -10.84 3.70 -2.06
N PRO A 33 -9.88 4.52 -2.57
CA PRO A 33 -8.61 3.98 -3.01
C PRO A 33 -7.72 3.61 -1.82
N LEU A 34 -7.24 2.38 -1.84
CA LEU A 34 -6.38 1.90 -0.78
C LEU A 34 -5.13 2.77 -0.70
N THR A 35 -5.13 3.67 0.29
CA THR A 35 -4.00 4.57 0.48
C THR A 35 -3.35 4.31 1.83
N ILE A 36 -2.13 4.83 1.98
CA ILE A 36 -1.39 4.67 3.21
C ILE A 36 -2.00 5.54 4.31
N SER A 37 -2.69 4.89 5.22
CA SER A 37 -3.33 5.61 6.31
C SER A 37 -2.30 6.42 7.09
N ARG A 38 -1.41 5.70 7.76
CA ARG A 38 -0.36 6.34 8.54
C ARG A 38 0.93 5.51 8.49
N ILE A 39 2.01 6.11 8.97
CA ILE A 39 3.29 5.43 8.99
C ILE A 39 4.04 5.81 10.26
N THR A 40 4.68 4.81 10.85
CA THR A 40 5.44 5.03 12.07
C THR A 40 6.88 5.42 11.75
N PRO A 41 7.39 6.42 12.52
CA PRO A 41 8.76 6.89 12.32
C PRO A 41 9.77 5.89 12.87
N GLY A 42 10.68 5.46 12.00
CA GLY A 42 11.70 4.51 12.38
C GLY A 42 11.40 3.13 11.82
N SER A 43 10.14 2.91 11.50
CA SER A 43 9.71 1.63 10.94
C SER A 43 10.26 1.47 9.53
N LYS A 44 9.95 0.32 8.94
CA LYS A 44 10.41 0.02 7.59
C LYS A 44 9.73 0.97 6.61
N ALA A 45 8.49 1.28 6.91
CA ALA A 45 7.72 2.17 6.06
C ALA A 45 8.37 3.55 6.05
N ALA A 46 9.12 3.82 7.11
CA ALA A 46 9.79 5.10 7.24
C ALA A 46 11.24 4.97 6.73
N GLN A 47 11.46 3.88 6.00
CA GLN A 47 12.79 3.63 5.45
C GLN A 47 12.67 3.10 4.01
N SER A 48 11.47 3.22 3.47
CA SER A 48 11.21 2.76 2.11
C SER A 48 10.69 3.92 1.27
N GLN A 49 9.70 3.61 0.44
CA GLN A 49 9.09 4.60 -0.43
C GLN A 49 7.61 4.77 -0.10
N LEU A 50 7.25 4.35 1.10
CA LEU A 50 5.87 4.45 1.55
C LEU A 50 5.66 5.79 2.27
N SER A 51 4.72 6.56 1.75
CA SER A 51 4.41 7.85 2.32
C SER A 51 2.90 7.97 2.57
N GLN A 52 2.57 8.62 3.68
CA GLN A 52 1.18 8.81 4.05
C GLN A 52 0.42 9.51 2.91
N GLY A 53 -0.62 8.85 2.43
CA GLY A 53 -1.42 9.41 1.36
C GLY A 53 -1.25 8.60 0.06
N ASP A 54 -0.09 7.98 -0.06
CA ASP A 54 0.22 7.17 -1.22
C ASP A 54 -1.03 6.40 -1.65
N LEU A 55 -1.07 6.03 -2.91
CA LEU A 55 -2.19 5.29 -3.45
C LEU A 55 -1.74 3.86 -3.79
N VAL A 56 -2.27 2.92 -3.05
CA VAL A 56 -1.93 1.52 -3.26
C VAL A 56 -2.76 0.97 -4.43
N VAL A 57 -2.06 0.33 -5.36
CA VAL A 57 -2.70 -0.24 -6.53
C VAL A 57 -2.73 -1.76 -6.40
N ALA A 58 -1.60 -2.31 -5.99
CA ALA A 58 -1.49 -3.75 -5.82
C ALA A 58 -0.67 -4.05 -4.56
N ILE A 59 -0.90 -5.23 -4.00
CA ILE A 59 -0.19 -5.65 -2.80
C ILE A 59 0.45 -7.01 -3.05
N ASP A 60 1.78 -7.00 -3.11
CA ASP A 60 2.52 -8.23 -3.34
C ASP A 60 2.31 -8.69 -4.79
N GLY A 61 1.72 -7.81 -5.58
CA GLY A 61 1.45 -8.11 -6.97
C GLY A 61 -0.03 -8.41 -7.20
N VAL A 62 -0.84 -8.01 -6.22
CA VAL A 62 -2.27 -8.21 -6.29
C VAL A 62 -2.99 -6.86 -6.17
N ASN A 63 -3.62 -6.46 -7.27
CA ASN A 63 -4.35 -5.21 -7.29
C ASN A 63 -5.13 -5.05 -5.99
N THR A 64 -5.54 -3.81 -5.73
CA THR A 64 -6.30 -3.52 -4.52
C THR A 64 -7.64 -2.89 -4.89
N ASP A 65 -7.98 -2.97 -6.17
CA ASP A 65 -9.22 -2.41 -6.66
C ASP A 65 -10.32 -3.48 -6.58
N THR A 66 -10.04 -4.52 -5.81
CA THR A 66 -10.99 -5.60 -5.64
C THR A 66 -10.87 -6.20 -4.24
N MET A 67 -10.27 -5.42 -3.34
CA MET A 67 -10.08 -5.86 -1.97
C MET A 67 -10.53 -4.78 -0.99
N THR A 68 -11.22 -5.22 0.06
CA THR A 68 -11.70 -4.30 1.08
C THR A 68 -10.56 -3.89 2.00
N HIS A 69 -10.78 -2.77 2.69
CA HIS A 69 -9.78 -2.25 3.60
C HIS A 69 -9.14 -3.40 4.38
N LEU A 70 -9.98 -4.16 5.06
CA LEU A 70 -9.52 -5.29 5.84
C LEU A 70 -8.75 -6.24 4.93
N GLU A 71 -9.44 -6.72 3.90
CA GLU A 71 -8.84 -7.64 2.96
C GLU A 71 -7.38 -7.26 2.70
N ALA A 72 -7.18 -6.03 2.29
CA ALA A 72 -5.85 -5.53 2.01
C ALA A 72 -4.96 -5.74 3.24
N GLN A 73 -5.47 -5.29 4.38
CA GLN A 73 -4.74 -5.42 5.62
C GLN A 73 -4.28 -6.87 5.82
N ASN A 74 -5.13 -7.79 5.41
CA ASN A 74 -4.82 -9.20 5.53
C ASN A 74 -3.66 -9.54 4.59
N LYS A 75 -3.62 -8.83 3.47
CA LYS A 75 -2.58 -9.05 2.48
C LYS A 75 -1.21 -8.80 3.12
N ILE A 76 -1.21 -7.89 4.09
CA ILE A 76 0.02 -7.54 4.79
C ILE A 76 0.52 -8.76 5.56
N LYS A 77 -0.38 -9.34 6.34
CA LYS A 77 -0.04 -10.51 7.14
C LYS A 77 0.28 -11.68 6.20
N SER A 78 -0.55 -11.81 5.18
CA SER A 78 -0.36 -12.88 4.21
C SER A 78 1.11 -12.99 3.81
N ALA A 79 1.66 -11.85 3.43
CA ALA A 79 3.06 -11.80 3.02
C ALA A 79 3.92 -12.53 4.06
N SER A 80 5.07 -13.01 3.60
CA SER A 80 5.97 -13.74 4.47
C SER A 80 7.39 -13.19 4.31
N TYR A 81 8.12 -13.79 3.37
CA TYR A 81 9.49 -13.37 3.11
C TYR A 81 9.58 -11.85 2.96
N ASN A 82 8.80 -11.33 2.01
CA ASN A 82 8.79 -9.91 1.76
C ASN A 82 7.34 -9.44 1.57
N LEU A 83 7.14 -8.15 1.76
CA LEU A 83 5.82 -7.56 1.63
C LEU A 83 5.86 -6.47 0.56
N SER A 84 5.53 -6.87 -0.67
CA SER A 84 5.53 -5.93 -1.78
C SER A 84 4.21 -5.16 -1.81
N LEU A 85 4.30 -3.89 -2.19
CA LEU A 85 3.13 -3.05 -2.27
C LEU A 85 3.31 -2.03 -3.41
N THR A 86 2.41 -2.10 -4.36
CA THR A 86 2.45 -1.21 -5.51
C THR A 86 1.63 0.05 -5.23
N LEU A 87 2.32 1.19 -5.25
CA LEU A 87 1.67 2.47 -4.99
C LEU A 87 1.60 3.26 -6.29
N GLN A 88 0.87 4.36 -6.24
CA GLN A 88 0.72 5.22 -7.41
C GLN A 88 0.73 6.69 -6.99
N LYS A 89 1.54 7.46 -7.68
CA LYS A 89 1.65 8.88 -7.39
C LYS A 89 0.32 9.57 -7.71
N SER A 90 -0.35 10.03 -6.67
CA SER A 90 -1.63 10.70 -6.83
C SER A 90 -1.41 12.21 -6.94
N GLY A 1 4.52 14.97 -25.47
CA GLY A 1 4.36 14.32 -24.17
C GLY A 1 3.00 13.62 -24.07
N SER A 2 2.42 13.70 -22.89
CA SER A 2 1.12 13.08 -22.64
C SER A 2 0.54 13.59 -21.32
N SER A 3 -0.78 13.52 -21.23
CA SER A 3 -1.47 13.97 -20.04
C SER A 3 -2.85 13.29 -19.94
N GLY A 4 -3.21 12.95 -18.72
CA GLY A 4 -4.49 12.30 -18.48
C GLY A 4 -4.60 11.82 -17.02
N SER A 5 -4.41 10.52 -16.85
CA SER A 5 -4.49 9.93 -15.52
C SER A 5 -3.14 9.31 -15.14
N SER A 6 -2.94 9.13 -13.85
CA SER A 6 -1.71 8.55 -13.35
C SER A 6 -0.52 9.41 -13.78
N GLY A 7 0.56 9.30 -13.01
CA GLY A 7 1.76 10.06 -13.30
C GLY A 7 3.01 9.18 -13.16
N MET A 8 3.05 8.41 -12.09
CA MET A 8 4.17 7.53 -11.83
C MET A 8 3.80 6.47 -10.79
N SER A 9 3.67 5.24 -11.26
CA SER A 9 3.33 4.13 -10.38
C SER A 9 4.59 3.39 -9.95
N TYR A 10 4.73 3.22 -8.65
CA TYR A 10 5.88 2.52 -8.10
C TYR A 10 5.46 1.49 -7.05
N SER A 11 6.45 0.78 -6.54
CA SER A 11 6.20 -0.24 -5.53
C SER A 11 7.23 -0.14 -4.41
N VAL A 12 6.91 -0.77 -3.29
CA VAL A 12 7.81 -0.76 -2.15
C VAL A 12 8.05 -2.20 -1.68
N THR A 13 9.32 -2.50 -1.41
CA THR A 13 9.69 -3.82 -0.95
C THR A 13 9.98 -3.81 0.54
N LEU A 14 9.10 -4.46 1.28
CA LEU A 14 9.25 -4.53 2.73
C LEU A 14 9.62 -5.96 3.13
N THR A 15 10.92 -6.19 3.26
CA THR A 15 11.41 -7.50 3.64
C THR A 15 11.01 -7.84 5.08
N GLY A 16 10.36 -8.98 5.22
CA GLY A 16 9.91 -9.43 6.53
C GLY A 16 10.99 -10.26 7.23
N PRO A 17 10.91 -10.30 8.58
CA PRO A 17 9.86 -9.58 9.29
C PRO A 17 10.15 -8.08 9.30
N GLY A 18 9.10 -7.30 9.07
CA GLY A 18 9.22 -5.86 9.06
C GLY A 18 9.77 -5.35 10.40
N PRO A 19 8.81 -5.00 11.31
CA PRO A 19 7.40 -5.13 10.99
C PRO A 19 6.95 -4.01 10.04
N TRP A 20 5.70 -4.11 9.62
CA TRP A 20 5.14 -3.12 8.72
C TRP A 20 4.47 -2.03 9.56
N GLY A 21 5.22 -0.95 9.75
CA GLY A 21 4.71 0.17 10.54
C GLY A 21 3.93 1.14 9.66
N PHE A 22 2.98 0.59 8.91
CA PHE A 22 2.17 1.39 8.03
C PHE A 22 0.73 0.85 7.96
N ARG A 23 -0.22 1.75 8.14
CA ARG A 23 -1.63 1.38 8.10
C ARG A 23 -2.21 1.64 6.71
N LEU A 24 -3.40 1.12 6.51
CA LEU A 24 -4.08 1.29 5.23
C LEU A 24 -5.30 2.20 5.42
N GLN A 25 -5.74 2.78 4.32
CA GLN A 25 -6.89 3.69 4.35
C GLN A 25 -7.89 3.29 3.26
N GLY A 26 -9.05 3.94 3.31
CA GLY A 26 -10.10 3.66 2.35
C GLY A 26 -10.16 2.18 2.01
N GLY A 27 -10.49 1.90 0.75
CA GLY A 27 -10.58 0.53 0.28
C GLY A 27 -11.93 0.27 -0.40
N LYS A 28 -12.07 -0.94 -0.92
CA LYS A 28 -13.30 -1.32 -1.60
C LYS A 28 -14.48 -1.15 -0.64
N ASP A 29 -14.20 -1.37 0.63
CA ASP A 29 -15.23 -1.25 1.65
C ASP A 29 -15.60 0.22 1.83
N PHE A 30 -14.57 1.05 1.89
CA PHE A 30 -14.77 2.49 2.05
C PHE A 30 -14.93 3.17 0.70
N ASN A 31 -15.22 2.37 -0.31
CA ASN A 31 -15.40 2.89 -1.65
C ASN A 31 -14.32 3.95 -1.93
N MET A 32 -13.17 3.74 -1.33
CA MET A 32 -12.06 4.67 -1.50
C MET A 32 -10.79 3.93 -1.91
N PRO A 33 -9.81 4.71 -2.45
CA PRO A 33 -8.54 4.15 -2.88
C PRO A 33 -7.65 3.81 -1.68
N LEU A 34 -7.18 2.57 -1.67
CA LEU A 34 -6.32 2.11 -0.60
C LEU A 34 -5.08 2.98 -0.53
N THR A 35 -5.07 3.88 0.45
CA THR A 35 -3.94 4.78 0.62
C THR A 35 -3.22 4.48 1.94
N ILE A 36 -1.96 4.90 2.00
CA ILE A 36 -1.16 4.68 3.19
C ILE A 36 -1.72 5.53 4.33
N SER A 37 -2.50 4.90 5.18
CA SER A 37 -3.10 5.59 6.32
C SER A 37 -2.03 6.39 7.06
N ARG A 38 -1.16 5.67 7.75
CA ARG A 38 -0.10 6.30 8.50
C ARG A 38 1.17 5.44 8.46
N ILE A 39 2.24 5.99 8.98
CA ILE A 39 3.52 5.30 8.99
C ILE A 39 4.24 5.61 10.31
N THR A 40 4.89 4.58 10.85
CA THR A 40 5.62 4.73 12.09
C THR A 40 7.04 5.25 11.82
N PRO A 41 7.51 6.16 12.72
CA PRO A 41 8.82 6.73 12.58
C PRO A 41 9.91 5.74 12.99
N GLY A 42 10.74 5.37 12.01
CA GLY A 42 11.81 4.42 12.27
C GLY A 42 11.55 3.10 11.56
N SER A 43 10.27 2.72 11.52
CA SER A 43 9.87 1.49 10.88
C SER A 43 10.40 1.45 9.44
N LYS A 44 10.41 0.25 8.89
CA LYS A 44 10.89 0.07 7.52
C LYS A 44 10.00 0.85 6.57
N ALA A 45 8.77 1.10 7.01
CA ALA A 45 7.81 1.84 6.22
C ALA A 45 8.28 3.30 6.09
N ALA A 46 8.95 3.76 7.13
CA ALA A 46 9.45 5.12 7.15
C ALA A 46 10.92 5.13 6.73
N GLN A 47 11.31 4.06 6.05
CA GLN A 47 12.68 3.93 5.59
C GLN A 47 12.70 3.36 4.16
N SER A 48 11.52 3.33 3.55
CA SER A 48 11.40 2.83 2.20
C SER A 48 10.99 3.95 1.25
N GLN A 49 10.00 3.68 0.43
CA GLN A 49 9.51 4.65 -0.52
C GLN A 49 8.01 4.88 -0.34
N LEU A 50 7.47 4.23 0.68
CA LEU A 50 6.05 4.35 0.99
C LEU A 50 5.84 5.50 1.96
N SER A 51 4.98 6.43 1.56
CA SER A 51 4.68 7.58 2.39
C SER A 51 3.18 7.66 2.65
N GLN A 52 2.81 8.61 3.50
CA GLN A 52 1.41 8.81 3.84
C GLN A 52 0.67 9.51 2.70
N GLY A 53 -0.48 8.95 2.34
CA GLY A 53 -1.29 9.52 1.27
C GLY A 53 -1.14 8.70 -0.01
N ASP A 54 -0.01 8.02 -0.11
CA ASP A 54 0.27 7.20 -1.28
C ASP A 54 -1.01 6.46 -1.70
N LEU A 55 -1.06 6.10 -2.97
CA LEU A 55 -2.22 5.40 -3.50
C LEU A 55 -1.82 3.95 -3.84
N VAL A 56 -2.25 3.05 -2.97
CA VAL A 56 -1.95 1.64 -3.16
C VAL A 56 -2.86 1.07 -4.24
N VAL A 57 -2.24 0.34 -5.17
CA VAL A 57 -2.98 -0.26 -6.27
C VAL A 57 -3.02 -1.77 -6.07
N ALA A 58 -1.85 -2.38 -6.08
CA ALA A 58 -1.73 -3.81 -5.91
C ALA A 58 -0.72 -4.11 -4.81
N ILE A 59 -1.12 -4.97 -3.89
CA ILE A 59 -0.25 -5.35 -2.79
C ILE A 59 0.59 -6.57 -3.20
N ASP A 60 1.87 -6.31 -3.41
CA ASP A 60 2.79 -7.38 -3.81
C ASP A 60 2.46 -7.82 -5.23
N GLY A 61 1.54 -7.09 -5.84
CA GLY A 61 1.13 -7.40 -7.21
C GLY A 61 -0.31 -7.91 -7.24
N VAL A 62 -1.05 -7.58 -6.18
CA VAL A 62 -2.43 -8.01 -6.08
C VAL A 62 -3.33 -6.76 -5.97
N ASN A 63 -3.99 -6.45 -7.07
CA ASN A 63 -4.86 -5.29 -7.11
C ASN A 63 -5.65 -5.21 -5.80
N THR A 64 -5.92 -3.98 -5.39
CA THR A 64 -6.66 -3.75 -4.15
C THR A 64 -7.99 -3.04 -4.45
N ASP A 65 -8.12 -2.61 -5.69
CA ASP A 65 -9.33 -1.92 -6.11
C ASP A 65 -10.54 -2.84 -5.88
N THR A 66 -10.27 -4.14 -5.87
CA THR A 66 -11.32 -5.11 -5.66
C THR A 66 -11.30 -5.61 -4.21
N MET A 67 -10.17 -5.42 -3.57
CA MET A 67 -10.02 -5.84 -2.19
C MET A 67 -10.44 -4.73 -1.22
N THR A 68 -11.11 -5.15 -0.15
CA THR A 68 -11.58 -4.21 0.85
C THR A 68 -10.46 -3.86 1.83
N HIS A 69 -10.68 -2.79 2.57
CA HIS A 69 -9.69 -2.34 3.55
C HIS A 69 -9.09 -3.55 4.26
N LEU A 70 -9.98 -4.34 4.85
CA LEU A 70 -9.56 -5.53 5.57
C LEU A 70 -8.74 -6.43 4.63
N GLU A 71 -9.39 -6.83 3.55
CA GLU A 71 -8.74 -7.69 2.58
C GLU A 71 -7.27 -7.27 2.39
N ALA A 72 -7.10 -6.04 1.94
CA ALA A 72 -5.76 -5.50 1.72
C ALA A 72 -4.92 -5.74 2.97
N GLN A 73 -5.46 -5.29 4.10
CA GLN A 73 -4.76 -5.43 5.37
C GLN A 73 -4.34 -6.90 5.57
N ASN A 74 -5.28 -7.79 5.30
CA ASN A 74 -5.01 -9.21 5.46
C ASN A 74 -3.77 -9.59 4.64
N LYS A 75 -3.60 -8.89 3.54
CA LYS A 75 -2.45 -9.15 2.66
C LYS A 75 -1.17 -8.89 3.44
N ILE A 76 -1.10 -7.71 4.05
CA ILE A 76 0.07 -7.34 4.82
C ILE A 76 0.54 -8.53 5.65
N LYS A 77 -0.40 -9.15 6.33
CA LYS A 77 -0.11 -10.31 7.16
C LYS A 77 0.31 -11.47 6.26
N SER A 78 -0.50 -11.71 5.24
CA SER A 78 -0.23 -12.79 4.31
C SER A 78 1.26 -12.87 4.03
N ALA A 79 1.84 -11.73 3.71
CA ALA A 79 3.27 -11.66 3.41
C ALA A 79 4.02 -12.55 4.40
N SER A 80 5.15 -13.08 3.93
CA SER A 80 5.98 -13.94 4.75
C SER A 80 7.45 -13.58 4.57
N TYR A 81 7.89 -13.66 3.33
CA TYR A 81 9.28 -13.35 3.01
C TYR A 81 9.47 -11.84 2.80
N ASN A 82 8.67 -11.30 1.90
CA ASN A 82 8.74 -9.87 1.60
C ASN A 82 7.33 -9.34 1.38
N LEU A 83 7.09 -8.15 1.94
CA LEU A 83 5.79 -7.52 1.80
C LEU A 83 5.88 -6.39 0.78
N SER A 84 5.62 -6.74 -0.47
CA SER A 84 5.67 -5.76 -1.55
C SER A 84 4.31 -5.06 -1.67
N LEU A 85 4.38 -3.78 -2.02
CA LEU A 85 3.18 -2.98 -2.17
C LEU A 85 3.36 -2.02 -3.35
N THR A 86 2.38 -2.06 -4.25
CA THR A 86 2.42 -1.20 -5.43
C THR A 86 1.58 0.06 -5.19
N LEU A 87 2.26 1.19 -5.16
CA LEU A 87 1.58 2.47 -4.95
C LEU A 87 1.55 3.24 -6.27
N GLN A 88 0.80 4.34 -6.25
CA GLN A 88 0.66 5.17 -7.43
C GLN A 88 0.76 6.64 -7.05
N LYS A 89 1.42 7.41 -7.91
CA LYS A 89 1.60 8.83 -7.68
C LYS A 89 0.24 9.53 -7.81
N SER A 90 -0.11 10.26 -6.76
CA SER A 90 -1.38 10.98 -6.75
C SER A 90 -1.21 12.34 -7.41
N GLY A 1 -8.15 12.68 -28.61
CA GLY A 1 -7.70 13.15 -27.30
C GLY A 1 -7.33 11.97 -26.40
N SER A 2 -6.78 12.31 -25.24
CA SER A 2 -6.37 11.29 -24.28
C SER A 2 -6.65 11.78 -22.87
N SER A 3 -6.62 10.83 -21.93
CA SER A 3 -6.87 11.14 -20.54
C SER A 3 -6.17 10.12 -19.64
N GLY A 4 -6.15 10.43 -18.35
CA GLY A 4 -5.53 9.54 -17.39
C GLY A 4 -5.40 10.23 -16.02
N SER A 5 -5.44 9.40 -14.97
CA SER A 5 -5.32 9.92 -13.62
C SER A 5 -4.17 9.21 -12.89
N SER A 6 -2.98 9.79 -13.05
CA SER A 6 -1.80 9.22 -12.41
C SER A 6 -0.63 10.22 -12.52
N GLY A 7 0.52 9.78 -12.04
CA GLY A 7 1.71 10.60 -12.08
C GLY A 7 2.97 9.74 -12.15
N MET A 8 3.00 8.71 -11.33
CA MET A 8 4.13 7.81 -11.29
C MET A 8 3.82 6.56 -10.46
N SER A 9 3.82 5.42 -11.14
CA SER A 9 3.53 4.16 -10.49
C SER A 9 4.82 3.54 -9.95
N TYR A 10 4.79 3.19 -8.67
CA TYR A 10 5.94 2.59 -8.03
C TYR A 10 5.52 1.50 -7.05
N SER A 11 6.53 0.86 -6.46
CA SER A 11 6.27 -0.20 -5.51
C SER A 11 7.27 -0.12 -4.34
N VAL A 12 6.96 -0.84 -3.29
CA VAL A 12 7.82 -0.86 -2.11
C VAL A 12 8.09 -2.31 -1.70
N THR A 13 9.34 -2.57 -1.35
CA THR A 13 9.74 -3.91 -0.93
C THR A 13 10.03 -3.94 0.57
N LEU A 14 9.03 -4.38 1.33
CA LEU A 14 9.17 -4.46 2.76
C LEU A 14 9.41 -5.91 3.17
N THR A 15 10.68 -6.24 3.36
CA THR A 15 11.06 -7.58 3.74
C THR A 15 10.58 -7.89 5.16
N GLY A 16 10.08 -9.10 5.33
CA GLY A 16 9.59 -9.54 6.63
C GLY A 16 10.58 -10.48 7.31
N PRO A 17 10.43 -10.59 8.67
CA PRO A 17 9.39 -9.86 9.36
C PRO A 17 9.75 -8.38 9.50
N GLY A 18 8.77 -7.54 9.23
CA GLY A 18 8.97 -6.09 9.33
C GLY A 18 9.45 -5.70 10.72
N PRO A 19 8.45 -5.41 11.61
CA PRO A 19 7.06 -5.49 11.21
C PRO A 19 6.67 -4.30 10.33
N TRP A 20 5.44 -4.35 9.84
CA TRP A 20 4.93 -3.29 8.98
C TRP A 20 4.22 -2.28 9.88
N GLY A 21 4.94 -1.21 10.19
CA GLY A 21 4.40 -0.16 11.04
C GLY A 21 3.71 0.92 10.19
N PHE A 22 2.77 0.47 9.37
CA PHE A 22 2.04 1.37 8.50
C PHE A 22 0.58 0.94 8.37
N ARG A 23 -0.31 1.93 8.52
CA ARG A 23 -1.73 1.66 8.42
C ARG A 23 -2.24 2.01 7.01
N LEU A 24 -3.47 1.61 6.75
CA LEU A 24 -4.09 1.87 5.46
C LEU A 24 -5.37 2.67 5.66
N GLN A 25 -5.83 3.30 4.59
CA GLN A 25 -7.04 4.09 4.63
C GLN A 25 -7.96 3.73 3.48
N GLY A 26 -9.17 4.28 3.51
CA GLY A 26 -10.15 4.02 2.48
C GLY A 26 -10.25 2.52 2.19
N GLY A 27 -10.31 2.20 0.90
CA GLY A 27 -10.41 0.82 0.48
C GLY A 27 -11.78 0.53 -0.12
N LYS A 28 -11.88 -0.64 -0.74
CA LYS A 28 -13.13 -1.06 -1.36
C LYS A 28 -14.27 -0.93 -0.34
N ASP A 29 -13.92 -1.18 0.92
CA ASP A 29 -14.90 -1.10 1.99
C ASP A 29 -15.42 0.34 2.10
N PHE A 30 -14.47 1.27 2.09
CA PHE A 30 -14.81 2.68 2.18
C PHE A 30 -14.96 3.31 0.80
N ASN A 31 -15.28 2.45 -0.17
CA ASN A 31 -15.44 2.90 -1.54
C ASN A 31 -14.35 3.92 -1.88
N MET A 32 -13.19 3.71 -1.28
CA MET A 32 -12.07 4.60 -1.51
C MET A 32 -10.82 3.82 -1.92
N PRO A 33 -9.83 4.55 -2.50
CA PRO A 33 -8.60 3.93 -2.94
C PRO A 33 -7.70 3.59 -1.75
N LEU A 34 -7.19 2.37 -1.75
CA LEU A 34 -6.32 1.91 -0.69
C LEU A 34 -5.09 2.82 -0.62
N THR A 35 -5.10 3.71 0.36
CA THR A 35 -4.00 4.64 0.55
C THR A 35 -3.32 4.40 1.90
N ILE A 36 -2.14 4.98 2.04
CA ILE A 36 -1.38 4.84 3.27
C ILE A 36 -1.97 5.77 4.34
N SER A 37 -2.48 5.15 5.40
CA SER A 37 -3.07 5.90 6.50
C SER A 37 -1.98 6.66 7.25
N ARG A 38 -1.22 5.90 8.03
CA ARG A 38 -0.14 6.49 8.81
C ARG A 38 1.12 5.62 8.71
N ILE A 39 2.24 6.22 9.10
CA ILE A 39 3.52 5.53 9.05
C ILE A 39 4.36 5.94 10.27
N THR A 40 4.96 4.93 10.89
CA THR A 40 5.80 5.17 12.05
C THR A 40 7.21 5.56 11.63
N PRO A 41 7.83 6.45 12.44
CA PRO A 41 9.19 6.92 12.15
C PRO A 41 10.21 5.84 12.50
N GLY A 42 11.19 5.68 11.63
CA GLY A 42 12.23 4.69 11.83
C GLY A 42 11.85 3.35 11.21
N SER A 43 10.54 3.11 11.16
CA SER A 43 10.03 1.87 10.60
C SER A 43 10.43 1.76 9.12
N LYS A 44 10.31 0.55 8.59
CA LYS A 44 10.65 0.30 7.20
C LYS A 44 9.75 1.16 6.30
N ALA A 45 8.57 1.44 6.81
CA ALA A 45 7.61 2.25 6.06
C ALA A 45 8.11 3.70 5.99
N ALA A 46 9.02 4.02 6.90
CA ALA A 46 9.58 5.36 6.95
C ALA A 46 11.03 5.31 6.47
N GLN A 47 11.37 4.22 5.79
CA GLN A 47 12.71 4.04 5.27
C GLN A 47 12.67 3.52 3.84
N SER A 48 11.46 3.52 3.28
CA SER A 48 11.27 3.04 1.93
C SER A 48 10.66 4.15 1.07
N GLN A 49 9.65 3.77 0.29
CA GLN A 49 8.98 4.73 -0.57
C GLN A 49 7.53 4.94 -0.11
N LEU A 50 7.16 4.18 0.91
CA LEU A 50 5.81 4.29 1.45
C LEU A 50 5.64 5.65 2.15
N SER A 51 4.65 6.39 1.68
CA SER A 51 4.38 7.70 2.25
C SER A 51 2.89 7.83 2.56
N GLN A 52 2.59 8.73 3.48
CA GLN A 52 1.21 8.96 3.89
C GLN A 52 0.44 9.65 2.77
N GLY A 53 -0.58 8.95 2.28
CA GLY A 53 -1.40 9.48 1.21
C GLY A 53 -1.23 8.65 -0.08
N ASP A 54 -0.10 7.96 -0.14
CA ASP A 54 0.20 7.14 -1.30
C ASP A 54 -1.08 6.42 -1.75
N LEU A 55 -1.07 6.01 -3.01
CA LEU A 55 -2.22 5.33 -3.59
C LEU A 55 -1.82 3.88 -3.93
N VAL A 56 -2.24 2.97 -3.06
CA VAL A 56 -1.94 1.57 -3.25
C VAL A 56 -2.83 1.00 -4.37
N VAL A 57 -2.20 0.30 -5.29
CA VAL A 57 -2.91 -0.29 -6.40
C VAL A 57 -2.95 -1.81 -6.23
N ALA A 58 -1.78 -2.41 -6.24
CA ALA A 58 -1.65 -3.85 -6.07
C ALA A 58 -0.59 -4.16 -5.02
N ILE A 59 -0.96 -5.05 -4.10
CA ILE A 59 -0.06 -5.45 -3.05
C ILE A 59 0.76 -6.66 -3.49
N ASP A 60 2.04 -6.41 -3.75
CA ASP A 60 2.94 -7.47 -4.18
C ASP A 60 2.54 -7.90 -5.60
N GLY A 61 1.61 -7.17 -6.18
CA GLY A 61 1.15 -7.47 -7.52
C GLY A 61 -0.30 -7.96 -7.51
N VAL A 62 -0.99 -7.64 -6.42
CA VAL A 62 -2.38 -8.05 -6.26
C VAL A 62 -3.25 -6.80 -6.09
N ASN A 63 -3.95 -6.46 -7.16
CA ASN A 63 -4.82 -5.30 -7.14
C ASN A 63 -5.55 -5.23 -5.80
N THR A 64 -5.79 -4.01 -5.35
CA THR A 64 -6.47 -3.79 -4.09
C THR A 64 -7.84 -3.15 -4.33
N ASP A 65 -7.97 -2.53 -5.49
CA ASP A 65 -9.21 -1.87 -5.86
C ASP A 65 -10.39 -2.77 -5.48
N THR A 66 -10.14 -4.07 -5.55
CA THR A 66 -11.17 -5.04 -5.24
C THR A 66 -11.08 -5.45 -3.76
N MET A 67 -9.86 -5.43 -3.24
CA MET A 67 -9.62 -5.79 -1.86
C MET A 67 -9.92 -4.62 -0.93
N THR A 68 -10.83 -4.86 0.01
CA THR A 68 -11.23 -3.84 0.96
C THR A 68 -10.06 -3.51 1.89
N HIS A 69 -10.34 -2.66 2.88
CA HIS A 69 -9.33 -2.26 3.83
C HIS A 69 -8.79 -3.50 4.56
N LEU A 70 -9.71 -4.32 5.04
CA LEU A 70 -9.34 -5.53 5.76
C LEU A 70 -8.65 -6.49 4.79
N GLU A 71 -9.37 -6.82 3.72
CA GLU A 71 -8.85 -7.73 2.72
C GLU A 71 -7.39 -7.38 2.41
N ALA A 72 -7.17 -6.12 2.06
CA ALA A 72 -5.83 -5.65 1.74
C ALA A 72 -4.92 -5.85 2.96
N GLN A 73 -5.40 -5.40 4.11
CA GLN A 73 -4.65 -5.53 5.34
C GLN A 73 -4.30 -6.99 5.61
N ASN A 74 -5.17 -7.87 5.12
CA ASN A 74 -4.97 -9.30 5.30
C ASN A 74 -3.84 -9.77 4.38
N LYS A 75 -3.63 -9.01 3.31
CA LYS A 75 -2.60 -9.34 2.35
C LYS A 75 -1.23 -9.07 2.97
N ILE A 76 -1.21 -8.12 3.88
CA ILE A 76 0.03 -7.76 4.56
C ILE A 76 0.49 -8.93 5.42
N LYS A 77 -0.44 -9.47 6.19
CA LYS A 77 -0.15 -10.59 7.06
C LYS A 77 0.25 -11.80 6.22
N SER A 78 -0.52 -12.02 5.17
CA SER A 78 -0.27 -13.14 4.27
C SER A 78 1.23 -13.24 3.98
N ALA A 79 1.80 -12.09 3.62
CA ALA A 79 3.23 -12.03 3.32
C ALA A 79 4.01 -12.88 4.32
N SER A 80 5.10 -13.45 3.84
CA SER A 80 5.93 -14.28 4.69
C SER A 80 7.38 -13.82 4.61
N TYR A 81 8.00 -14.09 3.46
CA TYR A 81 9.38 -13.70 3.25
C TYR A 81 9.51 -12.18 3.10
N ASN A 82 8.71 -11.64 2.18
CA ASN A 82 8.73 -10.21 1.92
C ASN A 82 7.29 -9.71 1.76
N LEU A 83 7.17 -8.40 1.66
CA LEU A 83 5.86 -7.79 1.50
C LEU A 83 5.97 -6.62 0.52
N SER A 84 5.68 -6.91 -0.74
CA SER A 84 5.74 -5.90 -1.78
C SER A 84 4.40 -5.17 -1.88
N LEU A 85 4.48 -3.89 -2.19
CA LEU A 85 3.29 -3.07 -2.33
C LEU A 85 3.46 -2.10 -3.49
N THR A 86 2.46 -2.07 -4.36
CA THR A 86 2.49 -1.19 -5.52
C THR A 86 1.63 0.04 -5.27
N LEU A 87 2.31 1.18 -5.20
CA LEU A 87 1.61 2.45 -4.96
C LEU A 87 1.60 3.25 -6.26
N GLN A 88 0.85 4.35 -6.23
CA GLN A 88 0.74 5.22 -7.38
C GLN A 88 0.69 6.68 -6.94
N LYS A 89 1.45 7.51 -7.65
CA LYS A 89 1.51 8.92 -7.34
C LYS A 89 0.23 9.60 -7.83
N SER A 90 -0.53 10.12 -6.89
CA SER A 90 -1.79 10.79 -7.20
C SER A 90 -1.53 11.93 -8.18
N GLY A 1 -9.41 20.17 -17.73
CA GLY A 1 -9.54 18.75 -18.01
C GLY A 1 -8.17 18.10 -18.21
N SER A 2 -7.55 17.74 -17.10
CA SER A 2 -6.24 17.11 -17.15
C SER A 2 -6.22 16.00 -18.21
N SER A 3 -5.38 16.20 -19.21
CA SER A 3 -5.26 15.23 -20.29
C SER A 3 -4.52 13.99 -19.79
N GLY A 4 -3.29 14.21 -19.32
CA GLY A 4 -2.47 13.12 -18.82
C GLY A 4 -3.17 12.40 -17.67
N SER A 5 -2.61 11.25 -17.32
CA SER A 5 -3.17 10.45 -16.23
C SER A 5 -2.05 10.01 -15.29
N SER A 6 -2.43 9.79 -14.04
CA SER A 6 -1.48 9.37 -13.03
C SER A 6 -0.27 10.31 -13.02
N GLY A 7 0.74 9.91 -12.26
CA GLY A 7 1.95 10.70 -12.16
C GLY A 7 3.19 9.82 -12.23
N MET A 8 3.17 8.75 -11.46
CA MET A 8 4.28 7.81 -11.43
C MET A 8 3.96 6.61 -10.53
N SER A 9 3.79 5.46 -11.18
CA SER A 9 3.48 4.25 -10.46
C SER A 9 4.77 3.57 -10.00
N TYR A 10 4.78 3.17 -8.73
CA TYR A 10 5.95 2.52 -8.16
C TYR A 10 5.54 1.44 -7.17
N SER A 11 6.53 0.75 -6.63
CA SER A 11 6.29 -0.31 -5.67
C SER A 11 7.36 -0.27 -4.58
N VAL A 12 7.07 -0.97 -3.49
CA VAL A 12 7.99 -1.03 -2.36
C VAL A 12 8.25 -2.49 -2.00
N THR A 13 9.46 -2.75 -1.54
CA THR A 13 9.85 -4.10 -1.16
C THR A 13 10.23 -4.14 0.33
N LEU A 14 9.26 -4.56 1.13
CA LEU A 14 9.46 -4.66 2.57
C LEU A 14 9.74 -6.11 2.94
N THR A 15 10.99 -6.37 3.30
CA THR A 15 11.40 -7.71 3.68
C THR A 15 10.88 -8.05 5.08
N GLY A 16 10.32 -9.24 5.20
CA GLY A 16 9.78 -9.70 6.48
C GLY A 16 10.79 -10.60 7.21
N PRO A 17 10.67 -10.62 8.56
CA PRO A 17 9.64 -9.82 9.23
C PRO A 17 10.02 -8.34 9.25
N GLY A 18 9.00 -7.50 9.25
CA GLY A 18 9.20 -6.07 9.27
C GLY A 18 9.68 -5.61 10.65
N PRO A 19 8.69 -5.27 11.53
CA PRO A 19 7.29 -5.37 11.14
C PRO A 19 6.90 -4.22 10.21
N TRP A 20 5.67 -4.30 9.72
CA TRP A 20 5.16 -3.28 8.82
C TRP A 20 4.45 -2.22 9.66
N GLY A 21 5.18 -1.14 9.94
CA GLY A 21 4.63 -0.06 10.74
C GLY A 21 3.88 0.93 9.85
N PHE A 22 2.95 0.41 9.08
CA PHE A 22 2.15 1.23 8.18
C PHE A 22 0.71 0.73 8.11
N ARG A 23 -0.21 1.69 8.12
CA ARG A 23 -1.63 1.37 8.06
C ARG A 23 -2.18 1.67 6.66
N LEU A 24 -3.40 1.21 6.44
CA LEU A 24 -4.05 1.42 5.15
C LEU A 24 -5.28 2.32 5.36
N GLN A 25 -5.65 3.01 4.29
CA GLN A 25 -6.80 3.90 4.33
C GLN A 25 -7.82 3.51 3.27
N GLY A 26 -8.99 4.13 3.35
CA GLY A 26 -10.05 3.85 2.40
C GLY A 26 -10.10 2.37 2.04
N GLY A 27 -10.34 2.10 0.76
CA GLY A 27 -10.42 0.73 0.29
C GLY A 27 -11.73 0.48 -0.46
N LYS A 28 -11.76 -0.65 -1.15
CA LYS A 28 -12.95 -1.02 -1.92
C LYS A 28 -14.18 -0.90 -1.01
N ASP A 29 -14.04 -1.40 0.20
CA ASP A 29 -15.12 -1.37 1.17
C ASP A 29 -15.49 0.09 1.46
N PHE A 30 -14.45 0.91 1.59
CA PHE A 30 -14.65 2.32 1.87
C PHE A 30 -14.89 3.11 0.59
N ASN A 31 -15.06 2.37 -0.50
CA ASN A 31 -15.30 2.98 -1.79
C ASN A 31 -14.25 4.05 -2.04
N MET A 32 -13.10 3.88 -1.40
CA MET A 32 -12.01 4.82 -1.55
C MET A 32 -10.72 4.11 -1.96
N PRO A 33 -9.74 4.92 -2.45
CA PRO A 33 -8.47 4.39 -2.89
C PRO A 33 -7.60 4.00 -1.69
N LEU A 34 -7.10 2.77 -1.72
CA LEU A 34 -6.26 2.27 -0.65
C LEU A 34 -5.02 3.16 -0.54
N THR A 35 -5.04 4.03 0.46
CA THR A 35 -3.93 4.94 0.69
C THR A 35 -3.23 4.60 2.00
N ILE A 36 -1.99 5.03 2.10
CA ILE A 36 -1.20 4.79 3.30
C ILE A 36 -1.76 5.60 4.46
N SER A 37 -2.66 4.95 5.20
CA SER A 37 -3.27 5.60 6.35
C SER A 37 -2.24 6.41 7.13
N ARG A 38 -1.30 5.69 7.72
CA ARG A 38 -0.25 6.33 8.50
C ARG A 38 0.96 5.40 8.61
N ILE A 39 2.11 6.01 8.89
CA ILE A 39 3.33 5.25 9.03
C ILE A 39 4.08 5.72 10.28
N THR A 40 4.77 4.78 10.90
CA THR A 40 5.51 5.07 12.12
C THR A 40 6.88 5.65 11.76
N PRO A 41 7.34 6.60 12.63
CA PRO A 41 8.62 7.24 12.42
C PRO A 41 9.78 6.30 12.78
N GLY A 42 10.69 6.14 11.83
CA GLY A 42 11.84 5.28 12.03
C GLY A 42 11.59 3.89 11.46
N SER A 43 10.31 3.59 11.26
CA SER A 43 9.93 2.30 10.71
C SER A 43 10.47 2.14 9.30
N LYS A 44 10.52 0.90 8.85
CA LYS A 44 11.02 0.60 7.51
C LYS A 44 10.15 1.31 6.48
N ALA A 45 8.84 1.19 6.65
CA ALA A 45 7.89 1.81 5.75
C ALA A 45 8.23 3.30 5.61
N ALA A 46 8.67 3.86 6.72
CA ALA A 46 9.03 5.28 6.73
C ALA A 46 10.53 5.42 6.44
N GLN A 47 11.09 4.38 5.87
CA GLN A 47 12.51 4.37 5.53
C GLN A 47 12.73 3.70 4.17
N SER A 48 11.63 3.50 3.46
CA SER A 48 11.69 2.89 2.15
C SER A 48 11.32 3.91 1.07
N GLN A 49 10.03 4.20 0.99
CA GLN A 49 9.53 5.15 0.02
C GLN A 49 8.04 5.43 0.26
N LEU A 50 7.36 4.41 0.78
CA LEU A 50 5.93 4.54 1.06
C LEU A 50 5.73 5.61 2.13
N SER A 51 4.89 6.58 1.79
CA SER A 51 4.59 7.67 2.71
C SER A 51 3.09 7.77 2.92
N GLN A 52 2.71 8.66 3.83
CA GLN A 52 1.31 8.87 4.14
C GLN A 52 0.62 9.63 3.01
N GLY A 53 -0.46 9.04 2.51
CA GLY A 53 -1.21 9.66 1.43
C GLY A 53 -1.06 8.86 0.13
N ASP A 54 0.08 8.19 0.01
CA ASP A 54 0.35 7.39 -1.17
C ASP A 54 -0.93 6.66 -1.59
N LEU A 55 -0.99 6.33 -2.87
CA LEU A 55 -2.14 5.63 -3.41
C LEU A 55 -1.74 4.19 -3.75
N VAL A 56 -2.18 3.28 -2.89
CA VAL A 56 -1.88 1.86 -3.08
C VAL A 56 -2.80 1.30 -4.17
N VAL A 57 -2.19 0.59 -5.10
CA VAL A 57 -2.92 -0.01 -6.20
C VAL A 57 -2.96 -1.53 -6.00
N ALA A 58 -1.78 -2.11 -5.94
CA ALA A 58 -1.66 -3.55 -5.76
C ALA A 58 -0.75 -3.84 -4.56
N ILE A 59 -1.05 -4.94 -3.89
CA ILE A 59 -0.27 -5.34 -2.72
C ILE A 59 0.40 -6.69 -3.01
N ASP A 60 1.72 -6.64 -3.14
CA ASP A 60 2.49 -7.84 -3.41
C ASP A 60 2.16 -8.34 -4.82
N GLY A 61 1.66 -7.43 -5.63
CA GLY A 61 1.31 -7.77 -7.00
C GLY A 61 -0.17 -8.16 -7.10
N VAL A 62 -0.95 -7.65 -6.15
CA VAL A 62 -2.38 -7.94 -6.13
C VAL A 62 -3.15 -6.62 -5.97
N ASN A 63 -3.83 -6.24 -7.04
CA ASN A 63 -4.62 -5.01 -7.04
C ASN A 63 -5.46 -4.96 -5.75
N THR A 64 -5.83 -3.74 -5.39
CA THR A 64 -6.64 -3.53 -4.20
C THR A 64 -7.99 -2.91 -4.56
N ASP A 65 -8.10 -2.52 -5.83
CA ASP A 65 -9.33 -1.91 -6.31
C ASP A 65 -10.47 -2.92 -6.19
N THR A 66 -10.09 -4.18 -6.04
CA THR A 66 -11.08 -5.25 -5.91
C THR A 66 -11.11 -5.76 -4.47
N MET A 67 -10.00 -5.58 -3.78
CA MET A 67 -9.89 -6.03 -2.40
C MET A 67 -10.36 -4.93 -1.44
N THR A 68 -11.02 -5.37 -0.38
CA THR A 68 -11.54 -4.44 0.61
C THR A 68 -10.41 -4.01 1.56
N HIS A 69 -10.73 -3.06 2.43
CA HIS A 69 -9.77 -2.56 3.38
C HIS A 69 -9.13 -3.72 4.14
N LEU A 70 -9.98 -4.51 4.77
CA LEU A 70 -9.52 -5.66 5.53
C LEU A 70 -8.63 -6.52 4.64
N GLU A 71 -9.23 -7.00 3.55
CA GLU A 71 -8.51 -7.84 2.61
C GLU A 71 -7.07 -7.35 2.45
N ALA A 72 -6.95 -6.13 1.94
CA ALA A 72 -5.65 -5.53 1.72
C ALA A 72 -4.80 -5.72 2.99
N GLN A 73 -5.38 -5.33 4.11
CA GLN A 73 -4.69 -5.45 5.39
C GLN A 73 -4.28 -6.91 5.64
N ASN A 74 -5.22 -7.81 5.36
CA ASN A 74 -4.97 -9.22 5.56
C ASN A 74 -3.76 -9.65 4.75
N LYS A 75 -3.58 -8.98 3.61
CA LYS A 75 -2.46 -9.27 2.73
C LYS A 75 -1.15 -9.03 3.49
N ILE A 76 -1.13 -7.94 4.23
CA ILE A 76 0.05 -7.58 5.01
C ILE A 76 0.47 -8.78 5.86
N LYS A 77 -0.50 -9.36 6.53
CA LYS A 77 -0.24 -10.51 7.38
C LYS A 77 0.13 -11.71 6.51
N SER A 78 -0.73 -11.99 5.55
CA SER A 78 -0.51 -13.11 4.65
C SER A 78 0.96 -13.15 4.23
N ALA A 79 1.45 -12.00 3.78
CA ALA A 79 2.84 -11.90 3.35
C ALA A 79 3.73 -12.66 4.33
N SER A 80 4.84 -13.16 3.80
CA SER A 80 5.79 -13.91 4.60
C SER A 80 7.21 -13.39 4.39
N TYR A 81 7.86 -13.95 3.38
CA TYR A 81 9.22 -13.55 3.06
C TYR A 81 9.34 -12.02 3.00
N ASN A 82 8.52 -11.43 2.15
CA ASN A 82 8.52 -9.98 2.00
C ASN A 82 7.08 -9.48 1.84
N LEU A 83 6.95 -8.16 1.83
CA LEU A 83 5.64 -7.55 1.68
C LEU A 83 5.71 -6.43 0.66
N SER A 84 5.48 -6.78 -0.59
CA SER A 84 5.52 -5.82 -1.67
C SER A 84 4.21 -5.03 -1.72
N LEU A 85 4.33 -3.77 -2.13
CA LEU A 85 3.16 -2.90 -2.22
C LEU A 85 3.36 -1.92 -3.38
N THR A 86 2.39 -1.92 -4.27
CA THR A 86 2.43 -1.04 -5.43
C THR A 86 1.62 0.23 -5.17
N LEU A 87 2.33 1.35 -5.12
CA LEU A 87 1.69 2.63 -4.89
C LEU A 87 1.62 3.41 -6.19
N GLN A 88 0.90 4.53 -6.15
CA GLN A 88 0.75 5.38 -7.31
C GLN A 88 0.83 6.85 -6.92
N LYS A 89 1.67 7.58 -7.65
CA LYS A 89 1.84 9.00 -7.37
C LYS A 89 0.57 9.75 -7.77
N SER A 90 -0.19 10.12 -6.76
CA SER A 90 -1.44 10.85 -6.98
C SER A 90 -1.21 11.96 -8.01
N GLY A 1 -6.96 13.51 -26.30
CA GLY A 1 -6.17 13.31 -25.10
C GLY A 1 -5.17 12.17 -25.27
N SER A 2 -4.65 11.70 -24.15
CA SER A 2 -3.69 10.60 -24.17
C SER A 2 -3.39 10.14 -22.75
N SER A 3 -3.34 8.83 -22.57
CA SER A 3 -3.07 8.26 -21.27
C SER A 3 -4.19 8.60 -20.30
N GLY A 4 -4.29 7.80 -19.24
CA GLY A 4 -5.33 8.01 -18.24
C GLY A 4 -4.93 9.15 -17.29
N SER A 5 -4.89 8.82 -16.01
CA SER A 5 -4.54 9.80 -14.99
C SER A 5 -3.50 9.21 -14.03
N SER A 6 -2.24 9.38 -14.39
CA SER A 6 -1.15 8.87 -13.57
C SER A 6 0.01 9.87 -13.56
N GLY A 7 0.80 9.81 -12.50
CA GLY A 7 1.94 10.70 -12.35
C GLY A 7 3.24 9.90 -12.22
N MET A 8 3.14 8.79 -11.51
CA MET A 8 4.31 7.94 -11.30
C MET A 8 3.97 6.76 -10.39
N SER A 9 3.76 5.61 -11.02
CA SER A 9 3.43 4.40 -10.27
C SER A 9 4.71 3.69 -9.83
N TYR A 10 4.78 3.39 -8.55
CA TYR A 10 5.93 2.71 -7.99
C TYR A 10 5.51 1.56 -7.06
N SER A 11 6.50 0.86 -6.55
CA SER A 11 6.25 -0.26 -5.65
C SER A 11 7.23 -0.22 -4.48
N VAL A 12 6.88 -0.95 -3.43
CA VAL A 12 7.71 -1.01 -2.25
C VAL A 12 7.99 -2.47 -1.90
N THR A 13 9.15 -2.70 -1.31
CA THR A 13 9.55 -4.04 -0.92
C THR A 13 10.02 -4.05 0.54
N LEU A 14 9.09 -4.40 1.42
CA LEU A 14 9.40 -4.46 2.85
C LEU A 14 9.65 -5.92 3.25
N THR A 15 10.92 -6.24 3.40
CA THR A 15 11.31 -7.59 3.78
C THR A 15 10.77 -7.92 5.18
N GLY A 16 10.31 -9.16 5.32
CA GLY A 16 9.77 -9.62 6.59
C GLY A 16 10.78 -10.50 7.33
N PRO A 17 10.65 -10.50 8.69
CA PRO A 17 9.63 -9.70 9.35
C PRO A 17 10.00 -8.22 9.35
N GLY A 18 8.96 -7.39 9.20
CA GLY A 18 9.16 -5.95 9.20
C GLY A 18 9.73 -5.46 10.53
N PRO A 19 8.80 -5.11 11.46
CA PRO A 19 7.37 -5.22 11.16
C PRO A 19 6.93 -4.09 10.23
N TRP A 20 5.67 -4.17 9.82
CA TRP A 20 5.11 -3.17 8.93
C TRP A 20 4.41 -2.11 9.79
N GLY A 21 5.12 -1.02 10.03
CA GLY A 21 4.57 0.06 10.83
C GLY A 21 3.82 1.07 9.96
N PHE A 22 2.83 0.56 9.23
CA PHE A 22 2.03 1.39 8.37
C PHE A 22 0.61 0.85 8.23
N ARG A 23 -0.35 1.76 8.35
CA ARG A 23 -1.76 1.37 8.25
C ARG A 23 -2.29 1.69 6.86
N LEU A 24 -3.47 1.16 6.57
CA LEU A 24 -4.10 1.38 5.28
C LEU A 24 -5.33 2.28 5.47
N GLN A 25 -5.75 2.89 4.37
CA GLN A 25 -6.89 3.77 4.39
C GLN A 25 -7.90 3.37 3.31
N GLY A 26 -9.05 4.01 3.34
CA GLY A 26 -10.10 3.73 2.37
C GLY A 26 -10.15 2.23 2.05
N GLY A 27 -10.53 1.94 0.80
CA GLY A 27 -10.61 0.57 0.35
C GLY A 27 -11.95 0.31 -0.35
N LYS A 28 -12.00 -0.81 -1.06
CA LYS A 28 -13.20 -1.18 -1.78
C LYS A 28 -14.41 -1.08 -0.85
N ASP A 29 -14.17 -1.41 0.42
CA ASP A 29 -15.21 -1.36 1.41
C ASP A 29 -15.59 0.10 1.69
N PHE A 30 -14.55 0.92 1.84
CA PHE A 30 -14.76 2.33 2.10
C PHE A 30 -15.05 3.11 0.81
N ASN A 31 -15.14 2.35 -0.28
CA ASN A 31 -15.41 2.94 -1.58
C ASN A 31 -14.34 3.99 -1.88
N MET A 32 -13.20 3.83 -1.23
CA MET A 32 -12.09 4.75 -1.41
C MET A 32 -10.83 4.01 -1.84
N PRO A 33 -9.85 4.80 -2.39
CA PRO A 33 -8.60 4.23 -2.84
C PRO A 33 -7.70 3.87 -1.66
N LEU A 34 -7.22 2.63 -1.66
CA LEU A 34 -6.35 2.16 -0.61
C LEU A 34 -5.09 3.03 -0.54
N THR A 35 -5.08 3.92 0.44
CA THR A 35 -3.96 4.81 0.61
C THR A 35 -3.23 4.52 1.94
N ILE A 36 -2.01 5.00 2.03
CA ILE A 36 -1.20 4.79 3.22
C ILE A 36 -1.77 5.63 4.37
N SER A 37 -2.57 4.98 5.21
CA SER A 37 -3.17 5.66 6.34
C SER A 37 -2.11 6.44 7.11
N ARG A 38 -1.29 5.69 7.84
CA ARG A 38 -0.23 6.30 8.63
C ARG A 38 1.05 5.46 8.54
N ILE A 39 2.15 6.08 8.94
CA ILE A 39 3.44 5.40 8.91
C ILE A 39 4.24 5.77 10.17
N THR A 40 4.89 4.77 10.73
CA THR A 40 5.68 4.96 11.92
C THR A 40 7.10 5.36 11.57
N PRO A 41 7.65 6.34 12.35
CA PRO A 41 9.00 6.82 12.11
C PRO A 41 10.03 5.80 12.60
N GLY A 42 11.02 5.56 11.74
CA GLY A 42 12.08 4.62 12.05
C GLY A 42 11.74 3.22 11.53
N SER A 43 10.47 3.04 11.20
CA SER A 43 10.00 1.76 10.68
C SER A 43 10.40 1.61 9.21
N LYS A 44 10.34 0.38 8.74
CA LYS A 44 10.70 0.08 7.36
C LYS A 44 9.86 0.97 6.44
N ALA A 45 8.72 1.39 6.94
CA ALA A 45 7.83 2.24 6.17
C ALA A 45 8.42 3.65 6.09
N ALA A 46 9.22 3.98 7.09
CA ALA A 46 9.86 5.28 7.14
C ALA A 46 11.29 5.19 6.59
N GLN A 47 11.53 4.11 5.87
CA GLN A 47 12.84 3.87 5.28
C GLN A 47 12.70 3.32 3.87
N SER A 48 11.49 3.39 3.35
CA SER A 48 11.20 2.88 2.01
C SER A 48 10.63 4.01 1.14
N GLN A 49 9.64 3.64 0.34
CA GLN A 49 9.00 4.61 -0.54
C GLN A 49 7.52 4.74 -0.20
N LEU A 50 7.21 4.42 1.06
CA LEU A 50 5.83 4.51 1.53
C LEU A 50 5.64 5.82 2.28
N SER A 51 4.64 6.58 1.84
CA SER A 51 4.35 7.85 2.47
C SER A 51 2.84 8.02 2.63
N GLN A 52 2.45 8.79 3.63
CA GLN A 52 1.05 9.04 3.90
C GLN A 52 0.39 9.74 2.72
N GLY A 53 -0.67 9.13 2.21
CA GLY A 53 -1.39 9.69 1.08
C GLY A 53 -1.22 8.82 -0.17
N ASP A 54 -0.11 8.11 -0.20
CA ASP A 54 0.18 7.23 -1.33
C ASP A 54 -1.09 6.49 -1.74
N LEU A 55 -1.12 6.08 -3.00
CA LEU A 55 -2.27 5.37 -3.53
C LEU A 55 -1.87 3.93 -3.84
N VAL A 56 -2.29 3.03 -2.96
CA VAL A 56 -1.97 1.61 -3.13
C VAL A 56 -2.88 1.03 -4.22
N VAL A 57 -2.26 0.29 -5.12
CA VAL A 57 -2.99 -0.33 -6.22
C VAL A 57 -3.06 -1.83 -5.98
N ALA A 58 -1.89 -2.47 -6.04
CA ALA A 58 -1.81 -3.91 -5.83
C ALA A 58 -0.84 -4.20 -4.68
N ILE A 59 -1.16 -5.24 -3.94
CA ILE A 59 -0.32 -5.64 -2.81
C ILE A 59 0.38 -6.96 -3.14
N ASP A 60 1.70 -6.87 -3.32
CA ASP A 60 2.49 -8.03 -3.64
C ASP A 60 2.08 -8.57 -5.01
N GLY A 61 1.40 -7.72 -5.76
CA GLY A 61 0.94 -8.09 -7.08
C GLY A 61 -0.54 -8.45 -7.08
N VAL A 62 -1.22 -8.00 -6.03
CA VAL A 62 -2.65 -8.26 -5.90
C VAL A 62 -3.39 -6.93 -5.78
N ASN A 63 -4.12 -6.61 -6.83
CA ASN A 63 -4.89 -5.37 -6.86
C ASN A 63 -5.69 -5.24 -5.57
N THR A 64 -5.92 -4.00 -5.18
CA THR A 64 -6.67 -3.72 -3.96
C THR A 64 -8.00 -3.03 -4.29
N ASP A 65 -8.07 -2.52 -5.51
CA ASP A 65 -9.28 -1.84 -5.97
C ASP A 65 -10.46 -2.81 -5.89
N THR A 66 -10.14 -4.09 -5.94
CA THR A 66 -11.15 -5.13 -5.88
C THR A 66 -11.27 -5.68 -4.46
N MET A 67 -10.23 -5.46 -3.69
CA MET A 67 -10.20 -5.93 -2.31
C MET A 67 -10.62 -4.81 -1.34
N THR A 68 -11.27 -5.22 -0.27
CA THR A 68 -11.71 -4.27 0.74
C THR A 68 -10.53 -3.76 1.55
N HIS A 69 -10.83 -2.90 2.52
CA HIS A 69 -9.81 -2.33 3.37
C HIS A 69 -9.06 -3.45 4.11
N LEU A 70 -9.83 -4.27 4.80
CA LEU A 70 -9.26 -5.38 5.54
C LEU A 70 -8.44 -6.26 4.60
N GLU A 71 -9.12 -6.75 3.58
CA GLU A 71 -8.46 -7.60 2.59
C GLU A 71 -7.04 -7.12 2.34
N ALA A 72 -6.93 -5.89 1.88
CA ALA A 72 -5.64 -5.30 1.59
C ALA A 72 -4.72 -5.47 2.81
N GLN A 73 -5.30 -5.22 3.98
CA GLN A 73 -4.55 -5.35 5.22
C GLN A 73 -4.13 -6.80 5.45
N ASN A 74 -5.13 -7.67 5.52
CA ASN A 74 -4.87 -9.08 5.72
C ASN A 74 -3.76 -9.54 4.78
N LYS A 75 -3.72 -8.92 3.61
CA LYS A 75 -2.71 -9.25 2.62
C LYS A 75 -1.32 -9.02 3.20
N ILE A 76 -1.21 -7.93 3.97
CA ILE A 76 0.05 -7.58 4.59
C ILE A 76 0.55 -8.78 5.43
N LYS A 77 -0.36 -9.30 6.24
CA LYS A 77 -0.03 -10.43 7.08
C LYS A 77 0.30 -11.64 6.21
N SER A 78 -0.51 -11.84 5.20
CA SER A 78 -0.31 -12.95 4.28
C SER A 78 1.16 -13.07 3.90
N ALA A 79 1.74 -11.92 3.56
CA ALA A 79 3.14 -11.87 3.18
C ALA A 79 3.97 -12.64 4.21
N SER A 80 5.10 -13.17 3.74
CA SER A 80 5.99 -13.92 4.60
C SER A 80 7.42 -13.39 4.48
N TYR A 81 8.16 -13.98 3.56
CA TYR A 81 9.54 -13.57 3.33
C TYR A 81 9.64 -12.05 3.20
N ASN A 82 8.89 -11.52 2.26
CA ASN A 82 8.89 -10.09 2.02
C ASN A 82 7.45 -9.60 1.83
N LEU A 83 7.30 -8.28 1.72
CA LEU A 83 6.00 -7.68 1.53
C LEU A 83 6.08 -6.60 0.46
N SER A 84 5.48 -6.89 -0.68
CA SER A 84 5.48 -5.96 -1.80
C SER A 84 4.16 -5.20 -1.83
N LEU A 85 4.27 -3.91 -2.14
CA LEU A 85 3.09 -3.06 -2.22
C LEU A 85 3.27 -2.05 -3.36
N THR A 86 2.35 -2.12 -4.31
CA THR A 86 2.39 -1.23 -5.46
C THR A 86 1.56 0.02 -5.19
N LEU A 87 2.22 1.17 -5.24
CA LEU A 87 1.55 2.44 -5.00
C LEU A 87 1.46 3.21 -6.32
N GLN A 88 0.72 4.31 -6.27
CA GLN A 88 0.55 5.15 -7.44
C GLN A 88 0.57 6.63 -7.05
N LYS A 89 1.37 7.39 -7.79
CA LYS A 89 1.48 8.82 -7.53
C LYS A 89 0.16 9.50 -7.86
N SER A 90 -0.41 10.15 -6.85
CA SER A 90 -1.67 10.84 -7.03
C SER A 90 -1.48 12.04 -7.97
N GLY A 1 -8.46 15.79 -20.72
CA GLY A 1 -8.02 15.17 -19.47
C GLY A 1 -9.23 14.83 -18.58
N SER A 2 -10.07 13.94 -19.09
CA SER A 2 -11.25 13.53 -18.36
C SER A 2 -11.08 12.10 -17.84
N SER A 3 -11.02 11.99 -16.52
CA SER A 3 -10.85 10.70 -15.88
C SER A 3 -9.51 10.09 -16.27
N GLY A 4 -8.97 9.29 -15.38
CA GLY A 4 -7.69 8.64 -15.61
C GLY A 4 -6.54 9.65 -15.58
N SER A 5 -5.95 9.79 -14.41
CA SER A 5 -4.84 10.71 -14.23
C SER A 5 -3.78 10.09 -13.31
N SER A 6 -2.61 9.85 -13.89
CA SER A 6 -1.52 9.26 -13.14
C SER A 6 -0.35 10.24 -13.06
N GLY A 7 0.77 9.74 -12.56
CA GLY A 7 1.96 10.56 -12.42
C GLY A 7 3.22 9.70 -12.38
N MET A 8 3.14 8.63 -11.60
CA MET A 8 4.27 7.72 -11.46
C MET A 8 3.90 6.53 -10.56
N SER A 9 3.81 5.38 -11.18
CA SER A 9 3.47 4.17 -10.44
C SER A 9 4.74 3.48 -9.95
N TYR A 10 4.77 3.23 -8.65
CA TYR A 10 5.92 2.58 -8.03
C TYR A 10 5.48 1.50 -7.05
N SER A 11 6.47 0.82 -6.48
CA SER A 11 6.20 -0.24 -5.52
C SER A 11 7.25 -0.23 -4.42
N VAL A 12 6.86 -0.74 -3.26
CA VAL A 12 7.76 -0.79 -2.12
C VAL A 12 8.04 -2.25 -1.76
N THR A 13 9.30 -2.53 -1.48
CA THR A 13 9.71 -3.87 -1.12
C THR A 13 10.23 -3.91 0.32
N LEU A 14 9.36 -4.35 1.21
CA LEU A 14 9.71 -4.44 2.62
C LEU A 14 9.93 -5.90 2.99
N THR A 15 11.15 -6.20 3.40
CA THR A 15 11.50 -7.56 3.80
C THR A 15 10.91 -7.89 5.16
N GLY A 16 10.31 -9.06 5.25
CA GLY A 16 9.70 -9.51 6.49
C GLY A 16 10.65 -10.44 7.26
N PRO A 17 10.49 -10.44 8.60
CA PRO A 17 9.50 -9.59 9.25
C PRO A 17 9.94 -8.13 9.25
N GLY A 18 8.96 -7.24 9.16
CA GLY A 18 9.24 -5.81 9.15
C GLY A 18 9.73 -5.34 10.53
N PRO A 19 8.74 -5.03 11.41
CA PRO A 19 7.34 -5.14 11.03
C PRO A 19 6.93 -4.00 10.11
N TRP A 20 5.70 -4.09 9.61
CA TRP A 20 5.18 -3.07 8.72
C TRP A 20 4.44 -2.03 9.56
N GLY A 21 5.14 -0.94 9.85
CA GLY A 21 4.58 0.13 10.65
C GLY A 21 3.80 1.12 9.76
N PHE A 22 2.85 0.58 9.02
CA PHE A 22 2.04 1.40 8.14
C PHE A 22 0.61 0.87 8.07
N ARG A 23 -0.34 1.81 8.10
CA ARG A 23 -1.75 1.46 8.05
C ARG A 23 -2.32 1.76 6.67
N LEU A 24 -3.52 1.27 6.44
CA LEU A 24 -4.19 1.49 5.16
C LEU A 24 -5.38 2.43 5.36
N GLN A 25 -5.86 2.96 4.25
CA GLN A 25 -6.99 3.87 4.29
C GLN A 25 -8.03 3.47 3.25
N GLY A 26 -9.20 4.09 3.37
CA GLY A 26 -10.29 3.80 2.45
C GLY A 26 -10.32 2.32 2.08
N GLY A 27 -10.58 2.07 0.80
CA GLY A 27 -10.63 0.71 0.30
C GLY A 27 -11.97 0.42 -0.36
N LYS A 28 -12.06 -0.75 -0.98
CA LYS A 28 -13.28 -1.16 -1.65
C LYS A 28 -14.46 -1.03 -0.68
N ASP A 29 -14.18 -1.32 0.58
CA ASP A 29 -15.20 -1.24 1.60
C ASP A 29 -15.65 0.22 1.77
N PHE A 30 -14.65 1.09 1.85
CA PHE A 30 -14.93 2.51 2.00
C PHE A 30 -15.16 3.18 0.64
N ASN A 31 -15.14 2.36 -0.40
CA ASN A 31 -15.34 2.85 -1.74
C ASN A 31 -14.28 3.89 -2.08
N MET A 32 -13.20 3.85 -1.32
CA MET A 32 -12.10 4.78 -1.51
C MET A 32 -10.83 4.06 -1.91
N PRO A 33 -9.85 4.86 -2.44
CA PRO A 33 -8.58 4.30 -2.87
C PRO A 33 -7.69 3.95 -1.67
N LEU A 34 -7.21 2.72 -1.66
CA LEU A 34 -6.36 2.24 -0.58
C LEU A 34 -5.08 3.08 -0.56
N THR A 35 -5.04 4.01 0.39
CA THR A 35 -3.88 4.87 0.54
C THR A 35 -3.18 4.60 1.87
N ILE A 36 -1.91 4.96 1.91
CA ILE A 36 -1.12 4.77 3.12
C ILE A 36 -1.66 5.66 4.24
N SER A 37 -2.48 5.06 5.09
CA SER A 37 -3.06 5.79 6.21
C SER A 37 -1.98 6.55 6.97
N ARG A 38 -1.18 5.80 7.70
CA ARG A 38 -0.10 6.39 8.47
C ARG A 38 1.15 5.50 8.43
N ILE A 39 2.24 6.05 8.90
CA ILE A 39 3.50 5.33 8.93
C ILE A 39 4.26 5.66 10.21
N THR A 40 4.82 4.63 10.82
CA THR A 40 5.57 4.79 12.04
C THR A 40 7.03 5.17 11.74
N PRO A 41 7.59 6.03 12.63
CA PRO A 41 8.97 6.48 12.46
C PRO A 41 9.96 5.38 12.84
N GLY A 42 10.89 5.13 11.93
CA GLY A 42 11.90 4.10 12.16
C GLY A 42 11.52 2.80 11.46
N SER A 43 10.23 2.51 11.47
CA SER A 43 9.73 1.31 10.83
C SER A 43 10.24 1.22 9.38
N LYS A 44 10.09 0.04 8.81
CA LYS A 44 10.52 -0.18 7.43
C LYS A 44 9.72 0.73 6.50
N ALA A 45 8.55 1.12 6.97
CA ALA A 45 7.69 2.00 6.18
C ALA A 45 8.32 3.37 6.07
N ALA A 46 9.05 3.74 7.12
CA ALA A 46 9.72 5.03 7.16
C ALA A 46 11.18 4.86 6.74
N GLN A 47 11.44 3.77 6.03
CA GLN A 47 12.79 3.47 5.57
C GLN A 47 12.75 2.93 4.14
N SER A 48 11.58 3.06 3.52
CA SER A 48 11.40 2.60 2.16
C SER A 48 11.03 3.77 1.25
N GLN A 49 10.02 3.53 0.42
CA GLN A 49 9.55 4.56 -0.51
C GLN A 49 8.06 4.80 -0.31
N LEU A 50 7.51 4.13 0.68
CA LEU A 50 6.09 4.27 0.99
C LEU A 50 5.89 5.42 1.96
N SER A 51 5.07 6.38 1.55
CA SER A 51 4.78 7.54 2.38
C SER A 51 3.28 7.64 2.64
N GLN A 52 2.92 8.58 3.49
CA GLN A 52 1.53 8.80 3.82
C GLN A 52 0.80 9.51 2.68
N GLY A 53 -0.39 9.01 2.39
CA GLY A 53 -1.19 9.59 1.30
C GLY A 53 -1.07 8.76 0.03
N ASP A 54 0.07 8.09 -0.10
CA ASP A 54 0.33 7.27 -1.27
C ASP A 54 -0.95 6.52 -1.64
N LEU A 55 -1.02 6.14 -2.91
CA LEU A 55 -2.18 5.42 -3.42
C LEU A 55 -1.77 3.98 -3.74
N VAL A 56 -2.30 3.06 -2.95
CA VAL A 56 -2.01 1.65 -3.15
C VAL A 56 -2.90 1.09 -4.26
N VAL A 57 -2.26 0.39 -5.19
CA VAL A 57 -2.97 -0.20 -6.31
C VAL A 57 -3.02 -1.72 -6.14
N ALA A 58 -1.84 -2.32 -6.16
CA ALA A 58 -1.74 -3.76 -6.01
C ALA A 58 -0.72 -4.08 -4.92
N ILE A 59 -1.11 -4.99 -4.03
CA ILE A 59 -0.24 -5.38 -2.93
C ILE A 59 0.52 -6.65 -3.33
N ASP A 60 1.82 -6.46 -3.57
CA ASP A 60 2.67 -7.58 -3.95
C ASP A 60 2.27 -8.07 -5.34
N GLY A 61 1.37 -7.31 -5.97
CA GLY A 61 0.89 -7.65 -7.30
C GLY A 61 -0.57 -8.07 -7.26
N VAL A 62 -1.26 -7.64 -6.21
CA VAL A 62 -2.66 -7.97 -6.04
C VAL A 62 -3.47 -6.67 -5.88
N ASN A 63 -4.20 -6.34 -6.92
CA ASN A 63 -5.02 -5.14 -6.91
C ASN A 63 -5.69 -5.00 -5.54
N THR A 64 -5.97 -3.75 -5.19
CA THR A 64 -6.59 -3.46 -3.91
C THR A 64 -7.96 -2.80 -4.13
N ASP A 65 -8.01 -1.95 -5.14
CA ASP A 65 -9.24 -1.24 -5.47
C ASP A 65 -10.42 -2.22 -5.38
N THR A 66 -10.15 -3.45 -5.79
CA THR A 66 -11.17 -4.48 -5.78
C THR A 66 -11.31 -5.07 -4.38
N MET A 67 -10.18 -5.18 -3.70
CA MET A 67 -10.16 -5.72 -2.35
C MET A 67 -10.62 -4.67 -1.33
N THR A 68 -11.13 -5.16 -0.21
CA THR A 68 -11.60 -4.29 0.84
C THR A 68 -10.45 -3.87 1.75
N HIS A 69 -10.74 -2.94 2.64
CA HIS A 69 -9.74 -2.44 3.57
C HIS A 69 -9.12 -3.62 4.33
N LEU A 70 -9.99 -4.41 4.95
CA LEU A 70 -9.54 -5.55 5.71
C LEU A 70 -8.73 -6.47 4.81
N GLU A 71 -9.34 -6.88 3.71
CA GLU A 71 -8.68 -7.75 2.75
C GLU A 71 -7.22 -7.34 2.59
N ALA A 72 -7.03 -6.14 2.05
CA ALA A 72 -5.69 -5.62 1.82
C ALA A 72 -4.85 -5.84 3.08
N GLN A 73 -5.38 -5.37 4.20
CA GLN A 73 -4.69 -5.51 5.46
C GLN A 73 -4.23 -6.96 5.67
N ASN A 74 -5.15 -7.87 5.40
CA ASN A 74 -4.86 -9.29 5.54
C ASN A 74 -3.70 -9.66 4.61
N LYS A 75 -3.62 -8.94 3.50
CA LYS A 75 -2.56 -9.20 2.53
C LYS A 75 -1.20 -8.92 3.18
N ILE A 76 -1.18 -7.90 4.02
CA ILE A 76 0.05 -7.53 4.71
C ILE A 76 0.56 -8.73 5.52
N LYS A 77 -0.34 -9.30 6.31
CA LYS A 77 0.00 -10.44 7.13
C LYS A 77 0.34 -11.63 6.22
N SER A 78 -0.54 -11.87 5.27
CA SER A 78 -0.35 -12.97 4.33
C SER A 78 1.12 -13.06 3.93
N ALA A 79 1.64 -11.95 3.43
CA ALA A 79 3.03 -11.89 3.00
C ALA A 79 3.90 -12.62 4.02
N SER A 80 5.01 -13.14 3.53
CA SER A 80 5.94 -13.87 4.38
C SER A 80 7.35 -13.29 4.22
N TYR A 81 8.06 -13.81 3.23
CA TYR A 81 9.42 -13.37 2.97
C TYR A 81 9.50 -11.84 2.95
N ASN A 82 8.69 -11.24 2.11
CA ASN A 82 8.66 -9.79 1.99
C ASN A 82 7.22 -9.32 1.81
N LEU A 83 7.03 -8.02 1.91
CA LEU A 83 5.71 -7.43 1.76
C LEU A 83 5.77 -6.33 0.70
N SER A 84 5.50 -6.72 -0.54
CA SER A 84 5.51 -5.78 -1.64
C SER A 84 4.18 -5.03 -1.71
N LEU A 85 4.27 -3.75 -2.05
CA LEU A 85 3.08 -2.92 -2.16
C LEU A 85 3.25 -1.93 -3.31
N THR A 86 2.38 -2.04 -4.29
CA THR A 86 2.42 -1.16 -5.45
C THR A 86 1.59 0.09 -5.20
N LEU A 87 2.26 1.23 -5.18
CA LEU A 87 1.59 2.50 -4.96
C LEU A 87 1.57 3.29 -6.26
N GLN A 88 0.82 4.39 -6.24
CA GLN A 88 0.69 5.23 -7.41
C GLN A 88 0.77 6.71 -7.01
N LYS A 89 1.46 7.48 -7.83
CA LYS A 89 1.62 8.90 -7.58
C LYS A 89 0.32 9.63 -7.97
N SER A 90 -0.38 10.10 -6.95
CA SER A 90 -1.63 10.81 -7.17
C SER A 90 -1.34 12.30 -7.38
N GLY A 1 1.43 8.57 -18.71
CA GLY A 1 0.29 8.87 -19.56
C GLY A 1 -0.17 7.63 -20.33
N SER A 2 -1.07 6.89 -19.70
CA SER A 2 -1.60 5.69 -20.32
C SER A 2 -2.93 5.32 -19.69
N SER A 3 -3.99 5.91 -20.23
CA SER A 3 -5.33 5.66 -19.73
C SER A 3 -5.37 5.87 -18.21
N GLY A 4 -5.86 7.03 -17.82
CA GLY A 4 -5.97 7.36 -16.40
C GLY A 4 -5.05 8.53 -16.05
N SER A 5 -5.37 9.17 -14.94
CA SER A 5 -4.59 10.30 -14.48
C SER A 5 -3.45 9.83 -13.57
N SER A 6 -2.41 9.30 -14.20
CA SER A 6 -1.25 8.81 -13.47
C SER A 6 -0.07 9.76 -13.66
N GLY A 7 0.89 9.64 -12.76
CA GLY A 7 2.08 10.48 -12.82
C GLY A 7 3.35 9.63 -12.68
N MET A 8 3.31 8.70 -11.74
CA MET A 8 4.44 7.83 -11.51
C MET A 8 4.08 6.69 -10.55
N SER A 9 3.87 5.52 -11.12
CA SER A 9 3.51 4.36 -10.32
C SER A 9 4.77 3.62 -9.89
N TYR A 10 4.85 3.36 -8.58
CA TYR A 10 6.00 2.66 -8.03
C TYR A 10 5.54 1.59 -7.03
N SER A 11 6.53 0.86 -6.52
CA SER A 11 6.26 -0.19 -5.55
C SER A 11 7.28 -0.14 -4.42
N VAL A 12 6.93 -0.79 -3.32
CA VAL A 12 7.80 -0.83 -2.16
C VAL A 12 8.11 -2.29 -1.80
N THR A 13 9.31 -2.50 -1.31
CA THR A 13 9.74 -3.84 -0.93
C THR A 13 10.04 -3.90 0.56
N LEU A 14 9.05 -4.35 1.32
CA LEU A 14 9.20 -4.45 2.76
C LEU A 14 9.48 -5.90 3.14
N THR A 15 10.76 -6.20 3.34
CA THR A 15 11.17 -7.53 3.71
C THR A 15 10.67 -7.89 5.11
N GLY A 16 10.15 -9.11 5.23
CA GLY A 16 9.63 -9.57 6.50
C GLY A 16 10.65 -10.49 7.20
N PRO A 17 10.55 -10.52 8.56
CA PRO A 17 9.55 -9.73 9.26
C PRO A 17 9.92 -8.25 9.29
N GLY A 18 8.91 -7.41 9.17
CA GLY A 18 9.12 -5.97 9.19
C GLY A 18 9.66 -5.51 10.54
N PRO A 19 8.70 -5.21 11.47
CA PRO A 19 7.29 -5.33 11.15
C PRO A 19 6.84 -4.18 10.24
N TRP A 20 5.59 -4.27 9.81
CA TRP A 20 5.01 -3.25 8.95
C TRP A 20 4.33 -2.21 9.83
N GLY A 21 5.07 -1.12 10.07
CA GLY A 21 4.55 -0.04 10.90
C GLY A 21 3.78 0.97 10.06
N PHE A 22 2.91 0.45 9.20
CA PHE A 22 2.11 1.29 8.34
C PHE A 22 0.67 0.81 8.28
N ARG A 23 -0.24 1.76 8.10
CA ARG A 23 -1.66 1.44 8.03
C ARG A 23 -2.20 1.77 6.63
N LEU A 24 -3.42 1.33 6.40
CA LEU A 24 -4.07 1.56 5.11
C LEU A 24 -5.27 2.47 5.31
N GLN A 25 -5.75 3.03 4.21
CA GLN A 25 -6.89 3.93 4.26
C GLN A 25 -7.93 3.51 3.21
N GLY A 26 -9.09 4.14 3.30
CA GLY A 26 -10.18 3.84 2.38
C GLY A 26 -10.23 2.35 2.04
N GLY A 27 -10.49 2.06 0.78
CA GLY A 27 -10.57 0.68 0.33
C GLY A 27 -11.91 0.40 -0.35
N LYS A 28 -11.97 -0.74 -1.03
CA LYS A 28 -13.19 -1.14 -1.72
C LYS A 28 -14.37 -1.03 -0.76
N ASP A 29 -14.10 -1.35 0.50
CA ASP A 29 -15.13 -1.30 1.51
C ASP A 29 -15.57 0.16 1.72
N PHE A 30 -14.58 1.03 1.82
CA PHE A 30 -14.86 2.45 2.02
C PHE A 30 -15.05 3.15 0.68
N ASN A 31 -15.24 2.35 -0.36
CA ASN A 31 -15.45 2.88 -1.69
C ASN A 31 -14.39 3.97 -1.97
N MET A 32 -13.22 3.75 -1.40
CA MET A 32 -12.13 4.70 -1.58
C MET A 32 -10.83 3.98 -1.97
N PRO A 33 -9.86 4.78 -2.49
CA PRO A 33 -8.59 4.24 -2.91
C PRO A 33 -7.71 3.90 -1.70
N LEU A 34 -7.21 2.67 -1.69
CA LEU A 34 -6.36 2.22 -0.59
C LEU A 34 -5.09 3.07 -0.56
N THR A 35 -5.06 4.00 0.37
CA THR A 35 -3.90 4.88 0.52
C THR A 35 -3.22 4.64 1.87
N ILE A 36 -1.94 5.00 1.92
CA ILE A 36 -1.16 4.83 3.13
C ILE A 36 -1.75 5.70 4.24
N SER A 37 -2.45 5.05 5.17
CA SER A 37 -3.07 5.76 6.28
C SER A 37 -2.01 6.52 7.06
N ARG A 38 -1.25 5.76 7.85
CA ARG A 38 -0.19 6.35 8.66
C ARG A 38 1.09 5.52 8.54
N ILE A 39 2.18 6.10 9.03
CA ILE A 39 3.47 5.43 8.99
C ILE A 39 4.25 5.77 10.26
N THR A 40 4.82 4.74 10.86
CA THR A 40 5.60 4.92 12.08
C THR A 40 7.04 5.31 11.73
N PRO A 41 7.61 6.20 12.60
CA PRO A 41 8.98 6.66 12.39
C PRO A 41 9.99 5.58 12.77
N GLY A 42 10.98 5.41 11.92
CA GLY A 42 12.01 4.42 12.16
C GLY A 42 11.67 3.09 11.47
N SER A 43 10.38 2.85 11.34
CA SER A 43 9.90 1.62 10.71
C SER A 43 10.48 1.52 9.29
N LYS A 44 10.27 0.36 8.69
CA LYS A 44 10.76 0.11 7.34
C LYS A 44 9.97 0.97 6.35
N ALA A 45 8.73 1.28 6.74
CA ALA A 45 7.87 2.09 5.90
C ALA A 45 8.37 3.53 5.91
N ALA A 46 9.12 3.86 6.94
CA ALA A 46 9.66 5.20 7.08
C ALA A 46 11.11 5.21 6.57
N GLN A 47 11.45 4.16 5.84
CA GLN A 47 12.79 4.04 5.29
C GLN A 47 12.74 3.53 3.85
N SER A 48 11.52 3.52 3.32
CA SER A 48 11.32 3.05 1.95
C SER A 48 10.71 4.19 1.11
N GLN A 49 9.70 3.82 0.33
CA GLN A 49 9.04 4.79 -0.53
C GLN A 49 7.60 5.00 -0.06
N LEU A 50 7.22 4.25 0.97
CA LEU A 50 5.88 4.35 1.52
C LEU A 50 5.73 5.70 2.22
N SER A 51 4.74 6.46 1.76
CA SER A 51 4.47 7.77 2.33
C SER A 51 2.97 7.93 2.59
N GLN A 52 2.66 8.73 3.61
CA GLN A 52 1.28 8.97 3.96
C GLN A 52 0.55 9.69 2.83
N GLY A 53 -0.52 9.05 2.35
CA GLY A 53 -1.30 9.61 1.27
C GLY A 53 -1.16 8.77 0.00
N ASP A 54 0.01 8.14 -0.13
CA ASP A 54 0.29 7.32 -1.29
C ASP A 54 -0.98 6.54 -1.67
N LEU A 55 -1.03 6.16 -2.94
CA LEU A 55 -2.17 5.42 -3.45
C LEU A 55 -1.75 3.98 -3.76
N VAL A 56 -2.32 3.05 -3.01
CA VAL A 56 -2.02 1.65 -3.20
C VAL A 56 -2.87 1.08 -4.33
N VAL A 57 -2.21 0.39 -5.25
CA VAL A 57 -2.90 -0.20 -6.38
C VAL A 57 -2.96 -1.72 -6.20
N ALA A 58 -1.78 -2.33 -6.19
CA ALA A 58 -1.69 -3.77 -6.03
C ALA A 58 -0.66 -4.09 -4.93
N ILE A 59 -1.06 -4.99 -4.04
CA ILE A 59 -0.20 -5.38 -2.95
C ILE A 59 0.61 -6.62 -3.36
N ASP A 60 1.90 -6.40 -3.58
CA ASP A 60 2.78 -7.48 -3.98
C ASP A 60 2.42 -7.94 -5.39
N GLY A 61 1.51 -7.19 -6.01
CA GLY A 61 1.06 -7.51 -7.35
C GLY A 61 -0.40 -7.98 -7.36
N VAL A 62 -1.10 -7.60 -6.30
CA VAL A 62 -2.50 -7.97 -6.16
C VAL A 62 -3.35 -6.71 -6.02
N ASN A 63 -4.06 -6.39 -7.08
CA ASN A 63 -4.92 -5.21 -7.08
C ASN A 63 -5.60 -5.09 -5.72
N THR A 64 -5.83 -3.84 -5.32
CA THR A 64 -6.47 -3.57 -4.05
C THR A 64 -7.83 -2.90 -4.27
N ASP A 65 -7.91 -2.11 -5.33
CA ASP A 65 -9.14 -1.42 -5.66
C ASP A 65 -10.31 -2.38 -5.55
N THR A 66 -10.06 -3.63 -5.93
CA THR A 66 -11.08 -4.65 -5.87
C THR A 66 -11.21 -5.20 -4.45
N MET A 67 -10.08 -5.22 -3.75
CA MET A 67 -10.05 -5.71 -2.38
C MET A 67 -10.53 -4.64 -1.41
N THR A 68 -11.02 -5.11 -0.26
CA THR A 68 -11.51 -4.20 0.76
C THR A 68 -10.36 -3.73 1.65
N HIS A 69 -10.70 -2.90 2.63
CA HIS A 69 -9.71 -2.38 3.56
C HIS A 69 -9.06 -3.54 4.31
N LEU A 70 -9.91 -4.37 4.90
CA LEU A 70 -9.43 -5.52 5.66
C LEU A 70 -8.63 -6.43 4.74
N GLU A 71 -9.29 -6.89 3.68
CA GLU A 71 -8.63 -7.77 2.72
C GLU A 71 -7.19 -7.34 2.50
N ALA A 72 -7.02 -6.11 2.05
CA ALA A 72 -5.70 -5.56 1.79
C ALA A 72 -4.82 -5.78 3.02
N GLN A 73 -5.39 -5.45 4.18
CA GLN A 73 -4.67 -5.61 5.44
C GLN A 73 -4.29 -7.08 5.65
N ASN A 74 -5.20 -7.96 5.26
CA ASN A 74 -4.99 -9.39 5.41
C ASN A 74 -3.76 -9.79 4.59
N LYS A 75 -3.57 -9.11 3.48
CA LYS A 75 -2.44 -9.39 2.61
C LYS A 75 -1.13 -9.14 3.38
N ILE A 76 -1.12 -8.03 4.11
CA ILE A 76 0.05 -7.68 4.89
C ILE A 76 0.47 -8.86 5.76
N LYS A 77 -0.51 -9.41 6.47
CA LYS A 77 -0.25 -10.56 7.33
C LYS A 77 0.17 -11.75 6.48
N SER A 78 -0.56 -11.95 5.39
CA SER A 78 -0.27 -13.05 4.49
C SER A 78 1.24 -13.12 4.20
N ALA A 79 1.79 -11.95 3.90
CA ALA A 79 3.21 -11.87 3.61
C ALA A 79 3.99 -12.76 4.57
N SER A 80 5.09 -13.30 4.07
CA SER A 80 5.93 -14.18 4.88
C SER A 80 7.40 -13.84 4.67
N TYR A 81 7.78 -13.76 3.39
CA TYR A 81 9.15 -13.45 3.04
C TYR A 81 9.33 -11.94 2.80
N ASN A 82 8.51 -11.42 1.90
CA ASN A 82 8.56 -10.00 1.58
C ASN A 82 7.14 -9.46 1.43
N LEU A 83 6.97 -8.20 1.80
CA LEU A 83 5.67 -7.56 1.71
C LEU A 83 5.75 -6.41 0.71
N SER A 84 5.54 -6.75 -0.56
CA SER A 84 5.58 -5.75 -1.61
C SER A 84 4.24 -5.03 -1.70
N LEU A 85 4.32 -3.76 -2.05
CA LEU A 85 3.12 -2.94 -2.18
C LEU A 85 3.29 -1.94 -3.32
N THR A 86 2.42 -2.05 -4.30
CA THR A 86 2.47 -1.17 -5.46
C THR A 86 1.63 0.08 -5.21
N LEU A 87 2.30 1.22 -5.22
CA LEU A 87 1.63 2.49 -5.01
C LEU A 87 1.56 3.27 -6.32
N GLN A 88 0.83 4.37 -6.29
CA GLN A 88 0.68 5.20 -7.47
C GLN A 88 0.72 6.68 -7.08
N LYS A 89 1.51 7.43 -7.84
CA LYS A 89 1.64 8.86 -7.59
C LYS A 89 0.32 9.57 -7.90
N SER A 90 -0.21 10.24 -6.90
CA SER A 90 -1.46 10.97 -7.06
C SER A 90 -1.21 12.47 -7.08
N GLY A 1 -14.64 17.06 -16.02
CA GLY A 1 -14.61 17.46 -14.62
C GLY A 1 -13.37 16.90 -13.92
N SER A 2 -12.29 17.66 -14.01
CA SER A 2 -11.04 17.27 -13.39
C SER A 2 -10.55 15.96 -14.01
N SER A 3 -9.51 16.08 -14.83
CA SER A 3 -8.93 14.93 -15.48
C SER A 3 -8.01 14.17 -14.52
N GLY A 4 -8.02 12.86 -14.64
CA GLY A 4 -7.20 12.02 -13.79
C GLY A 4 -6.10 11.31 -14.60
N SER A 5 -4.90 11.87 -14.52
CA SER A 5 -3.77 11.31 -15.24
C SER A 5 -2.68 10.91 -14.25
N SER A 6 -2.26 9.66 -14.36
CA SER A 6 -1.23 9.14 -13.49
C SER A 6 -0.04 10.11 -13.43
N GLY A 7 0.80 9.92 -12.43
CA GLY A 7 1.97 10.76 -12.26
C GLY A 7 3.24 9.94 -12.19
N MET A 8 3.15 8.83 -11.46
CA MET A 8 4.29 7.94 -11.30
C MET A 8 3.93 6.74 -10.42
N SER A 9 3.78 5.60 -11.06
CA SER A 9 3.44 4.38 -10.34
C SER A 9 4.71 3.68 -9.87
N TYR A 10 4.78 3.44 -8.57
CA TYR A 10 5.94 2.79 -7.99
C TYR A 10 5.50 1.69 -7.02
N SER A 11 6.50 0.99 -6.47
CA SER A 11 6.24 -0.08 -5.53
C SER A 11 7.22 -0.01 -4.36
N VAL A 12 6.94 -0.81 -3.35
CA VAL A 12 7.79 -0.85 -2.17
C VAL A 12 8.13 -2.29 -1.83
N THR A 13 9.29 -2.48 -1.22
CA THR A 13 9.75 -3.80 -0.85
C THR A 13 10.13 -3.83 0.63
N LEU A 14 9.22 -4.38 1.43
CA LEU A 14 9.45 -4.48 2.86
C LEU A 14 9.73 -5.93 3.23
N THR A 15 11.01 -6.22 3.45
CA THR A 15 11.42 -7.57 3.81
C THR A 15 10.91 -7.93 5.21
N GLY A 16 10.29 -9.10 5.30
CA GLY A 16 9.75 -9.57 6.57
C GLY A 16 10.78 -10.43 7.31
N PRO A 17 10.68 -10.40 8.66
CA PRO A 17 9.65 -9.60 9.32
C PRO A 17 10.01 -8.11 9.28
N GLY A 18 8.97 -7.29 9.18
CA GLY A 18 9.17 -5.85 9.12
C GLY A 18 9.70 -5.33 10.45
N PRO A 19 8.75 -4.96 11.36
CA PRO A 19 7.34 -5.08 11.04
C PRO A 19 6.89 -3.98 10.08
N TRP A 20 5.64 -4.10 9.65
CA TRP A 20 5.08 -3.12 8.74
C TRP A 20 4.42 -2.01 9.56
N GLY A 21 5.17 -0.93 9.75
CA GLY A 21 4.67 0.20 10.52
C GLY A 21 3.90 1.17 9.62
N PHE A 22 2.96 0.62 8.87
CA PHE A 22 2.15 1.43 7.97
C PHE A 22 0.72 0.91 7.90
N ARG A 23 -0.22 1.82 8.07
CA ARG A 23 -1.62 1.46 8.03
C ARG A 23 -2.20 1.72 6.63
N LEU A 24 -3.42 1.24 6.43
CA LEU A 24 -4.09 1.42 5.15
C LEU A 24 -5.27 2.36 5.33
N GLN A 25 -5.71 2.92 4.21
CA GLN A 25 -6.85 3.84 4.23
C GLN A 25 -7.88 3.41 3.18
N GLY A 26 -9.03 4.08 3.24
CA GLY A 26 -10.11 3.79 2.31
C GLY A 26 -10.20 2.29 2.02
N GLY A 27 -10.47 1.98 0.77
CA GLY A 27 -10.59 0.60 0.35
C GLY A 27 -11.95 0.32 -0.29
N LYS A 28 -12.02 -0.79 -1.01
CA LYS A 28 -13.26 -1.17 -1.68
C LYS A 28 -14.42 -1.06 -0.69
N ASP A 29 -14.12 -1.34 0.57
CA ASP A 29 -15.13 -1.27 1.61
C ASP A 29 -15.57 0.19 1.79
N PHE A 30 -14.58 1.06 1.86
CA PHE A 30 -14.85 2.47 2.03
C PHE A 30 -15.01 3.17 0.68
N ASN A 31 -15.30 2.37 -0.33
CA ASN A 31 -15.47 2.89 -1.68
C ASN A 31 -14.41 3.96 -1.96
N MET A 32 -13.23 3.72 -1.41
CA MET A 32 -12.12 4.65 -1.58
C MET A 32 -10.84 3.91 -1.98
N PRO A 33 -9.87 4.69 -2.51
CA PRO A 33 -8.60 4.13 -2.94
C PRO A 33 -7.72 3.79 -1.74
N LEU A 34 -7.24 2.55 -1.74
CA LEU A 34 -6.39 2.09 -0.66
C LEU A 34 -5.13 2.96 -0.59
N THR A 35 -5.13 3.86 0.38
CA THR A 35 -4.01 4.77 0.58
C THR A 35 -3.30 4.46 1.89
N ILE A 36 -2.05 4.90 1.97
CA ILE A 36 -1.26 4.69 3.17
C ILE A 36 -1.79 5.58 4.29
N SER A 37 -2.55 4.95 5.18
CA SER A 37 -3.13 5.67 6.32
C SER A 37 -2.04 6.47 7.03
N ARG A 38 -1.20 5.76 7.77
CA ARG A 38 -0.13 6.39 8.50
C ARG A 38 1.12 5.51 8.48
N ILE A 39 2.24 6.11 8.85
CA ILE A 39 3.51 5.39 8.87
C ILE A 39 4.28 5.78 10.14
N THR A 40 4.90 4.77 10.74
CA THR A 40 5.68 4.99 11.95
C THR A 40 7.12 5.37 11.60
N PRO A 41 7.61 6.45 12.28
CA PRO A 41 8.96 6.92 12.04
C PRO A 41 9.98 5.99 12.70
N GLY A 42 10.70 5.26 11.85
CA GLY A 42 11.71 4.34 12.34
C GLY A 42 11.49 2.95 11.76
N SER A 43 10.25 2.69 11.36
CA SER A 43 9.90 1.40 10.80
C SER A 43 10.43 1.28 9.37
N LYS A 44 10.35 0.08 8.84
CA LYS A 44 10.83 -0.18 7.49
C LYS A 44 10.03 0.69 6.51
N ALA A 45 8.77 0.93 6.86
CA ALA A 45 7.91 1.74 6.02
C ALA A 45 8.45 3.16 5.96
N ALA A 46 9.27 3.49 6.95
CA ALA A 46 9.86 4.82 7.02
C ALA A 46 11.30 4.76 6.50
N GLN A 47 11.59 3.69 5.79
CA GLN A 47 12.92 3.49 5.23
C GLN A 47 12.82 2.99 3.79
N SER A 48 11.61 3.03 3.26
CA SER A 48 11.37 2.60 1.90
C SER A 48 11.00 3.79 1.02
N GLN A 49 9.91 3.63 0.28
CA GLN A 49 9.45 4.69 -0.60
C GLN A 49 7.94 4.88 -0.43
N LEU A 50 7.41 4.30 0.64
CA LEU A 50 5.99 4.41 0.92
C LEU A 50 5.75 5.57 1.89
N SER A 51 4.93 6.51 1.46
CA SER A 51 4.62 7.67 2.28
C SER A 51 3.11 7.75 2.52
N GLN A 52 2.73 8.60 3.45
CA GLN A 52 1.32 8.79 3.78
C GLN A 52 0.60 9.48 2.63
N GLY A 53 -0.59 8.97 2.33
CA GLY A 53 -1.40 9.52 1.26
C GLY A 53 -1.24 8.70 -0.03
N ASP A 54 -0.11 8.03 -0.13
CA ASP A 54 0.18 7.21 -1.29
C ASP A 54 -1.09 6.48 -1.72
N LEU A 55 -1.13 6.11 -2.99
CA LEU A 55 -2.28 5.41 -3.55
C LEU A 55 -1.88 3.97 -3.88
N VAL A 56 -2.30 3.06 -3.01
CA VAL A 56 -1.99 1.64 -3.21
C VAL A 56 -2.89 1.08 -4.31
N VAL A 57 -2.26 0.36 -5.23
CA VAL A 57 -2.99 -0.24 -6.33
C VAL A 57 -3.04 -1.76 -6.14
N ALA A 58 -1.87 -2.37 -6.14
CA ALA A 58 -1.77 -3.81 -5.98
C ALA A 58 -0.74 -4.11 -4.87
N ILE A 59 -1.16 -4.97 -3.96
CA ILE A 59 -0.30 -5.36 -2.85
C ILE A 59 0.53 -6.57 -3.26
N ASP A 60 1.83 -6.33 -3.45
CA ASP A 60 2.73 -7.39 -3.84
C ASP A 60 2.40 -7.84 -5.27
N GLY A 61 1.51 -7.10 -5.90
CA GLY A 61 1.09 -7.41 -7.25
C GLY A 61 -0.35 -7.92 -7.29
N VAL A 62 -1.09 -7.57 -6.25
CA VAL A 62 -2.48 -7.98 -6.14
C VAL A 62 -3.37 -6.74 -6.04
N ASN A 63 -4.03 -6.42 -7.14
CA ASN A 63 -4.91 -5.27 -7.19
C ASN A 63 -5.70 -5.19 -5.87
N THR A 64 -5.94 -3.96 -5.45
CA THR A 64 -6.68 -3.73 -4.22
C THR A 64 -8.01 -3.02 -4.52
N ASP A 65 -8.10 -2.51 -5.73
CA ASP A 65 -9.31 -1.81 -6.16
C ASP A 65 -10.52 -2.72 -5.95
N THR A 66 -10.25 -4.01 -5.93
CA THR A 66 -11.30 -5.00 -5.75
C THR A 66 -11.30 -5.52 -4.31
N MET A 67 -10.16 -5.38 -3.67
CA MET A 67 -10.01 -5.83 -2.28
C MET A 67 -10.45 -4.74 -1.30
N THR A 68 -11.09 -5.18 -0.23
CA THR A 68 -11.57 -4.26 0.79
C THR A 68 -10.42 -3.87 1.74
N HIS A 69 -10.67 -2.85 2.53
CA HIS A 69 -9.69 -2.37 3.48
C HIS A 69 -9.09 -3.56 4.25
N LEU A 70 -9.99 -4.35 4.82
CA LEU A 70 -9.57 -5.51 5.59
C LEU A 70 -8.81 -6.47 4.68
N GLU A 71 -9.48 -6.87 3.60
CA GLU A 71 -8.87 -7.78 2.65
C GLU A 71 -7.39 -7.45 2.45
N ALA A 72 -7.15 -6.24 1.97
CA ALA A 72 -5.79 -5.78 1.74
C ALA A 72 -4.96 -6.03 2.99
N GLN A 73 -5.44 -5.49 4.10
CA GLN A 73 -4.75 -5.65 5.38
C GLN A 73 -4.37 -7.11 5.60
N ASN A 74 -5.33 -7.99 5.30
CA ASN A 74 -5.12 -9.42 5.46
C ASN A 74 -3.88 -9.83 4.67
N LYS A 75 -3.59 -9.06 3.62
CA LYS A 75 -2.45 -9.35 2.78
C LYS A 75 -1.16 -9.05 3.54
N ILE A 76 -1.09 -7.83 4.05
CA ILE A 76 0.08 -7.40 4.81
C ILE A 76 0.55 -8.54 5.71
N LYS A 77 -0.40 -9.11 6.44
CA LYS A 77 -0.11 -10.21 7.33
C LYS A 77 0.25 -11.45 6.52
N SER A 78 -0.53 -11.68 5.48
CA SER A 78 -0.30 -12.83 4.61
C SER A 78 1.16 -12.89 4.21
N ALA A 79 1.65 -11.76 3.69
CA ALA A 79 3.04 -11.68 3.26
C ALA A 79 3.93 -12.39 4.28
N SER A 80 5.10 -12.79 3.81
CA SER A 80 6.05 -13.49 4.66
C SER A 80 7.47 -12.97 4.38
N TYR A 81 8.11 -13.61 3.42
CA TYR A 81 9.47 -13.24 3.06
C TYR A 81 9.59 -11.71 2.90
N ASN A 82 8.75 -11.17 2.03
CA ASN A 82 8.75 -9.75 1.78
C ASN A 82 7.32 -9.27 1.56
N LEU A 83 7.09 -8.01 1.90
CA LEU A 83 5.77 -7.42 1.75
C LEU A 83 5.83 -6.31 0.69
N SER A 84 5.63 -6.72 -0.55
CA SER A 84 5.66 -5.78 -1.67
C SER A 84 4.32 -5.06 -1.78
N LEU A 85 4.38 -3.79 -2.15
CA LEU A 85 3.18 -2.99 -2.29
C LEU A 85 3.36 -2.02 -3.46
N THR A 86 2.35 -1.99 -4.32
CA THR A 86 2.38 -1.12 -5.48
C THR A 86 1.52 0.12 -5.24
N LEU A 87 2.20 1.26 -5.21
CA LEU A 87 1.52 2.53 -4.98
C LEU A 87 1.48 3.32 -6.29
N GLN A 88 0.74 4.42 -6.26
CA GLN A 88 0.61 5.26 -7.43
C GLN A 88 0.60 6.74 -7.02
N LYS A 89 1.31 7.55 -7.79
CA LYS A 89 1.39 8.97 -7.52
C LYS A 89 0.10 9.65 -7.98
N SER A 90 -0.67 10.11 -7.01
CA SER A 90 -1.93 10.78 -7.30
C SER A 90 -1.68 11.98 -8.22
N GLY A 1 -2.47 14.20 -24.31
CA GLY A 1 -2.65 15.38 -23.48
C GLY A 1 -3.45 15.05 -22.21
N SER A 2 -2.80 14.33 -21.31
CA SER A 2 -3.44 13.95 -20.07
C SER A 2 -2.95 14.85 -18.92
N SER A 3 -3.90 15.52 -18.29
CA SER A 3 -3.57 16.41 -17.19
C SER A 3 -3.73 15.67 -15.86
N GLY A 4 -4.93 15.16 -15.64
CA GLY A 4 -5.22 14.43 -14.42
C GLY A 4 -5.50 12.96 -14.71
N SER A 5 -4.64 12.11 -14.16
CA SER A 5 -4.80 10.67 -14.36
C SER A 5 -3.76 9.92 -13.50
N SER A 6 -2.50 10.23 -13.75
CA SER A 6 -1.42 9.59 -13.02
C SER A 6 -0.21 10.54 -12.95
N GLY A 7 0.81 10.08 -12.25
CA GLY A 7 2.03 10.86 -12.10
C GLY A 7 3.27 9.96 -12.14
N MET A 8 3.18 8.87 -11.40
CA MET A 8 4.29 7.92 -11.34
C MET A 8 3.93 6.71 -10.47
N SER A 9 3.81 5.57 -11.13
CA SER A 9 3.47 4.34 -10.44
C SER A 9 4.74 3.64 -9.95
N TYR A 10 4.79 3.40 -8.66
CA TYR A 10 5.95 2.75 -8.06
C TYR A 10 5.50 1.63 -7.10
N SER A 11 6.50 0.95 -6.55
CA SER A 11 6.23 -0.15 -5.63
C SER A 11 7.30 -0.18 -4.54
N VAL A 12 6.92 -0.76 -3.40
CA VAL A 12 7.83 -0.86 -2.28
C VAL A 12 8.14 -2.34 -2.01
N THR A 13 9.36 -2.58 -1.53
CA THR A 13 9.78 -3.94 -1.23
C THR A 13 10.32 -4.01 0.20
N LEU A 14 9.44 -4.43 1.11
CA LEU A 14 9.81 -4.57 2.50
C LEU A 14 10.09 -6.03 2.83
N THR A 15 10.97 -6.24 3.79
CA THR A 15 11.33 -7.59 4.20
C THR A 15 10.71 -7.92 5.55
N GLY A 16 10.26 -9.16 5.67
CA GLY A 16 9.65 -9.61 6.91
C GLY A 16 10.59 -10.53 7.69
N PRO A 17 10.43 -10.51 9.04
CA PRO A 17 9.41 -9.68 9.66
C PRO A 17 9.83 -8.21 9.66
N GLY A 18 8.85 -7.34 9.46
CA GLY A 18 9.10 -5.91 9.44
C GLY A 18 9.55 -5.41 10.82
N PRO A 19 8.55 -5.02 11.64
CA PRO A 19 7.16 -5.09 11.21
C PRO A 19 6.83 -3.96 10.22
N TRP A 20 5.63 -4.01 9.69
CA TRP A 20 5.19 -3.00 8.74
C TRP A 20 4.52 -1.88 9.52
N GLY A 21 5.30 -0.83 9.77
CA GLY A 21 4.80 0.32 10.50
C GLY A 21 4.00 1.25 9.58
N PHE A 22 3.05 0.67 8.88
CA PHE A 22 2.21 1.42 7.97
C PHE A 22 0.78 0.88 7.95
N ARG A 23 -0.16 1.80 8.09
CA ARG A 23 -1.57 1.42 8.09
C ARG A 23 -2.20 1.72 6.73
N LEU A 24 -3.32 1.06 6.47
CA LEU A 24 -4.03 1.25 5.21
C LEU A 24 -5.20 2.21 5.44
N GLN A 25 -5.54 2.92 4.37
CA GLN A 25 -6.64 3.88 4.44
C GLN A 25 -7.72 3.51 3.42
N GLY A 26 -8.89 4.10 3.60
CA GLY A 26 -10.01 3.85 2.71
C GLY A 26 -10.03 2.39 2.26
N GLY A 27 -10.44 2.18 1.02
CA GLY A 27 -10.52 0.85 0.45
C GLY A 27 -11.79 0.67 -0.38
N LYS A 28 -11.94 -0.54 -0.91
CA LYS A 28 -13.11 -0.85 -1.72
C LYS A 28 -14.36 -0.87 -0.84
N ASP A 29 -14.15 -1.29 0.41
CA ASP A 29 -15.24 -1.35 1.36
C ASP A 29 -15.81 0.05 1.59
N PHE A 30 -14.91 1.03 1.56
CA PHE A 30 -15.30 2.41 1.76
C PHE A 30 -15.44 3.14 0.43
N ASN A 31 -15.26 2.37 -0.65
CA ASN A 31 -15.36 2.94 -1.98
C ASN A 31 -14.23 3.95 -2.19
N MET A 32 -13.21 3.84 -1.36
CA MET A 32 -12.07 4.74 -1.44
C MET A 32 -10.80 3.98 -1.86
N PRO A 33 -9.83 4.76 -2.41
CA PRO A 33 -8.58 4.18 -2.84
C PRO A 33 -7.69 3.83 -1.65
N LEU A 34 -7.21 2.60 -1.66
CA LEU A 34 -6.34 2.12 -0.59
C LEU A 34 -5.09 3.01 -0.52
N THR A 35 -5.08 3.90 0.46
CA THR A 35 -3.96 4.79 0.64
C THR A 35 -3.24 4.49 1.95
N ILE A 36 -1.99 4.92 2.02
CA ILE A 36 -1.18 4.70 3.21
C ILE A 36 -1.73 5.56 4.35
N SER A 37 -2.53 4.92 5.19
CA SER A 37 -3.13 5.62 6.32
C SER A 37 -2.06 6.44 7.05
N ARG A 38 -1.18 5.74 7.75
CA ARG A 38 -0.12 6.39 8.48
C ARG A 38 1.14 5.51 8.49
N ILE A 39 2.25 6.12 8.88
CA ILE A 39 3.52 5.41 8.93
C ILE A 39 4.26 5.81 10.21
N THR A 40 4.89 4.82 10.83
CA THR A 40 5.64 5.05 12.05
C THR A 40 7.06 5.51 11.71
N PRO A 41 7.53 6.53 12.49
CA PRO A 41 8.86 7.07 12.29
C PRO A 41 9.93 6.12 12.84
N GLY A 42 10.70 5.54 11.92
CA GLY A 42 11.75 4.63 12.31
C GLY A 42 11.51 3.24 11.69
N SER A 43 10.25 2.97 11.39
CA SER A 43 9.87 1.70 10.80
C SER A 43 10.34 1.63 9.35
N LYS A 44 10.41 0.41 8.84
CA LYS A 44 10.84 0.20 7.47
C LYS A 44 9.98 1.06 6.54
N ALA A 45 8.72 1.19 6.90
CA ALA A 45 7.80 1.99 6.10
C ALA A 45 8.30 3.43 6.03
N ALA A 46 9.06 3.82 7.05
CA ALA A 46 9.61 5.16 7.11
C ALA A 46 11.07 5.13 6.67
N GLN A 47 11.43 4.04 5.99
CA GLN A 47 12.78 3.88 5.50
C GLN A 47 12.77 3.33 4.07
N SER A 48 11.59 3.33 3.49
CA SER A 48 11.42 2.84 2.13
C SER A 48 11.05 3.99 1.20
N GLN A 49 9.99 3.77 0.43
CA GLN A 49 9.53 4.77 -0.51
C GLN A 49 8.02 4.99 -0.36
N LEU A 50 7.46 4.33 0.65
CA LEU A 50 6.04 4.44 0.92
C LEU A 50 5.80 5.55 1.94
N SER A 51 4.99 6.52 1.54
CA SER A 51 4.67 7.65 2.40
C SER A 51 3.16 7.71 2.63
N GLN A 52 2.77 8.61 3.52
CA GLN A 52 1.36 8.79 3.84
C GLN A 52 0.65 9.49 2.68
N GLY A 53 -0.53 8.98 2.36
CA GLY A 53 -1.33 9.54 1.29
C GLY A 53 -1.18 8.73 0.00
N ASP A 54 -0.04 8.05 -0.10
CA ASP A 54 0.23 7.22 -1.26
C ASP A 54 -1.04 6.49 -1.69
N LEU A 55 -1.07 6.13 -2.95
CA LEU A 55 -2.23 5.43 -3.51
C LEU A 55 -1.84 4.00 -3.84
N VAL A 56 -2.25 3.09 -2.98
CA VAL A 56 -1.95 1.68 -3.17
C VAL A 56 -2.85 1.11 -4.28
N VAL A 57 -2.22 0.40 -5.21
CA VAL A 57 -2.93 -0.19 -6.31
C VAL A 57 -3.00 -1.71 -6.13
N ALA A 58 -1.82 -2.33 -6.15
CA ALA A 58 -1.72 -3.76 -5.99
C ALA A 58 -0.74 -4.08 -4.85
N ILE A 59 -1.10 -5.09 -4.07
CA ILE A 59 -0.26 -5.49 -2.96
C ILE A 59 0.60 -6.69 -3.38
N ASP A 60 1.88 -6.43 -3.55
CA ASP A 60 2.82 -7.46 -3.95
C ASP A 60 2.51 -7.88 -5.40
N GLY A 61 1.56 -7.18 -6.00
CA GLY A 61 1.17 -7.47 -7.37
C GLY A 61 -0.30 -7.87 -7.44
N VAL A 62 -0.99 -7.71 -6.32
CA VAL A 62 -2.41 -8.04 -6.25
C VAL A 62 -3.21 -6.76 -6.07
N ASN A 63 -3.92 -6.39 -7.12
CA ASN A 63 -4.73 -5.19 -7.11
C ASN A 63 -5.52 -5.14 -5.80
N THR A 64 -5.82 -3.92 -5.35
CA THR A 64 -6.57 -3.73 -4.13
C THR A 64 -7.93 -3.10 -4.42
N ASP A 65 -8.01 -2.47 -5.57
CA ASP A 65 -9.25 -1.82 -5.99
C ASP A 65 -10.39 -2.84 -5.93
N THR A 66 -10.01 -4.10 -5.98
CA THR A 66 -10.99 -5.18 -5.94
C THR A 66 -11.13 -5.71 -4.51
N MET A 67 -10.09 -5.49 -3.72
CA MET A 67 -10.08 -5.94 -2.35
C MET A 67 -10.55 -4.84 -1.40
N THR A 68 -11.10 -5.25 -0.27
CA THR A 68 -11.59 -4.31 0.72
C THR A 68 -10.45 -3.88 1.65
N HIS A 69 -10.76 -2.90 2.49
CA HIS A 69 -9.77 -2.39 3.44
C HIS A 69 -9.17 -3.55 4.22
N LEU A 70 -10.05 -4.37 4.80
CA LEU A 70 -9.60 -5.52 5.57
C LEU A 70 -8.77 -6.43 4.69
N GLU A 71 -9.39 -6.87 3.61
CA GLU A 71 -8.71 -7.77 2.67
C GLU A 71 -7.25 -7.34 2.51
N ALA A 72 -7.07 -6.12 2.01
CA ALA A 72 -5.73 -5.59 1.80
C ALA A 72 -4.89 -5.82 3.05
N GLN A 73 -5.46 -5.46 4.19
CA GLN A 73 -4.77 -5.62 5.46
C GLN A 73 -4.33 -7.08 5.64
N ASN A 74 -5.28 -7.98 5.50
CA ASN A 74 -5.01 -9.39 5.64
C ASN A 74 -3.82 -9.77 4.76
N LYS A 75 -3.74 -9.10 3.61
CA LYS A 75 -2.66 -9.35 2.67
C LYS A 75 -1.32 -9.09 3.36
N ILE A 76 -1.27 -7.99 4.10
CA ILE A 76 -0.07 -7.62 4.81
C ILE A 76 0.41 -8.80 5.66
N LYS A 77 -0.53 -9.35 6.43
CA LYS A 77 -0.23 -10.48 7.29
C LYS A 77 0.16 -11.68 6.43
N SER A 78 -0.66 -11.94 5.42
CA SER A 78 -0.41 -13.06 4.53
C SER A 78 1.08 -13.15 4.20
N ALA A 79 1.63 -12.02 3.77
CA ALA A 79 3.04 -11.96 3.43
C ALA A 79 3.84 -12.74 4.46
N SER A 80 5.05 -13.13 4.04
CA SER A 80 5.93 -13.88 4.92
C SER A 80 7.37 -13.40 4.76
N TYR A 81 7.94 -13.72 3.62
CA TYR A 81 9.31 -13.32 3.33
C TYR A 81 9.41 -11.81 3.14
N ASN A 82 8.63 -11.31 2.20
CA ASN A 82 8.61 -9.88 1.90
C ASN A 82 7.17 -9.41 1.74
N LEU A 83 7.01 -8.10 1.79
CA LEU A 83 5.69 -7.50 1.65
C LEU A 83 5.76 -6.35 0.63
N SER A 84 5.58 -6.71 -0.63
CA SER A 84 5.61 -5.72 -1.69
C SER A 84 4.27 -5.00 -1.79
N LEU A 85 4.34 -3.71 -2.09
CA LEU A 85 3.13 -2.91 -2.22
C LEU A 85 3.31 -1.91 -3.36
N THR A 86 2.40 -1.99 -4.32
CA THR A 86 2.46 -1.09 -5.46
C THR A 86 1.60 0.14 -5.21
N LEU A 87 2.27 1.29 -5.18
CA LEU A 87 1.59 2.56 -4.95
C LEU A 87 1.53 3.35 -6.26
N GLN A 88 0.79 4.44 -6.23
CA GLN A 88 0.64 5.29 -7.40
C GLN A 88 0.67 6.77 -6.98
N LYS A 89 1.52 7.53 -7.67
CA LYS A 89 1.65 8.94 -7.39
C LYS A 89 0.35 9.66 -7.79
N SER A 90 -0.30 10.24 -6.80
CA SER A 90 -1.55 10.95 -7.03
C SER A 90 -1.31 12.11 -8.00
N GLY A 1 -4.10 16.16 -27.99
CA GLY A 1 -4.96 17.25 -27.56
C GLY A 1 -5.24 17.16 -26.06
N SER A 2 -4.18 17.26 -25.28
CA SER A 2 -4.30 17.19 -23.83
C SER A 2 -4.76 15.80 -23.41
N SER A 3 -3.87 15.10 -22.72
CA SER A 3 -4.17 13.76 -22.24
C SER A 3 -3.02 13.25 -21.38
N GLY A 4 -3.39 12.53 -20.33
CA GLY A 4 -2.41 11.97 -19.41
C GLY A 4 -3.05 11.58 -18.08
N SER A 5 -2.72 10.38 -17.63
CA SER A 5 -3.26 9.89 -16.37
C SER A 5 -2.13 9.40 -15.47
N SER A 6 -2.38 9.44 -14.17
CA SER A 6 -1.40 9.01 -13.19
C SER A 6 -0.22 9.99 -13.18
N GLY A 7 0.71 9.73 -12.27
CA GLY A 7 1.88 10.58 -12.12
C GLY A 7 3.16 9.73 -12.07
N MET A 8 3.09 8.66 -11.29
CA MET A 8 4.23 7.77 -11.15
C MET A 8 3.87 6.56 -10.30
N SER A 9 3.77 5.41 -10.96
CA SER A 9 3.44 4.17 -10.28
C SER A 9 4.72 3.46 -9.84
N TYR A 10 4.85 3.30 -8.53
CA TYR A 10 6.02 2.64 -7.97
C TYR A 10 5.60 1.53 -6.99
N SER A 11 6.61 0.84 -6.48
CA SER A 11 6.35 -0.24 -5.53
C SER A 11 7.35 -0.16 -4.38
N VAL A 12 6.99 -0.82 -3.29
CA VAL A 12 7.84 -0.83 -2.10
C VAL A 12 8.11 -2.28 -1.69
N THR A 13 9.37 -2.55 -1.40
CA THR A 13 9.78 -3.89 -0.99
C THR A 13 10.18 -3.89 0.48
N LEU A 14 9.35 -4.51 1.29
CA LEU A 14 9.61 -4.59 2.73
C LEU A 14 9.85 -6.05 3.11
N THR A 15 11.11 -6.34 3.43
CA THR A 15 11.49 -7.70 3.81
C THR A 15 10.94 -8.03 5.20
N GLY A 16 10.25 -9.16 5.28
CA GLY A 16 9.68 -9.59 6.54
C GLY A 16 10.62 -10.55 7.27
N PRO A 17 10.46 -10.59 8.62
CA PRO A 17 9.44 -9.79 9.28
C PRO A 17 9.87 -8.32 9.35
N GLY A 18 8.90 -7.44 9.24
CA GLY A 18 9.16 -6.01 9.30
C GLY A 18 9.59 -5.59 10.70
N PRO A 19 8.58 -5.31 11.56
CA PRO A 19 7.19 -5.43 11.14
C PRO A 19 6.79 -4.26 10.24
N TRP A 20 5.58 -4.34 9.71
CA TRP A 20 5.07 -3.31 8.83
C TRP A 20 4.31 -2.30 9.70
N GLY A 21 5.01 -1.21 10.02
CA GLY A 21 4.42 -0.17 10.84
C GLY A 21 3.70 0.86 9.97
N PHE A 22 2.79 0.37 9.14
CA PHE A 22 2.03 1.24 8.27
C PHE A 22 0.58 0.78 8.15
N ARG A 23 -0.33 1.74 8.26
CA ARG A 23 -1.74 1.44 8.17
C ARG A 23 -2.27 1.78 6.77
N LEU A 24 -3.47 1.29 6.49
CA LEU A 24 -4.08 1.53 5.20
C LEU A 24 -5.29 2.46 5.39
N GLN A 25 -5.74 3.02 4.27
CA GLN A 25 -6.88 3.92 4.30
C GLN A 25 -7.91 3.50 3.25
N GLY A 26 -9.05 4.18 3.30
CA GLY A 26 -10.13 3.89 2.36
C GLY A 26 -10.22 2.39 2.07
N GLY A 27 -10.48 2.07 0.81
CA GLY A 27 -10.60 0.69 0.39
C GLY A 27 -11.91 0.44 -0.35
N LYS A 28 -12.07 -0.78 -0.84
CA LYS A 28 -13.26 -1.15 -1.57
C LYS A 28 -14.48 -1.00 -0.66
N ASP A 29 -14.30 -1.38 0.60
CA ASP A 29 -15.37 -1.30 1.58
C ASP A 29 -15.74 0.18 1.79
N PHE A 30 -14.71 1.00 1.90
CA PHE A 30 -14.91 2.43 2.11
C PHE A 30 -15.14 3.14 0.77
N ASN A 31 -15.24 2.35 -0.28
CA ASN A 31 -15.46 2.89 -1.61
C ASN A 31 -14.40 3.97 -1.89
N MET A 32 -13.20 3.73 -1.36
CA MET A 32 -12.11 4.66 -1.55
C MET A 32 -10.82 3.93 -1.95
N PRO A 33 -9.85 4.71 -2.48
CA PRO A 33 -8.58 4.15 -2.89
C PRO A 33 -7.69 3.82 -1.68
N LEU A 34 -7.22 2.59 -1.65
CA LEU A 34 -6.37 2.14 -0.56
C LEU A 34 -5.11 3.00 -0.52
N THR A 35 -5.10 3.94 0.42
CA THR A 35 -3.96 4.82 0.59
C THR A 35 -3.28 4.60 1.94
N ILE A 36 -2.02 5.02 2.02
CA ILE A 36 -1.27 4.85 3.24
C ILE A 36 -1.88 5.74 4.33
N SER A 37 -2.50 5.07 5.31
CA SER A 37 -3.13 5.77 6.41
C SER A 37 -2.08 6.51 7.23
N ARG A 38 -1.27 5.73 7.93
CA ARG A 38 -0.21 6.30 8.75
C ARG A 38 1.04 5.42 8.71
N ILE A 39 2.15 5.99 9.14
CA ILE A 39 3.41 5.27 9.14
C ILE A 39 4.18 5.61 10.43
N THR A 40 4.85 4.60 10.97
CA THR A 40 5.62 4.78 12.18
C THR A 40 7.02 5.32 11.85
N PRO A 41 7.51 6.22 12.75
CA PRO A 41 8.82 6.82 12.55
C PRO A 41 9.93 5.83 12.88
N GLY A 42 10.77 5.57 11.88
CA GLY A 42 11.87 4.64 12.05
C GLY A 42 11.56 3.29 11.40
N SER A 43 10.29 3.11 11.06
CA SER A 43 9.85 1.88 10.42
C SER A 43 10.39 1.80 9.00
N LYS A 44 10.44 0.58 8.48
CA LYS A 44 10.93 0.36 7.13
C LYS A 44 10.01 1.07 6.14
N ALA A 45 8.78 1.30 6.58
CA ALA A 45 7.79 1.97 5.74
C ALA A 45 8.14 3.45 5.64
N ALA A 46 8.87 3.93 6.64
CA ALA A 46 9.26 5.32 6.67
C ALA A 46 10.72 5.44 6.23
N GLN A 47 11.26 4.32 5.76
CA GLN A 47 12.64 4.28 5.30
C GLN A 47 12.72 3.57 3.96
N SER A 48 11.63 3.65 3.21
CA SER A 48 11.56 3.01 1.90
C SER A 48 10.99 3.99 0.87
N GLN A 49 9.74 3.75 0.52
CA GLN A 49 9.05 4.60 -0.44
C GLN A 49 7.58 4.74 -0.08
N LEU A 50 7.27 4.37 1.16
CA LEU A 50 5.90 4.46 1.64
C LEU A 50 5.70 5.78 2.37
N SER A 51 4.74 6.54 1.88
CA SER A 51 4.44 7.84 2.48
C SER A 51 2.94 7.94 2.79
N GLN A 52 2.63 8.80 3.75
CA GLN A 52 1.24 9.01 4.13
C GLN A 52 0.47 9.72 3.03
N GLY A 53 -0.44 8.98 2.41
CA GLY A 53 -1.25 9.52 1.33
C GLY A 53 -1.11 8.69 0.06
N ASP A 54 0.05 8.06 -0.08
CA ASP A 54 0.31 7.23 -1.24
C ASP A 54 -0.96 6.47 -1.62
N LEU A 55 -1.01 6.08 -2.88
CA LEU A 55 -2.16 5.34 -3.39
C LEU A 55 -1.75 3.91 -3.69
N VAL A 56 -2.29 2.98 -2.90
CA VAL A 56 -1.98 1.57 -3.08
C VAL A 56 -2.86 1.00 -4.20
N VAL A 57 -2.20 0.32 -5.13
CA VAL A 57 -2.90 -0.27 -6.25
C VAL A 57 -2.90 -1.79 -6.10
N ALA A 58 -1.71 -2.36 -6.17
CA ALA A 58 -1.55 -3.80 -6.04
C ALA A 58 -0.62 -4.11 -4.87
N ILE A 59 -1.02 -5.09 -4.08
CA ILE A 59 -0.24 -5.49 -2.92
C ILE A 59 0.55 -6.75 -3.26
N ASP A 60 1.86 -6.57 -3.42
CA ASP A 60 2.73 -7.68 -3.73
C ASP A 60 2.42 -8.18 -5.15
N GLY A 61 1.54 -7.45 -5.83
CA GLY A 61 1.14 -7.81 -7.17
C GLY A 61 -0.34 -8.19 -7.23
N VAL A 62 -1.05 -7.80 -6.18
CA VAL A 62 -2.47 -8.09 -6.10
C VAL A 62 -3.25 -6.79 -5.96
N ASN A 63 -3.99 -6.45 -7.00
CA ASN A 63 -4.79 -5.24 -7.01
C ASN A 63 -5.58 -5.14 -5.70
N THR A 64 -5.89 -3.91 -5.31
CA THR A 64 -6.63 -3.68 -4.09
C THR A 64 -7.99 -3.06 -4.41
N ASP A 65 -8.12 -2.60 -5.64
CA ASP A 65 -9.36 -1.98 -6.09
C ASP A 65 -10.51 -2.98 -5.94
N THR A 66 -10.13 -4.25 -5.87
CA THR A 66 -11.11 -5.32 -5.73
C THR A 66 -10.99 -5.97 -4.35
N MET A 67 -10.35 -5.25 -3.44
CA MET A 67 -10.16 -5.74 -2.09
C MET A 67 -10.57 -4.69 -1.06
N THR A 68 -11.28 -5.15 -0.05
CA THR A 68 -11.75 -4.26 1.01
C THR A 68 -10.58 -3.86 1.92
N HIS A 69 -10.80 -2.81 2.69
CA HIS A 69 -9.79 -2.32 3.62
C HIS A 69 -9.15 -3.50 4.35
N LEU A 70 -10.01 -4.35 4.91
CA LEU A 70 -9.55 -5.51 5.63
C LEU A 70 -8.73 -6.41 4.70
N GLU A 71 -9.38 -6.85 3.63
CA GLU A 71 -8.73 -7.70 2.65
C GLU A 71 -7.29 -7.24 2.43
N ALA A 72 -7.15 -5.98 2.05
CA ALA A 72 -5.84 -5.41 1.81
C ALA A 72 -4.94 -5.64 3.03
N GLN A 73 -5.50 -5.33 4.19
CA GLN A 73 -4.76 -5.50 5.44
C GLN A 73 -4.31 -6.95 5.58
N ASN A 74 -5.23 -7.86 5.31
CA ASN A 74 -4.94 -9.28 5.41
C ASN A 74 -3.74 -9.61 4.53
N LYS A 75 -3.65 -8.91 3.41
CA LYS A 75 -2.56 -9.11 2.47
C LYS A 75 -1.23 -8.86 3.18
N ILE A 76 -1.23 -7.85 4.03
CA ILE A 76 -0.03 -7.50 4.78
C ILE A 76 0.44 -8.71 5.59
N LYS A 77 -0.51 -9.28 6.33
CA LYS A 77 -0.21 -10.43 7.16
C LYS A 77 0.16 -11.62 6.26
N SER A 78 -0.66 -11.83 5.24
CA SER A 78 -0.43 -12.92 4.31
C SER A 78 1.06 -13.02 3.98
N ALA A 79 1.60 -11.90 3.50
CA ALA A 79 3.01 -11.85 3.14
C ALA A 79 3.83 -12.57 4.21
N SER A 80 5.05 -12.93 3.84
CA SER A 80 5.94 -13.62 4.76
C SER A 80 7.37 -13.11 4.58
N TYR A 81 8.08 -13.73 3.65
CA TYR A 81 9.45 -13.36 3.38
C TYR A 81 9.57 -11.85 3.11
N ASN A 82 8.81 -11.41 2.13
CA ASN A 82 8.81 -10.00 1.76
C ASN A 82 7.38 -9.54 1.52
N LEU A 83 7.13 -8.27 1.83
CA LEU A 83 5.81 -7.69 1.65
C LEU A 83 5.90 -6.52 0.66
N SER A 84 5.64 -6.83 -0.60
CA SER A 84 5.69 -5.83 -1.65
C SER A 84 4.33 -5.13 -1.75
N LEU A 85 4.39 -3.84 -2.07
CA LEU A 85 3.18 -3.05 -2.20
C LEU A 85 3.37 -2.03 -3.33
N THR A 86 2.46 -2.10 -4.30
CA THR A 86 2.51 -1.20 -5.44
C THR A 86 1.67 0.04 -5.17
N LEU A 87 2.32 1.20 -5.18
CA LEU A 87 1.64 2.46 -4.94
C LEU A 87 1.55 3.24 -6.26
N GLN A 88 0.81 4.33 -6.20
CA GLN A 88 0.64 5.17 -7.38
C GLN A 88 0.60 6.64 -6.97
N LYS A 89 1.21 7.47 -7.81
CA LYS A 89 1.26 8.90 -7.56
C LYS A 89 0.02 9.56 -8.16
N SER A 90 -0.77 10.17 -7.29
CA SER A 90 -1.98 10.85 -7.73
C SER A 90 -1.72 12.35 -7.93
N GLY A 1 -10.17 5.34 -20.55
CA GLY A 1 -9.75 4.89 -21.87
C GLY A 1 -8.64 5.78 -22.42
N SER A 2 -9.05 6.84 -23.10
CA SER A 2 -8.11 7.78 -23.68
C SER A 2 -7.26 8.42 -22.57
N SER A 3 -7.95 9.07 -21.65
CA SER A 3 -7.28 9.73 -20.55
C SER A 3 -6.48 8.71 -19.73
N GLY A 4 -5.64 9.23 -18.86
CA GLY A 4 -4.81 8.38 -18.02
C GLY A 4 -4.45 9.08 -16.71
N SER A 5 -5.23 8.76 -15.67
CA SER A 5 -5.01 9.35 -14.36
C SER A 5 -3.82 8.68 -13.69
N SER A 6 -2.63 9.12 -14.09
CA SER A 6 -1.40 8.57 -13.52
C SER A 6 -0.27 9.58 -13.67
N GLY A 7 0.82 9.30 -12.97
CA GLY A 7 1.98 10.17 -13.01
C GLY A 7 3.28 9.37 -12.81
N MET A 8 3.24 8.50 -11.81
CA MET A 8 4.39 7.68 -11.50
C MET A 8 4.03 6.58 -10.50
N SER A 9 3.83 5.37 -11.05
CA SER A 9 3.48 4.24 -10.22
C SER A 9 4.74 3.48 -9.79
N TYR A 10 4.86 3.26 -8.49
CA TYR A 10 6.00 2.57 -7.94
C TYR A 10 5.57 1.50 -6.93
N SER A 11 6.55 0.77 -6.42
CA SER A 11 6.28 -0.28 -5.46
C SER A 11 7.30 -0.21 -4.32
N VAL A 12 6.96 -0.90 -3.23
CA VAL A 12 7.83 -0.93 -2.07
C VAL A 12 8.06 -2.38 -1.64
N THR A 13 9.32 -2.68 -1.34
CA THR A 13 9.68 -4.03 -0.93
C THR A 13 10.08 -4.03 0.56
N LEU A 14 9.13 -4.45 1.38
CA LEU A 14 9.37 -4.52 2.82
C LEU A 14 9.62 -5.96 3.23
N THR A 15 10.89 -6.28 3.38
CA THR A 15 11.29 -7.62 3.77
C THR A 15 10.76 -7.95 5.17
N GLY A 16 10.31 -9.19 5.33
CA GLY A 16 9.78 -9.64 6.59
C GLY A 16 10.78 -10.55 7.32
N PRO A 17 10.65 -10.58 8.68
CA PRO A 17 9.62 -9.80 9.35
C PRO A 17 10.00 -8.32 9.39
N GLY A 18 8.99 -7.48 9.25
CA GLY A 18 9.19 -6.05 9.27
C GLY A 18 9.70 -5.58 10.64
N PRO A 19 8.74 -5.26 11.54
CA PRO A 19 7.33 -5.35 11.19
C PRO A 19 6.91 -4.19 10.27
N TRP A 20 5.68 -4.27 9.80
CA TRP A 20 5.15 -3.25 8.92
C TRP A 20 4.48 -2.17 9.79
N GLY A 21 5.24 -1.11 10.03
CA GLY A 21 4.74 0.00 10.84
C GLY A 21 3.94 0.98 9.98
N PHE A 22 3.07 0.43 9.16
CA PHE A 22 2.24 1.25 8.29
C PHE A 22 0.82 0.70 8.21
N ARG A 23 -0.14 1.61 8.27
CA ARG A 23 -1.54 1.22 8.21
C ARG A 23 -2.11 1.52 6.83
N LEU A 24 -3.32 1.02 6.59
CA LEU A 24 -3.98 1.23 5.32
C LEU A 24 -5.15 2.21 5.51
N GLN A 25 -5.47 2.92 4.43
CA GLN A 25 -6.55 3.88 4.47
C GLN A 25 -7.62 3.52 3.44
N GLY A 26 -8.78 4.15 3.58
CA GLY A 26 -9.89 3.90 2.68
C GLY A 26 -9.95 2.42 2.29
N GLY A 27 -10.41 2.19 1.06
CA GLY A 27 -10.53 0.83 0.56
C GLY A 27 -11.86 0.64 -0.16
N LYS A 28 -12.00 -0.54 -0.76
CA LYS A 28 -13.22 -0.87 -1.48
C LYS A 28 -14.40 -0.88 -0.52
N ASP A 29 -14.11 -1.28 0.72
CA ASP A 29 -15.14 -1.33 1.75
C ASP A 29 -15.76 0.05 1.92
N PHE A 30 -14.91 1.07 1.85
CA PHE A 30 -15.37 2.43 1.98
C PHE A 30 -15.52 3.11 0.62
N ASN A 31 -15.18 2.35 -0.42
CA ASN A 31 -15.28 2.85 -1.78
C ASN A 31 -14.14 3.85 -2.03
N MET A 32 -13.18 3.84 -1.12
CA MET A 32 -12.05 4.74 -1.22
C MET A 32 -10.80 3.98 -1.68
N PRO A 33 -9.82 4.75 -2.23
CA PRO A 33 -8.58 4.17 -2.70
C PRO A 33 -7.67 3.80 -1.54
N LEU A 34 -7.21 2.56 -1.56
CA LEU A 34 -6.33 2.07 -0.51
C LEU A 34 -5.06 2.93 -0.48
N THR A 35 -5.03 3.82 0.50
CA THR A 35 -3.88 4.71 0.67
C THR A 35 -3.16 4.42 1.99
N ILE A 36 -1.93 4.88 2.06
CA ILE A 36 -1.12 4.68 3.26
C ILE A 36 -1.70 5.52 4.40
N SER A 37 -2.50 4.86 5.22
CA SER A 37 -3.13 5.53 6.35
C SER A 37 -2.08 6.37 7.11
N ARG A 38 -1.19 5.66 7.80
CA ARG A 38 -0.13 6.32 8.55
C ARG A 38 1.13 5.47 8.55
N ILE A 39 2.23 6.09 8.97
CA ILE A 39 3.51 5.40 9.03
C ILE A 39 4.25 5.82 10.29
N THR A 40 4.88 4.83 10.92
CA THR A 40 5.62 5.07 12.14
C THR A 40 7.03 5.61 11.82
N PRO A 41 7.50 6.55 12.68
CA PRO A 41 8.81 7.14 12.49
C PRO A 41 9.91 6.15 12.88
N GLY A 42 10.76 5.85 11.91
CA GLY A 42 11.86 4.93 12.14
C GLY A 42 11.59 3.58 11.47
N SER A 43 10.32 3.35 11.14
CA SER A 43 9.93 2.11 10.50
C SER A 43 10.45 2.06 9.07
N LYS A 44 10.45 0.86 8.51
CA LYS A 44 10.93 0.68 7.15
C LYS A 44 10.03 1.45 6.18
N ALA A 45 8.77 1.57 6.56
CA ALA A 45 7.80 2.29 5.75
C ALA A 45 8.20 3.76 5.66
N ALA A 46 8.95 4.20 6.67
CA ALA A 46 9.40 5.57 6.72
C ALA A 46 10.82 5.66 6.16
N GLN A 47 11.45 4.50 6.03
CA GLN A 47 12.80 4.42 5.52
C GLN A 47 12.86 3.50 4.30
N SER A 48 11.74 3.44 3.59
CA SER A 48 11.64 2.60 2.41
C SER A 48 11.32 3.45 1.18
N GLN A 49 10.03 3.67 0.98
CA GLN A 49 9.57 4.47 -0.14
C GLN A 49 8.10 4.85 0.04
N LEU A 50 7.34 3.91 0.58
CA LEU A 50 5.93 4.14 0.81
C LEU A 50 5.75 5.20 1.89
N SER A 51 4.96 6.21 1.56
CA SER A 51 4.70 7.30 2.48
C SER A 51 3.20 7.45 2.71
N GLN A 52 2.86 8.34 3.63
CA GLN A 52 1.46 8.60 3.95
C GLN A 52 0.77 9.33 2.79
N GLY A 53 -0.45 8.91 2.50
CA GLY A 53 -1.22 9.52 1.43
C GLY A 53 -1.09 8.71 0.14
N ASP A 54 0.06 8.07 -0.02
CA ASP A 54 0.32 7.27 -1.20
C ASP A 54 -0.95 6.50 -1.58
N LEU A 55 -1.02 6.11 -2.84
CA LEU A 55 -2.16 5.37 -3.33
C LEU A 55 -1.74 3.94 -3.66
N VAL A 56 -2.28 3.00 -2.90
CA VAL A 56 -1.97 1.59 -3.10
C VAL A 56 -2.85 1.03 -4.22
N VAL A 57 -2.21 0.35 -5.15
CA VAL A 57 -2.93 -0.24 -6.27
C VAL A 57 -2.97 -1.75 -6.09
N ALA A 58 -1.80 -2.36 -6.05
CA ALA A 58 -1.69 -3.79 -5.88
C ALA A 58 -0.71 -4.11 -4.75
N ILE A 59 -1.10 -5.06 -3.91
CA ILE A 59 -0.26 -5.46 -2.79
C ILE A 59 0.54 -6.69 -3.19
N ASP A 60 1.84 -6.48 -3.40
CA ASP A 60 2.73 -7.57 -3.77
C ASP A 60 2.37 -8.05 -5.17
N GLY A 61 1.44 -7.34 -5.80
CA GLY A 61 1.00 -7.69 -7.14
C GLY A 61 -0.49 -8.06 -7.14
N VAL A 62 -1.16 -7.72 -6.05
CA VAL A 62 -2.57 -8.02 -5.93
C VAL A 62 -3.35 -6.71 -5.75
N ASN A 63 -4.09 -6.35 -6.79
CA ASN A 63 -4.88 -5.14 -6.77
C ASN A 63 -5.57 -5.01 -5.41
N THR A 64 -5.82 -3.77 -5.02
CA THR A 64 -6.48 -3.50 -3.75
C THR A 64 -7.81 -2.78 -3.98
N ASP A 65 -7.81 -1.92 -4.99
CA ASP A 65 -9.01 -1.17 -5.32
C ASP A 65 -10.22 -2.09 -5.29
N THR A 66 -9.97 -3.35 -5.61
CA THR A 66 -11.03 -4.35 -5.61
C THR A 66 -11.20 -4.96 -4.22
N MET A 67 -10.08 -5.11 -3.54
CA MET A 67 -10.09 -5.67 -2.19
C MET A 67 -10.55 -4.63 -1.17
N THR A 68 -11.21 -5.13 -0.13
CA THR A 68 -11.70 -4.26 0.93
C THR A 68 -10.57 -3.85 1.86
N HIS A 69 -10.80 -2.78 2.60
CA HIS A 69 -9.81 -2.27 3.53
C HIS A 69 -9.16 -3.44 4.27
N LEU A 70 -10.01 -4.29 4.83
CA LEU A 70 -9.54 -5.44 5.58
C LEU A 70 -8.75 -6.35 4.62
N GLU A 71 -9.41 -6.75 3.55
CA GLU A 71 -8.78 -7.63 2.57
C GLU A 71 -7.32 -7.22 2.37
N ALA A 72 -7.13 -5.96 2.03
CA ALA A 72 -5.79 -5.44 1.81
C ALA A 72 -4.94 -5.69 3.04
N GLN A 73 -5.51 -5.38 4.20
CA GLN A 73 -4.81 -5.57 5.45
C GLN A 73 -4.38 -7.03 5.61
N ASN A 74 -5.26 -7.92 5.19
CA ASN A 74 -4.99 -9.35 5.28
C ASN A 74 -3.80 -9.69 4.39
N LYS A 75 -3.65 -8.91 3.33
CA LYS A 75 -2.57 -9.12 2.38
C LYS A 75 -1.23 -8.88 3.09
N ILE A 76 -1.25 -7.91 4.00
CA ILE A 76 -0.05 -7.57 4.76
C ILE A 76 0.41 -8.80 5.54
N LYS A 77 -0.52 -9.35 6.32
CA LYS A 77 -0.23 -10.52 7.12
C LYS A 77 0.15 -11.69 6.21
N SER A 78 -0.61 -11.82 5.13
CA SER A 78 -0.37 -12.88 4.17
C SER A 78 1.13 -13.00 3.89
N ALA A 79 1.73 -11.86 3.58
CA ALA A 79 3.16 -11.82 3.29
C ALA A 79 3.90 -12.74 4.26
N SER A 80 5.00 -13.30 3.77
CA SER A 80 5.80 -14.21 4.58
C SER A 80 7.29 -13.89 4.38
N TYR A 81 7.67 -13.82 3.12
CA TYR A 81 9.06 -13.54 2.77
C TYR A 81 9.31 -12.04 2.68
N ASN A 82 8.52 -11.40 1.81
CA ASN A 82 8.65 -9.97 1.61
C ASN A 82 7.25 -9.36 1.43
N LEU A 83 7.07 -8.18 2.01
CA LEU A 83 5.79 -7.50 1.91
C LEU A 83 5.87 -6.42 0.82
N SER A 84 5.61 -6.85 -0.41
CA SER A 84 5.65 -5.94 -1.54
C SER A 84 4.31 -5.21 -1.68
N LEU A 85 4.40 -3.94 -2.03
CA LEU A 85 3.21 -3.13 -2.19
C LEU A 85 3.42 -2.16 -3.36
N THR A 86 2.40 -2.08 -4.20
CA THR A 86 2.46 -1.20 -5.36
C THR A 86 1.62 0.06 -5.13
N LEU A 87 2.29 1.19 -5.10
CA LEU A 87 1.62 2.47 -4.88
C LEU A 87 1.58 3.24 -6.19
N GLN A 88 0.84 4.34 -6.17
CA GLN A 88 0.70 5.18 -7.35
C GLN A 88 0.79 6.65 -6.96
N LYS A 89 1.46 7.42 -7.82
CA LYS A 89 1.63 8.85 -7.58
C LYS A 89 0.29 9.55 -7.77
N SER A 90 -0.20 10.12 -6.69
CA SER A 90 -1.48 10.83 -6.72
C SER A 90 -1.25 12.32 -6.44
N GLY A 1 -6.97 21.85 -22.30
CA GLY A 1 -6.06 21.35 -21.28
C GLY A 1 -6.56 20.01 -20.72
N SER A 2 -5.65 19.29 -20.09
CA SER A 2 -5.98 18.00 -19.51
C SER A 2 -5.19 17.80 -18.21
N SER A 3 -5.93 17.74 -17.11
CA SER A 3 -5.31 17.55 -15.81
C SER A 3 -4.51 16.25 -15.79
N GLY A 4 -5.19 15.17 -16.17
CA GLY A 4 -4.56 13.86 -16.20
C GLY A 4 -5.19 12.92 -15.19
N SER A 5 -4.37 12.02 -14.66
CA SER A 5 -4.83 11.05 -13.68
C SER A 5 -3.64 10.43 -12.96
N SER A 6 -2.83 9.71 -13.73
CA SER A 6 -1.66 9.05 -13.17
C SER A 6 -0.47 10.02 -13.18
N GLY A 7 0.58 9.63 -12.47
CA GLY A 7 1.77 10.44 -12.38
C GLY A 7 3.03 9.57 -12.39
N MET A 8 2.99 8.52 -11.59
CA MET A 8 4.12 7.60 -11.51
C MET A 8 3.78 6.42 -10.58
N SER A 9 3.70 5.24 -11.19
CA SER A 9 3.40 4.03 -10.43
C SER A 9 4.69 3.39 -9.93
N TYR A 10 4.74 3.19 -8.62
CA TYR A 10 5.91 2.59 -8.01
C TYR A 10 5.51 1.49 -7.02
N SER A 11 6.51 0.85 -6.45
CA SER A 11 6.28 -0.21 -5.49
C SER A 11 7.29 -0.13 -4.35
N VAL A 12 6.96 -0.77 -3.24
CA VAL A 12 7.83 -0.78 -2.08
C VAL A 12 8.10 -2.22 -1.65
N THR A 13 9.35 -2.48 -1.34
CA THR A 13 9.76 -3.82 -0.92
C THR A 13 9.95 -3.86 0.60
N LEU A 14 8.91 -4.32 1.29
CA LEU A 14 8.95 -4.41 2.74
C LEU A 14 9.35 -5.84 3.14
N THR A 15 10.66 -6.06 3.17
CA THR A 15 11.18 -7.37 3.53
C THR A 15 10.77 -7.73 4.96
N GLY A 16 10.29 -8.95 5.11
CA GLY A 16 9.86 -9.43 6.41
C GLY A 16 10.96 -10.25 7.08
N PRO A 17 10.87 -10.31 8.44
CA PRO A 17 9.81 -9.64 9.17
C PRO A 17 10.06 -8.13 9.22
N GLY A 18 8.96 -7.38 9.18
CA GLY A 18 9.04 -5.94 9.23
C GLY A 18 9.61 -5.46 10.56
N PRO A 19 8.70 -5.15 11.51
CA PRO A 19 7.28 -5.29 11.25
C PRO A 19 6.77 -4.16 10.35
N TRP A 20 5.51 -4.27 9.97
CA TRP A 20 4.89 -3.27 9.12
C TRP A 20 4.21 -2.23 10.03
N GLY A 21 4.91 -1.14 10.26
CA GLY A 21 4.38 -0.08 11.09
C GLY A 21 3.60 0.95 10.27
N PHE A 22 2.91 0.45 9.27
CA PHE A 22 2.12 1.31 8.39
C PHE A 22 0.68 0.79 8.27
N ARG A 23 -0.24 1.74 8.30
CA ARG A 23 -1.66 1.41 8.19
C ARG A 23 -2.18 1.73 6.79
N LEU A 24 -3.38 1.27 6.53
CA LEU A 24 -4.01 1.49 5.23
C LEU A 24 -5.21 2.41 5.40
N GLN A 25 -5.60 3.04 4.31
CA GLN A 25 -6.75 3.94 4.32
C GLN A 25 -7.78 3.51 3.28
N GLY A 26 -8.95 4.14 3.35
CA GLY A 26 -10.03 3.83 2.43
C GLY A 26 -10.07 2.34 2.11
N GLY A 27 -10.37 2.04 0.86
CA GLY A 27 -10.45 0.66 0.41
C GLY A 27 -11.81 0.36 -0.23
N LYS A 28 -11.86 -0.77 -0.92
CA LYS A 28 -13.09 -1.18 -1.58
C LYS A 28 -14.26 -1.06 -0.61
N ASP A 29 -13.98 -1.39 0.65
CA ASP A 29 -15.00 -1.32 1.68
C ASP A 29 -15.49 0.11 1.82
N PHE A 30 -14.53 1.03 1.91
CA PHE A 30 -14.84 2.44 2.05
C PHE A 30 -15.06 3.09 0.68
N ASN A 31 -15.11 2.24 -0.33
CA ASN A 31 -15.31 2.72 -1.69
C ASN A 31 -14.25 3.76 -2.03
N MET A 32 -13.15 3.71 -1.27
CA MET A 32 -12.06 4.65 -1.47
C MET A 32 -10.78 3.91 -1.88
N PRO A 33 -9.82 4.70 -2.43
CA PRO A 33 -8.55 4.13 -2.87
C PRO A 33 -7.66 3.81 -1.67
N LEU A 34 -7.17 2.58 -1.65
CA LEU A 34 -6.31 2.13 -0.57
C LEU A 34 -5.04 2.99 -0.55
N THR A 35 -5.01 3.92 0.39
CA THR A 35 -3.86 4.82 0.52
C THR A 35 -3.17 4.58 1.86
N ILE A 36 -1.91 4.99 1.91
CA ILE A 36 -1.12 4.82 3.12
C ILE A 36 -1.71 5.70 4.22
N SER A 37 -2.41 5.05 5.15
CA SER A 37 -3.02 5.76 6.26
C SER A 37 -1.96 6.52 7.06
N ARG A 38 -1.19 5.75 7.83
CA ARG A 38 -0.14 6.34 8.64
C ARG A 38 1.14 5.52 8.53
N ILE A 39 2.23 6.11 9.00
CA ILE A 39 3.53 5.43 8.96
C ILE A 39 4.32 5.79 10.21
N THR A 40 4.93 4.77 10.79
CA THR A 40 5.73 4.97 11.99
C THR A 40 7.14 5.44 11.63
N PRO A 41 7.62 6.44 12.41
CA PRO A 41 8.95 6.99 12.18
C PRO A 41 10.03 6.03 12.68
N GLY A 42 10.99 5.77 11.80
CA GLY A 42 12.09 4.89 12.14
C GLY A 42 11.80 3.46 11.67
N SER A 43 10.54 3.22 11.33
CA SER A 43 10.12 1.92 10.86
C SER A 43 10.53 1.72 9.39
N LYS A 44 10.30 0.52 8.91
CA LYS A 44 10.65 0.19 7.53
C LYS A 44 9.85 1.10 6.59
N ALA A 45 8.60 1.31 6.95
CA ALA A 45 7.73 2.16 6.14
C ALA A 45 8.29 3.57 6.10
N ALA A 46 9.19 3.85 7.04
CA ALA A 46 9.81 5.16 7.11
C ALA A 46 11.25 5.06 6.62
N GLN A 47 11.51 4.01 5.85
CA GLN A 47 12.84 3.79 5.29
C GLN A 47 12.74 3.29 3.85
N SER A 48 11.54 3.42 3.30
CA SER A 48 11.32 2.99 1.93
C SER A 48 10.75 4.14 1.10
N GLN A 49 9.75 3.82 0.29
CA GLN A 49 9.12 4.82 -0.55
C GLN A 49 7.67 5.05 -0.10
N LEU A 50 7.27 4.30 0.92
CA LEU A 50 5.92 4.42 1.44
C LEU A 50 5.76 5.77 2.13
N SER A 51 4.79 6.54 1.65
CA SER A 51 4.52 7.85 2.21
C SER A 51 3.02 8.02 2.46
N GLN A 52 2.70 8.70 3.55
CA GLN A 52 1.32 8.94 3.91
C GLN A 52 0.58 9.64 2.77
N GLY A 53 -0.50 9.02 2.32
CA GLY A 53 -1.30 9.57 1.24
C GLY A 53 -1.16 8.74 -0.03
N ASP A 54 0.01 8.10 -0.15
CA ASP A 54 0.28 7.28 -1.31
C ASP A 54 -0.98 6.51 -1.70
N LEU A 55 -1.03 6.11 -2.96
CA LEU A 55 -2.17 5.36 -3.46
C LEU A 55 -1.75 3.93 -3.78
N VAL A 56 -2.29 3.00 -3.03
CA VAL A 56 -1.97 1.59 -3.21
C VAL A 56 -2.86 1.02 -4.33
N VAL A 57 -2.21 0.33 -5.26
CA VAL A 57 -2.92 -0.27 -6.37
C VAL A 57 -2.93 -1.79 -6.21
N ALA A 58 -1.74 -2.36 -6.21
CA ALA A 58 -1.59 -3.81 -6.06
C ALA A 58 -0.62 -4.09 -4.91
N ILE A 59 -1.03 -5.04 -4.06
CA ILE A 59 -0.20 -5.42 -2.93
C ILE A 59 0.62 -6.66 -3.30
N ASP A 60 1.91 -6.45 -3.48
CA ASP A 60 2.80 -7.54 -3.84
C ASP A 60 2.46 -8.04 -5.24
N GLY A 61 1.55 -7.33 -5.89
CA GLY A 61 1.12 -7.69 -7.23
C GLY A 61 -0.34 -8.10 -7.24
N VAL A 62 -1.05 -7.70 -6.19
CA VAL A 62 -2.46 -8.03 -6.07
C VAL A 62 -3.26 -6.73 -5.91
N ASN A 63 -3.99 -6.38 -6.96
CA ASN A 63 -4.79 -5.17 -6.94
C ASN A 63 -5.54 -5.07 -5.61
N THR A 64 -5.82 -3.84 -5.23
CA THR A 64 -6.52 -3.59 -3.98
C THR A 64 -7.89 -2.95 -4.24
N ASP A 65 -8.06 -2.48 -5.48
CA ASP A 65 -9.29 -1.85 -5.87
C ASP A 65 -10.43 -2.87 -5.79
N THR A 66 -10.05 -4.14 -5.70
CA THR A 66 -11.02 -5.21 -5.61
C THR A 66 -10.99 -5.84 -4.21
N MET A 67 -10.06 -5.35 -3.40
CA MET A 67 -9.92 -5.86 -2.04
C MET A 67 -10.37 -4.81 -1.02
N THR A 68 -11.15 -5.27 -0.06
CA THR A 68 -11.65 -4.39 0.98
C THR A 68 -10.51 -3.97 1.91
N HIS A 69 -10.77 -2.91 2.67
CA HIS A 69 -9.78 -2.40 3.60
C HIS A 69 -9.15 -3.56 4.37
N LEU A 70 -10.00 -4.40 4.92
CA LEU A 70 -9.54 -5.55 5.68
C LEU A 70 -8.71 -6.46 4.76
N GLU A 71 -9.36 -6.92 3.70
CA GLU A 71 -8.71 -7.78 2.74
C GLU A 71 -7.27 -7.34 2.51
N ALA A 72 -7.12 -6.08 2.11
CA ALA A 72 -5.81 -5.52 1.85
C ALA A 72 -4.92 -5.73 3.07
N GLN A 73 -5.48 -5.43 4.24
CA GLN A 73 -4.75 -5.58 5.48
C GLN A 73 -4.29 -7.03 5.65
N ASN A 74 -5.21 -7.94 5.40
CA ASN A 74 -4.91 -9.36 5.51
C ASN A 74 -3.76 -9.72 4.57
N LYS A 75 -3.65 -8.94 3.50
CA LYS A 75 -2.60 -9.16 2.51
C LYS A 75 -1.24 -8.90 3.16
N ILE A 76 -1.23 -7.92 4.05
CA ILE A 76 0.00 -7.56 4.74
C ILE A 76 0.47 -8.74 5.60
N LYS A 77 -0.50 -9.35 6.28
CA LYS A 77 -0.21 -10.48 7.13
C LYS A 77 0.20 -11.68 6.28
N SER A 78 -0.52 -11.86 5.18
CA SER A 78 -0.24 -12.95 4.28
C SER A 78 1.26 -13.04 4.01
N ALA A 79 1.86 -11.89 3.72
CA ALA A 79 3.27 -11.82 3.44
C ALA A 79 4.02 -12.72 4.44
N SER A 80 5.17 -13.21 4.00
CA SER A 80 5.99 -14.08 4.83
C SER A 80 7.46 -13.67 4.73
N TYR A 81 7.97 -13.71 3.50
CA TYR A 81 9.36 -13.35 3.26
C TYR A 81 9.49 -11.86 2.97
N ASN A 82 8.73 -11.41 1.98
CA ASN A 82 8.76 -10.01 1.60
C ASN A 82 7.33 -9.52 1.37
N LEU A 83 7.09 -8.27 1.74
CA LEU A 83 5.78 -7.67 1.58
C LEU A 83 5.87 -6.50 0.60
N SER A 84 5.59 -6.79 -0.66
CA SER A 84 5.63 -5.78 -1.69
C SER A 84 4.29 -5.05 -1.77
N LEU A 85 4.37 -3.77 -2.12
CA LEU A 85 3.17 -2.96 -2.23
C LEU A 85 3.34 -1.96 -3.37
N THR A 86 2.46 -2.07 -4.36
CA THR A 86 2.50 -1.19 -5.51
C THR A 86 1.65 0.06 -5.26
N LEU A 87 2.32 1.20 -5.22
CA LEU A 87 1.64 2.47 -4.99
C LEU A 87 1.61 3.26 -6.29
N GLN A 88 0.85 4.35 -6.26
CA GLN A 88 0.73 5.21 -7.43
C GLN A 88 0.82 6.68 -7.02
N LYS A 89 1.41 7.47 -7.90
CA LYS A 89 1.57 8.90 -7.65
C LYS A 89 0.31 9.63 -8.09
N SER A 90 -0.43 10.13 -7.12
CA SER A 90 -1.66 10.86 -7.40
C SER A 90 -1.36 12.35 -7.54
N GLY A 1 -5.28 1.25 -22.17
CA GLY A 1 -6.33 2.25 -22.04
C GLY A 1 -6.70 2.47 -20.58
N SER A 2 -6.53 3.71 -20.14
CA SER A 2 -6.83 4.08 -18.77
C SER A 2 -7.63 5.38 -18.75
N SER A 3 -7.08 6.40 -19.38
CA SER A 3 -7.73 7.69 -19.43
C SER A 3 -8.02 8.19 -18.02
N GLY A 4 -7.03 8.82 -17.42
CA GLY A 4 -7.16 9.35 -16.07
C GLY A 4 -6.20 10.52 -15.83
N SER A 5 -5.30 10.31 -14.89
CA SER A 5 -4.31 11.33 -14.56
C SER A 5 -3.36 10.80 -13.48
N SER A 6 -2.34 10.10 -13.94
CA SER A 6 -1.35 9.54 -13.03
C SER A 6 -0.17 10.50 -12.89
N GLY A 7 0.87 10.02 -12.23
CA GLY A 7 2.07 10.81 -12.02
C GLY A 7 3.32 9.93 -12.01
N MET A 8 3.22 8.82 -11.28
CA MET A 8 4.33 7.89 -11.19
C MET A 8 3.96 6.68 -10.34
N SER A 9 3.85 5.54 -11.00
CA SER A 9 3.51 4.31 -10.32
C SER A 9 4.77 3.58 -9.85
N TYR A 10 4.81 3.29 -8.56
CA TYR A 10 5.95 2.61 -7.98
C TYR A 10 5.50 1.52 -7.00
N SER A 11 6.47 0.82 -6.46
CA SER A 11 6.20 -0.25 -5.51
C SER A 11 7.26 -0.27 -4.41
N VAL A 12 6.89 -0.88 -3.29
CA VAL A 12 7.79 -0.97 -2.16
C VAL A 12 8.06 -2.44 -1.83
N THR A 13 9.24 -2.70 -1.30
CA THR A 13 9.61 -4.06 -0.94
C THR A 13 10.14 -4.09 0.50
N LEU A 14 9.29 -4.60 1.39
CA LEU A 14 9.66 -4.70 2.80
C LEU A 14 9.84 -6.18 3.17
N THR A 15 11.05 -6.49 3.61
CA THR A 15 11.37 -7.86 3.99
C THR A 15 10.76 -8.18 5.36
N GLY A 16 9.95 -9.23 5.39
CA GLY A 16 9.31 -9.64 6.62
C GLY A 16 10.18 -10.64 7.39
N PRO A 17 9.97 -10.69 8.73
CA PRO A 17 8.96 -9.85 9.35
C PRO A 17 9.45 -8.40 9.45
N GLY A 18 8.50 -7.48 9.35
CA GLY A 18 8.82 -6.06 9.43
C GLY A 18 9.24 -5.67 10.85
N PRO A 19 8.21 -5.32 11.66
CA PRO A 19 6.84 -5.31 11.19
C PRO A 19 6.58 -4.11 10.28
N TRP A 20 5.38 -4.10 9.71
CA TRP A 20 5.00 -3.02 8.81
C TRP A 20 4.30 -1.94 9.65
N GLY A 21 5.08 -0.93 10.00
CA GLY A 21 4.57 0.17 10.79
C GLY A 21 3.82 1.17 9.92
N PHE A 22 2.87 0.65 9.15
CA PHE A 22 2.08 1.49 8.27
C PHE A 22 0.62 0.99 8.21
N ARG A 23 -0.29 1.95 8.32
CA ARG A 23 -1.70 1.62 8.28
C ARG A 23 -2.29 1.95 6.90
N LEU A 24 -3.52 1.51 6.70
CA LEU A 24 -4.20 1.75 5.43
C LEU A 24 -5.45 2.60 5.68
N GLN A 25 -5.89 3.25 4.61
CA GLN A 25 -7.07 4.10 4.70
C GLN A 25 -8.03 3.79 3.56
N GLY A 26 -9.25 4.31 3.69
CA GLY A 26 -10.28 4.08 2.69
C GLY A 26 -10.34 2.61 2.29
N GLY A 27 -10.32 2.37 0.99
CA GLY A 27 -10.38 1.01 0.47
C GLY A 27 -11.73 0.75 -0.21
N LYS A 28 -11.83 -0.43 -0.80
CA LYS A 28 -13.05 -0.82 -1.48
C LYS A 28 -14.23 -0.74 -0.51
N ASP A 29 -13.94 -1.01 0.75
CA ASP A 29 -14.96 -0.97 1.79
C ASP A 29 -15.51 0.45 1.89
N PHE A 30 -14.60 1.41 1.92
CA PHE A 30 -14.98 2.81 2.03
C PHE A 30 -15.11 3.44 0.64
N ASN A 31 -15.31 2.59 -0.35
CA ASN A 31 -15.46 3.05 -1.72
C ASN A 31 -14.36 4.06 -2.04
N MET A 32 -13.20 3.83 -1.43
CA MET A 32 -12.06 4.72 -1.64
C MET A 32 -10.82 3.91 -2.04
N PRO A 33 -9.82 4.65 -2.59
CA PRO A 33 -8.58 4.03 -3.03
C PRO A 33 -7.70 3.67 -1.83
N LEU A 34 -7.22 2.44 -1.85
CA LEU A 34 -6.36 1.95 -0.77
C LEU A 34 -5.12 2.85 -0.67
N THR A 35 -5.14 3.72 0.33
CA THR A 35 -4.03 4.63 0.55
C THR A 35 -3.37 4.35 1.91
N ILE A 36 -2.17 4.89 2.06
CA ILE A 36 -1.43 4.71 3.29
C ILE A 36 -1.99 5.64 4.37
N SER A 37 -2.67 5.04 5.34
CA SER A 37 -3.26 5.80 6.42
C SER A 37 -2.18 6.60 7.14
N ARG A 38 -1.25 5.88 7.75
CA ARG A 38 -0.16 6.51 8.49
C ARG A 38 1.09 5.64 8.41
N ILE A 39 2.19 6.22 8.88
CA ILE A 39 3.46 5.50 8.88
C ILE A 39 4.24 5.87 10.14
N THR A 40 4.96 4.89 10.65
CA THR A 40 5.76 5.10 11.85
C THR A 40 7.15 5.62 11.48
N PRO A 41 7.63 6.59 12.31
CA PRO A 41 8.93 7.19 12.08
C PRO A 41 10.06 6.24 12.50
N GLY A 42 10.96 5.99 11.58
CA GLY A 42 12.07 5.10 11.84
C GLY A 42 11.74 3.66 11.44
N SER A 43 10.49 3.46 11.08
CA SER A 43 10.03 2.14 10.68
C SER A 43 10.38 1.89 9.21
N LYS A 44 10.25 0.63 8.82
CA LYS A 44 10.55 0.25 7.44
C LYS A 44 9.66 1.04 6.49
N ALA A 45 8.61 1.62 7.05
CA ALA A 45 7.68 2.41 6.26
C ALA A 45 8.24 3.81 6.06
N ALA A 46 9.17 4.17 6.94
CA ALA A 46 9.79 5.48 6.88
C ALA A 46 11.23 5.34 6.36
N GLN A 47 11.54 4.14 5.91
CA GLN A 47 12.86 3.84 5.38
C GLN A 47 12.78 3.45 3.91
N SER A 48 11.64 2.85 3.55
CA SER A 48 11.43 2.42 2.19
C SER A 48 11.10 3.64 1.31
N GLN A 49 9.99 3.51 0.59
CA GLN A 49 9.55 4.58 -0.30
C GLN A 49 8.04 4.80 -0.15
N LEU A 50 7.47 4.15 0.86
CA LEU A 50 6.04 4.27 1.11
C LEU A 50 5.79 5.42 2.08
N SER A 51 4.99 6.38 1.61
CA SER A 51 4.67 7.54 2.43
C SER A 51 3.16 7.58 2.70
N GLN A 52 2.78 8.45 3.62
CA GLN A 52 1.37 8.59 3.98
C GLN A 52 0.61 9.30 2.86
N GLY A 53 -0.50 8.71 2.48
CA GLY A 53 -1.33 9.26 1.42
C GLY A 53 -1.15 8.49 0.11
N ASP A 54 -0.02 7.81 0.02
CA ASP A 54 0.29 7.03 -1.17
C ASP A 54 -0.98 6.31 -1.64
N LEU A 55 -1.02 6.03 -2.93
CA LEU A 55 -2.17 5.35 -3.51
C LEU A 55 -1.77 3.90 -3.85
N VAL A 56 -2.24 2.99 -3.01
CA VAL A 56 -1.93 1.58 -3.21
C VAL A 56 -2.82 1.03 -4.32
N VAL A 57 -2.18 0.35 -5.26
CA VAL A 57 -2.89 -0.24 -6.38
C VAL A 57 -2.97 -1.75 -6.21
N ALA A 58 -1.80 -2.36 -6.13
CA ALA A 58 -1.72 -3.81 -5.96
C ALA A 58 -0.72 -4.13 -4.84
N ILE A 59 -1.12 -5.07 -4.00
CA ILE A 59 -0.27 -5.48 -2.88
C ILE A 59 0.55 -6.71 -3.29
N ASP A 60 1.84 -6.49 -3.50
CA ASP A 60 2.73 -7.56 -3.90
C ASP A 60 2.38 -8.02 -5.31
N GLY A 61 1.46 -7.29 -5.92
CA GLY A 61 1.03 -7.60 -7.27
C GLY A 61 -0.46 -7.99 -7.30
N VAL A 62 -1.13 -7.71 -6.20
CA VAL A 62 -2.54 -8.01 -6.09
C VAL A 62 -3.33 -6.72 -5.91
N ASN A 63 -4.03 -6.34 -6.97
CA ASN A 63 -4.82 -5.13 -6.96
C ASN A 63 -5.58 -5.04 -5.62
N THR A 64 -5.81 -3.80 -5.20
CA THR A 64 -6.51 -3.57 -3.94
C THR A 64 -7.85 -2.90 -4.20
N ASP A 65 -7.91 -2.16 -5.30
CA ASP A 65 -9.13 -1.46 -5.68
C ASP A 65 -10.32 -2.39 -5.47
N THR A 66 -10.12 -3.66 -5.77
CA THR A 66 -11.16 -4.65 -5.62
C THR A 66 -11.27 -5.10 -4.16
N MET A 67 -10.11 -5.17 -3.51
CA MET A 67 -10.07 -5.58 -2.11
C MET A 67 -10.47 -4.43 -1.20
N THR A 68 -10.97 -4.79 -0.02
CA THR A 68 -11.39 -3.80 0.95
C THR A 68 -10.20 -3.40 1.85
N HIS A 69 -10.53 -2.75 2.96
CA HIS A 69 -9.52 -2.32 3.89
C HIS A 69 -8.90 -3.53 4.60
N LEU A 70 -9.77 -4.30 5.23
CA LEU A 70 -9.33 -5.49 5.94
C LEU A 70 -8.62 -6.43 4.96
N GLU A 71 -9.40 -6.92 4.00
CA GLU A 71 -8.87 -7.82 3.00
C GLU A 71 -7.45 -7.41 2.61
N ALA A 72 -7.33 -6.15 2.21
CA ALA A 72 -6.04 -5.62 1.80
C ALA A 72 -5.02 -5.83 2.93
N GLN A 73 -5.45 -5.50 4.13
CA GLN A 73 -4.60 -5.65 5.31
C GLN A 73 -4.14 -7.10 5.44
N ASN A 74 -5.09 -8.01 5.27
CA ASN A 74 -4.81 -9.43 5.38
C ASN A 74 -3.79 -9.81 4.31
N LYS A 75 -3.78 -9.06 3.22
CA LYS A 75 -2.85 -9.30 2.14
C LYS A 75 -1.44 -8.92 2.57
N ILE A 76 -1.38 -8.05 3.57
CA ILE A 76 -0.09 -7.59 4.08
C ILE A 76 0.51 -8.69 4.97
N LYS A 77 -0.29 -9.12 5.94
CA LYS A 77 0.16 -10.17 6.86
C LYS A 77 0.35 -11.47 6.09
N SER A 78 -0.36 -11.57 4.98
CA SER A 78 -0.27 -12.76 4.14
C SER A 78 1.19 -13.00 3.72
N ALA A 79 1.96 -11.92 3.72
CA ALA A 79 3.35 -12.01 3.34
C ALA A 79 4.13 -12.76 4.43
N SER A 80 5.21 -13.39 4.01
CA SER A 80 6.04 -14.15 4.93
C SER A 80 7.50 -13.73 4.78
N TYR A 81 8.04 -13.99 3.60
CA TYR A 81 9.43 -13.65 3.31
C TYR A 81 9.58 -12.14 3.09
N ASN A 82 8.78 -11.63 2.16
CA ASN A 82 8.82 -10.22 1.84
C ASN A 82 7.40 -9.72 1.58
N LEU A 83 7.21 -8.42 1.79
CA LEU A 83 5.91 -7.81 1.59
C LEU A 83 6.04 -6.66 0.59
N SER A 84 5.54 -6.90 -0.61
CA SER A 84 5.60 -5.89 -1.66
C SER A 84 4.25 -5.16 -1.76
N LEU A 85 4.34 -3.88 -2.08
CA LEU A 85 3.14 -3.06 -2.20
C LEU A 85 3.33 -2.06 -3.35
N THR A 86 2.42 -2.12 -4.30
CA THR A 86 2.47 -1.24 -5.46
C THR A 86 1.64 0.02 -5.20
N LEU A 87 2.32 1.15 -5.16
CA LEU A 87 1.66 2.42 -4.92
C LEU A 87 1.63 3.22 -6.22
N GLN A 88 0.91 4.34 -6.17
CA GLN A 88 0.78 5.20 -7.34
C GLN A 88 0.80 6.67 -6.91
N LYS A 89 1.48 7.48 -7.70
CA LYS A 89 1.58 8.89 -7.43
C LYS A 89 0.31 9.60 -7.92
N SER A 90 -0.38 10.22 -6.99
CA SER A 90 -1.61 10.94 -7.32
C SER A 90 -1.31 12.11 -8.24
N GLY A 1 -10.87 -1.00 -18.28
CA GLY A 1 -11.02 0.43 -18.44
C GLY A 1 -10.22 1.19 -17.39
N SER A 2 -9.33 2.05 -17.88
CA SER A 2 -8.49 2.84 -17.00
C SER A 2 -8.47 4.30 -17.46
N SER A 3 -8.82 5.19 -16.53
CA SER A 3 -8.85 6.60 -16.83
C SER A 3 -9.09 7.40 -15.54
N GLY A 4 -8.01 7.92 -14.99
CA GLY A 4 -8.10 8.70 -13.76
C GLY A 4 -7.02 9.78 -13.73
N SER A 5 -6.40 9.93 -12.56
CA SER A 5 -5.36 10.92 -12.39
C SER A 5 -4.13 10.27 -11.73
N SER A 6 -3.19 9.89 -12.56
CA SER A 6 -1.97 9.26 -12.08
C SER A 6 -0.80 10.23 -12.19
N GLY A 7 0.39 9.72 -11.89
CA GLY A 7 1.59 10.53 -11.95
C GLY A 7 2.85 9.66 -12.07
N MET A 8 2.86 8.61 -11.24
CA MET A 8 3.99 7.69 -11.23
C MET A 8 3.66 6.44 -10.42
N SER A 9 3.67 5.32 -11.12
CA SER A 9 3.37 4.04 -10.48
C SER A 9 4.67 3.39 -9.98
N TYR A 10 4.75 3.22 -8.67
CA TYR A 10 5.92 2.62 -8.06
C TYR A 10 5.52 1.50 -7.10
N SER A 11 6.53 0.86 -6.52
CA SER A 11 6.30 -0.22 -5.59
C SER A 11 7.27 -0.11 -4.42
N VAL A 12 6.95 -0.84 -3.35
CA VAL A 12 7.79 -0.83 -2.16
C VAL A 12 8.15 -2.28 -1.79
N THR A 13 9.34 -2.42 -1.22
CA THR A 13 9.82 -3.73 -0.82
C THR A 13 10.02 -3.78 0.69
N LEU A 14 9.02 -4.29 1.38
CA LEU A 14 9.07 -4.41 2.83
C LEU A 14 9.43 -5.84 3.20
N THR A 15 10.73 -6.07 3.37
CA THR A 15 11.22 -7.39 3.74
C THR A 15 10.75 -7.76 5.14
N GLY A 16 10.41 -9.03 5.31
CA GLY A 16 9.94 -9.52 6.59
C GLY A 16 11.03 -10.35 7.29
N PRO A 17 10.93 -10.40 8.64
CA PRO A 17 9.87 -9.71 9.35
C PRO A 17 10.13 -8.20 9.39
N GLY A 18 9.05 -7.44 9.30
CA GLY A 18 9.15 -5.99 9.32
C GLY A 18 9.70 -5.50 10.66
N PRO A 19 8.76 -5.18 11.58
CA PRO A 19 7.34 -5.31 11.29
C PRO A 19 6.87 -4.18 10.36
N TRP A 20 5.62 -4.29 9.94
CA TRP A 20 5.04 -3.28 9.07
C TRP A 20 4.39 -2.21 9.95
N GLY A 21 5.13 -1.13 10.14
CA GLY A 21 4.64 -0.02 10.95
C GLY A 21 3.89 0.99 10.10
N PHE A 22 2.96 0.47 9.30
CA PHE A 22 2.16 1.32 8.42
C PHE A 22 0.72 0.83 8.34
N ARG A 23 -0.20 1.78 8.27
CA ARG A 23 -1.60 1.45 8.18
C ARG A 23 -2.14 1.76 6.78
N LEU A 24 -3.32 1.24 6.50
CA LEU A 24 -3.94 1.46 5.20
C LEU A 24 -5.15 2.41 5.38
N GLN A 25 -5.60 2.93 4.26
CA GLN A 25 -6.73 3.86 4.27
C GLN A 25 -7.77 3.43 3.23
N GLY A 26 -8.90 4.11 3.26
CA GLY A 26 -9.98 3.81 2.33
C GLY A 26 -10.09 2.31 2.08
N GLY A 27 -10.44 1.98 0.85
CA GLY A 27 -10.58 0.58 0.47
C GLY A 27 -11.96 0.32 -0.17
N LYS A 28 -12.11 -0.88 -0.70
CA LYS A 28 -13.35 -1.26 -1.34
C LYS A 28 -14.51 -1.09 -0.34
N ASP A 29 -14.21 -1.35 0.92
CA ASP A 29 -15.21 -1.23 1.96
C ASP A 29 -15.60 0.24 2.11
N PHE A 30 -14.59 1.10 2.13
CA PHE A 30 -14.81 2.52 2.26
C PHE A 30 -15.00 3.18 0.89
N ASN A 31 -15.17 2.34 -0.11
CA ASN A 31 -15.36 2.82 -1.47
C ASN A 31 -14.31 3.89 -1.78
N MET A 32 -13.13 3.68 -1.23
CA MET A 32 -12.03 4.61 -1.45
C MET A 32 -10.76 3.88 -1.86
N PRO A 33 -9.79 4.67 -2.40
CA PRO A 33 -8.53 4.10 -2.84
C PRO A 33 -7.63 3.77 -1.64
N LEU A 34 -7.14 2.53 -1.64
CA LEU A 34 -6.28 2.07 -0.56
C LEU A 34 -5.03 2.95 -0.52
N THR A 35 -5.01 3.86 0.44
CA THR A 35 -3.89 4.76 0.61
C THR A 35 -3.17 4.48 1.93
N ILE A 36 -1.93 4.96 2.01
CA ILE A 36 -1.14 4.77 3.21
C ILE A 36 -1.71 5.64 4.34
N SER A 37 -2.52 5.02 5.17
CA SER A 37 -3.13 5.72 6.29
C SER A 37 -2.07 6.53 7.05
N ARG A 38 -1.22 5.79 7.77
CA ARG A 38 -0.17 6.43 8.54
C ARG A 38 1.07 5.53 8.57
N ILE A 39 2.19 6.13 8.95
CA ILE A 39 3.45 5.40 9.02
C ILE A 39 4.20 5.83 10.28
N THR A 40 4.86 4.85 10.89
CA THR A 40 5.63 5.11 12.10
C THR A 40 7.09 5.38 11.76
N PRO A 41 7.71 6.27 12.57
CA PRO A 41 9.10 6.65 12.36
C PRO A 41 10.04 5.52 12.82
N GLY A 42 10.98 5.19 11.96
CA GLY A 42 11.94 4.15 12.26
C GLY A 42 11.59 2.84 11.53
N SER A 43 10.30 2.50 11.60
CA SER A 43 9.81 1.30 10.96
C SER A 43 10.31 1.24 9.52
N LYS A 44 10.09 0.09 8.90
CA LYS A 44 10.50 -0.12 7.51
C LYS A 44 9.76 0.88 6.62
N ALA A 45 8.49 1.09 6.94
CA ALA A 45 7.67 2.01 6.17
C ALA A 45 8.35 3.38 6.11
N ALA A 46 9.13 3.66 7.14
CA ALA A 46 9.85 4.92 7.22
C ALA A 46 11.27 4.73 6.69
N GLN A 47 11.45 3.65 5.94
CA GLN A 47 12.75 3.35 5.36
C GLN A 47 12.59 2.82 3.94
N SER A 48 11.38 2.98 3.41
CA SER A 48 11.09 2.52 2.06
C SER A 48 10.58 3.70 1.22
N GLN A 49 9.52 3.43 0.48
CA GLN A 49 8.92 4.44 -0.37
C GLN A 49 7.49 4.74 0.07
N LEU A 50 7.07 4.07 1.14
CA LEU A 50 5.74 4.25 1.67
C LEU A 50 5.62 5.64 2.27
N SER A 51 4.58 6.35 1.84
CA SER A 51 4.34 7.70 2.32
C SER A 51 2.85 7.93 2.54
N GLN A 52 2.53 8.73 3.54
CA GLN A 52 1.14 9.03 3.86
C GLN A 52 0.47 9.73 2.68
N GLY A 53 -0.57 9.10 2.17
CA GLY A 53 -1.32 9.65 1.05
C GLY A 53 -1.16 8.77 -0.19
N ASP A 54 -0.03 8.08 -0.26
CA ASP A 54 0.26 7.21 -1.38
C ASP A 54 -1.02 6.47 -1.79
N LEU A 55 -1.06 6.08 -3.05
CA LEU A 55 -2.22 5.37 -3.57
C LEU A 55 -1.82 3.93 -3.90
N VAL A 56 -2.25 3.02 -3.04
CA VAL A 56 -1.94 1.61 -3.23
C VAL A 56 -2.86 1.03 -4.32
N VAL A 57 -2.24 0.32 -5.24
CA VAL A 57 -2.99 -0.29 -6.33
C VAL A 57 -3.04 -1.81 -6.14
N ALA A 58 -1.85 -2.40 -6.12
CA ALA A 58 -1.74 -3.84 -5.95
C ALA A 58 -0.72 -4.13 -4.85
N ILE A 59 -1.08 -5.09 -4.00
CA ILE A 59 -0.20 -5.47 -2.90
C ILE A 59 0.64 -6.68 -3.32
N ASP A 60 1.92 -6.42 -3.55
CA ASP A 60 2.84 -7.46 -3.97
C ASP A 60 2.48 -7.92 -5.38
N GLY A 61 1.53 -7.23 -5.97
CA GLY A 61 1.08 -7.55 -7.32
C GLY A 61 -0.39 -7.98 -7.31
N VAL A 62 -1.06 -7.72 -6.20
CA VAL A 62 -2.45 -8.06 -6.05
C VAL A 62 -3.27 -6.78 -5.86
N ASN A 63 -3.99 -6.41 -6.91
CA ASN A 63 -4.82 -5.22 -6.87
C ASN A 63 -5.51 -5.13 -5.51
N THR A 64 -5.88 -3.90 -5.14
CA THR A 64 -6.54 -3.67 -3.87
C THR A 64 -7.87 -2.94 -4.09
N ASP A 65 -8.16 -2.68 -5.35
CA ASP A 65 -9.39 -1.99 -5.71
C ASP A 65 -10.59 -2.87 -5.36
N THR A 66 -10.47 -4.15 -5.72
CA THR A 66 -11.52 -5.11 -5.45
C THR A 66 -11.43 -5.61 -4.00
N MET A 67 -10.28 -5.34 -3.39
CA MET A 67 -10.05 -5.76 -2.02
C MET A 67 -10.46 -4.66 -1.04
N THR A 68 -11.11 -5.08 0.04
CA THR A 68 -11.56 -4.15 1.06
C THR A 68 -10.40 -3.79 1.99
N HIS A 69 -10.61 -2.72 2.75
CA HIS A 69 -9.60 -2.26 3.70
C HIS A 69 -8.99 -3.46 4.43
N LEU A 70 -9.88 -4.30 4.96
CA LEU A 70 -9.45 -5.48 5.67
C LEU A 70 -8.68 -6.40 4.74
N GLU A 71 -9.36 -6.84 3.69
CA GLU A 71 -8.74 -7.72 2.71
C GLU A 71 -7.29 -7.30 2.46
N ALA A 72 -7.13 -6.05 2.07
CA ALA A 72 -5.80 -5.52 1.79
C ALA A 72 -4.91 -5.73 3.01
N GLN A 73 -5.47 -5.41 4.17
CA GLN A 73 -4.73 -5.56 5.42
C GLN A 73 -4.31 -7.01 5.62
N ASN A 74 -5.21 -7.91 5.25
CA ASN A 74 -4.94 -9.34 5.38
C ASN A 74 -3.73 -9.70 4.53
N LYS A 75 -3.59 -8.98 3.43
CA LYS A 75 -2.48 -9.22 2.51
C LYS A 75 -1.16 -8.98 3.25
N ILE A 76 -1.13 -7.90 4.00
CA ILE A 76 0.06 -7.54 4.76
C ILE A 76 0.52 -8.76 5.59
N LYS A 77 -0.42 -9.29 6.36
CA LYS A 77 -0.13 -10.44 7.19
C LYS A 77 0.24 -11.64 6.30
N SER A 78 -0.43 -11.72 5.17
CA SER A 78 -0.18 -12.79 4.22
C SER A 78 1.31 -12.91 3.95
N ALA A 79 1.91 -11.77 3.61
CA ALA A 79 3.33 -11.73 3.32
C ALA A 79 4.09 -12.56 4.36
N SER A 80 5.23 -13.08 3.95
CA SER A 80 6.05 -13.88 4.84
C SER A 80 7.53 -13.49 4.70
N TYR A 81 8.01 -13.55 3.45
CA TYR A 81 9.38 -13.20 3.18
C TYR A 81 9.53 -11.69 2.90
N ASN A 82 8.74 -11.22 1.95
CA ASN A 82 8.76 -9.82 1.59
C ASN A 82 7.33 -9.31 1.43
N LEU A 83 7.14 -8.04 1.79
CA LEU A 83 5.82 -7.43 1.69
C LEU A 83 5.87 -6.33 0.63
N SER A 84 5.68 -6.75 -0.62
CA SER A 84 5.69 -5.80 -1.73
C SER A 84 4.34 -5.10 -1.83
N LEU A 85 4.40 -3.82 -2.18
CA LEU A 85 3.19 -3.03 -2.31
C LEU A 85 3.36 -2.05 -3.47
N THR A 86 2.39 -2.09 -4.38
CA THR A 86 2.41 -1.22 -5.54
C THR A 86 1.56 0.03 -5.29
N LEU A 87 2.24 1.18 -5.28
CA LEU A 87 1.56 2.44 -5.06
C LEU A 87 1.51 3.23 -6.37
N GLN A 88 0.78 4.33 -6.33
CA GLN A 88 0.63 5.18 -7.50
C GLN A 88 0.60 6.65 -7.10
N LYS A 89 1.45 7.43 -7.74
CA LYS A 89 1.53 8.85 -7.45
C LYS A 89 0.29 9.54 -8.00
N SER A 90 -0.56 10.00 -7.08
CA SER A 90 -1.79 10.68 -7.45
C SER A 90 -1.46 11.99 -8.17
#